data_3TVU
#
_entry.id   3TVU
#
_cell.length_a   246.985
_cell.length_b   123.176
_cell.length_c   146.157
_cell.angle_alpha   90.00
_cell.angle_beta   94.20
_cell.angle_gamma   90.00
#
_symmetry.space_group_name_H-M   'C 1 2 1'
#
loop_
_entity.id
_entity.type
_entity.pdbx_description
1 polymer 'Acetyl-CoA carboxylase'
2 non-polymer 4-({4-[(2-methylquinolin-6-yl)methyl]piperidin-1-yl}carbonyl)-2-phenylquinoline
3 water water
#
_entity_poly.entity_id   1
_entity_poly.type   'polypeptide(L)'
_entity_poly.pdbx_seq_one_letter_code
;MASGSMHLRPIATPYPVKEWLQPKRYKAHLMGTTYVYDFPELFRQASSSQWKNFSADVKLTDDFFISNELIEDENGELTE
VEREPGANAIGMVAFKITVKTPEYPRGRQFVVVANDITFKIGSFGPQEDEFFNKVTEYARKRGIPRIYLAANSGARIGMA
EEIVPLFQVAWNDAANPDKGFQYLYLTSEGMETLKKFDKENSVLTERTVINGEERFVIKTIIGSEDGLGVECLRGSGLIA
GATSRAYHDIFTITLVTCRSVGIGAYLVRLGQRAIQVEGQPIILTGASALNKVLGREVYTSNLQLGGTQIMYNNGVSHLT
AVDDLAGVEKIVEWMSYVPAKRNMPVPILETKDTWDRPVDFTPTNDETYDVRWMIEGRETESGFEYGLFDKGSFFETLSG
WAKGVVVGRARLGGIPLGVIGVETRTVENLIPADPANPNSAETLIQQAGQVWFPNSAFKTAQAINDFNNGEQLPMMILAN
WRGFSGGQRDMFNEVLKYGSFIVDALVDYKQPIIIYIPPTGELRGGSWVVVDPTINADQMEMYADVNARAGVLEPEGTVE
IKFRREKLLDTMNRLDDKYRELRSQLSNKSLAPEVHQQISKQLADRERELLPIYGQISLQFADLHDRSSRMVAKGVISKE
LEWTEARRFFFWRLRRRLNEEYLIKRLSHQVGEASRLEKIARIRSWYPASVDHEDDRQVATWIEENYKTLDDKLKGLKLE
SFAQDLAKKIRSDHDNAIDGLSEVIKMLSTDDKEKLLKTLKLEHHHHHH
;
_entity_poly.pdbx_strand_id   A,B,C
#
loop_
_chem_comp.id
_chem_comp.type
_chem_comp.name
_chem_comp.formula
B37 non-polymer 4-({4-[(2-methylquinolin-6-yl)methyl]piperidin-1-yl}carbonyl)-2-phenylquinoline 'C32 H29 N3 O'
#
# COMPACT_ATOMS: atom_id res chain seq x y z
N LEU A 8 -20.25 51.04 62.43
CA LEU A 8 -19.90 51.10 61.02
C LEU A 8 -18.87 52.19 60.70
N ARG A 9 -17.74 51.74 60.16
CA ARG A 9 -16.58 52.51 59.76
C ARG A 9 -15.96 51.77 58.52
N PRO A 10 -15.85 52.41 57.34
CA PRO A 10 -16.30 53.78 57.05
C PRO A 10 -17.78 53.84 56.64
N ILE A 11 -18.35 55.03 56.76
CA ILE A 11 -19.75 55.28 56.36
C ILE A 11 -19.76 55.70 54.88
N ALA A 12 -20.94 55.61 54.24
CA ALA A 12 -21.18 56.04 52.86
C ALA A 12 -20.29 55.40 51.77
N THR A 13 -20.06 54.09 51.87
CA THR A 13 -19.32 53.37 50.83
C THR A 13 -20.32 52.95 49.73
N PRO A 14 -19.89 52.82 48.44
CA PRO A 14 -20.87 52.45 47.38
C PRO A 14 -21.48 51.06 47.62
N TYR A 15 -20.69 50.15 48.18
CA TYR A 15 -21.10 48.79 48.49
C TYR A 15 -20.93 48.41 49.99
N PRO A 16 -21.53 47.32 50.50
CA PRO A 16 -21.39 47.01 51.94
C PRO A 16 -19.95 46.76 52.40
N VAL A 17 -19.64 47.22 53.63
CA VAL A 17 -18.34 47.10 54.27
C VAL A 17 -18.22 45.66 54.79
N LYS A 18 -17.50 44.79 54.03
CA LYS A 18 -17.28 43.37 54.35
C LYS A 18 -16.55 43.15 55.69
N GLU A 19 -15.67 44.10 56.07
CA GLU A 19 -14.92 44.07 57.34
C GLU A 19 -15.81 44.46 58.55
N TRP A 20 -17.01 44.98 58.28
CA TRP A 20 -18.00 45.30 59.30
C TRP A 20 -19.03 44.15 59.40
N LEU A 21 -19.52 43.64 58.24
CA LEU A 21 -20.46 42.52 58.13
C LEU A 21 -19.86 41.31 58.85
N GLN A 22 -18.56 41.04 58.61
CA GLN A 22 -17.80 40.00 59.27
C GLN A 22 -16.55 40.64 59.92
N PRO A 23 -16.60 41.06 61.22
CA PRO A 23 -15.41 41.67 61.86
C PRO A 23 -14.14 40.81 61.89
N LYS A 24 -14.28 39.50 61.70
CA LYS A 24 -13.18 38.55 61.64
C LYS A 24 -12.33 38.81 60.42
N ARG A 25 -12.94 39.32 59.32
CA ARG A 25 -12.24 39.72 58.11
C ARG A 25 -11.24 40.83 58.44
N TYR A 26 -11.69 41.82 59.22
CA TYR A 26 -10.86 42.93 59.65
C TYR A 26 -9.69 42.49 60.55
N LYS A 27 -9.96 41.52 61.45
CA LYS A 27 -8.98 40.95 62.36
C LYS A 27 -7.85 40.24 61.60
N ALA A 28 -8.20 39.44 60.58
CA ALA A 28 -7.24 38.76 59.71
C ALA A 28 -6.39 39.80 58.93
N HIS A 29 -7.02 40.90 58.46
CA HIS A 29 -6.33 41.98 57.77
C HIS A 29 -5.35 42.70 58.68
N LEU A 30 -5.76 42.98 59.94
CA LEU A 30 -4.90 43.61 60.96
C LEU A 30 -3.67 42.75 61.25
N MET A 31 -3.77 41.43 61.07
CA MET A 31 -2.67 40.46 61.24
C MET A 31 -1.83 40.27 59.98
N GLY A 32 -2.12 41.06 58.95
CA GLY A 32 -1.39 41.07 57.68
C GLY A 32 -1.62 39.84 56.83
N THR A 33 -2.85 39.29 56.86
CA THR A 33 -3.20 38.12 56.05
C THR A 33 -4.61 38.20 55.45
N THR A 34 -4.88 37.32 54.46
CA THR A 34 -6.19 37.20 53.83
C THR A 34 -7.10 36.49 54.83
N TYR A 35 -8.34 36.94 54.93
CA TYR A 35 -9.32 36.25 55.73
C TYR A 35 -9.61 34.88 55.06
N VAL A 36 -9.60 33.79 55.85
CA VAL A 36 -9.81 32.42 55.37
C VAL A 36 -10.88 32.23 54.29
N TYR A 37 -12.06 32.79 54.53
CA TYR A 37 -13.20 32.67 53.63
C TYR A 37 -13.08 33.44 52.32
N ASP A 38 -12.06 34.31 52.21
CA ASP A 38 -11.72 35.09 51.00
C ASP A 38 -10.67 34.37 50.14
N PHE A 39 -10.06 33.28 50.63
CA PHE A 39 -9.07 32.52 49.85
C PHE A 39 -9.67 31.83 48.61
N PRO A 40 -10.85 31.16 48.66
CA PRO A 40 -11.43 30.61 47.42
C PRO A 40 -11.54 31.63 46.28
N GLU A 41 -11.84 32.91 46.59
CA GLU A 41 -11.91 34.02 45.61
C GLU A 41 -10.55 34.31 44.96
N LEU A 42 -9.43 34.17 45.73
CA LEU A 42 -8.06 34.33 45.24
C LEU A 42 -7.73 33.21 44.24
N PHE A 43 -8.21 31.98 44.51
CA PHE A 43 -8.09 30.81 43.64
C PHE A 43 -8.89 31.00 42.34
N ARG A 44 -10.08 31.62 42.42
CA ARG A 44 -10.91 31.94 41.26
C ARG A 44 -10.19 32.99 40.37
N GLN A 45 -9.68 34.07 40.99
CA GLN A 45 -8.90 35.12 40.33
C GLN A 45 -7.67 34.54 39.61
N ALA A 46 -6.90 33.67 40.31
CA ALA A 46 -5.69 33.02 39.79
C ALA A 46 -5.98 32.06 38.63
N SER A 47 -7.11 31.34 38.70
CA SER A 47 -7.56 30.39 37.68
C SER A 47 -8.07 31.17 36.44
N SER A 48 -8.72 32.32 36.65
CA SER A 48 -9.17 33.18 35.56
C SER A 48 -7.95 33.73 34.80
N SER A 49 -6.87 34.12 35.54
CA SER A 49 -5.59 34.59 34.99
C SER A 49 -4.88 33.51 34.16
N GLN A 50 -4.97 32.23 34.59
CA GLN A 50 -4.39 31.06 33.91
C GLN A 50 -4.95 30.99 32.50
N TRP A 51 -6.29 31.12 32.36
CA TRP A 51 -7.00 31.11 31.09
C TRP A 51 -6.60 32.29 30.20
N LYS A 52 -6.45 33.49 30.79
CA LYS A 52 -6.07 34.72 30.09
C LYS A 52 -4.68 34.63 29.49
N ASN A 53 -3.73 34.04 30.23
CA ASN A 53 -2.35 33.83 29.78
C ASN A 53 -2.28 32.74 28.71
N PHE A 54 -3.13 31.71 28.83
CA PHE A 54 -3.22 30.60 27.86
C PHE A 54 -3.86 31.04 26.53
N SER A 55 -5.11 31.52 26.55
CA SER A 55 -5.85 31.94 25.38
C SER A 55 -6.65 33.17 25.76
N ALA A 56 -6.11 34.36 25.44
CA ALA A 56 -6.70 35.67 25.76
C ALA A 56 -8.18 35.82 25.40
N ASP A 57 -8.62 35.17 24.31
CA ASP A 57 -10.00 35.26 23.82
C ASP A 57 -11.04 34.35 24.48
N VAL A 58 -10.65 33.42 25.38
CA VAL A 58 -11.60 32.54 26.08
C VAL A 58 -12.59 33.31 26.93
N LYS A 59 -13.86 32.88 26.85
CA LYS A 59 -14.97 33.49 27.56
C LYS A 59 -15.28 32.62 28.75
N LEU A 60 -14.91 33.10 29.95
CA LEU A 60 -15.20 32.32 31.17
C LEU A 60 -16.48 32.80 31.81
N THR A 61 -17.25 31.84 32.32
CA THR A 61 -18.45 32.08 33.10
C THR A 61 -18.15 31.57 34.50
N ASP A 62 -18.90 32.02 35.52
CA ASP A 62 -18.68 31.62 36.92
C ASP A 62 -18.75 30.12 37.22
N ASP A 63 -19.36 29.32 36.33
CA ASP A 63 -19.45 27.86 36.48
C ASP A 63 -18.13 27.12 36.15
N PHE A 64 -17.08 27.86 35.72
CA PHE A 64 -15.74 27.32 35.44
C PHE A 64 -15.05 26.99 36.78
N PHE A 65 -15.48 27.66 37.88
CA PHE A 65 -14.89 27.52 39.20
C PHE A 65 -16.00 27.33 40.27
N ILE A 66 -15.86 26.30 41.10
CA ILE A 66 -16.80 25.99 42.19
C ILE A 66 -15.98 25.73 43.47
N SER A 67 -16.34 26.40 44.57
CA SER A 67 -15.72 26.18 45.87
C SER A 67 -16.83 25.80 46.83
N ASN A 68 -16.71 24.64 47.47
CA ASN A 68 -17.70 24.18 48.43
C ASN A 68 -17.01 23.91 49.73
N GLU A 69 -17.42 24.62 50.80
CA GLU A 69 -16.83 24.40 52.12
C GLU A 69 -17.13 22.96 52.59
N LEU A 70 -16.12 22.32 53.20
CA LEU A 70 -16.27 21.00 53.79
C LEU A 70 -16.33 21.13 55.31
N ILE A 71 -17.36 20.56 55.92
CA ILE A 71 -17.49 20.51 57.38
C ILE A 71 -17.80 19.09 57.78
N GLU A 72 -17.62 18.77 59.05
CA GLU A 72 -18.00 17.44 59.54
C GLU A 72 -19.46 17.40 59.95
N ASP A 73 -20.17 16.35 59.53
CA ASP A 73 -21.57 16.13 59.94
C ASP A 73 -21.59 15.53 61.37
N GLU A 74 -22.80 15.16 61.88
CA GLU A 74 -23.05 14.57 63.22
C GLU A 74 -22.15 13.35 63.52
N ASN A 75 -21.91 12.52 62.50
CA ASN A 75 -21.09 11.29 62.53
C ASN A 75 -19.59 11.52 62.28
N GLY A 76 -19.18 12.80 62.15
CA GLY A 76 -17.80 13.18 61.89
C GLY A 76 -17.38 13.00 60.45
N GLU A 77 -18.34 12.76 59.55
CA GLU A 77 -18.05 12.59 58.12
C GLU A 77 -18.09 13.93 57.40
N LEU A 78 -17.14 14.16 56.50
CA LEU A 78 -17.06 15.41 55.75
C LEU A 78 -18.21 15.55 54.75
N THR A 79 -18.87 16.70 54.77
CA THR A 79 -19.98 17.03 53.86
C THR A 79 -19.81 18.44 53.34
N GLU A 80 -20.33 18.70 52.14
CA GLU A 80 -20.28 20.03 51.53
C GLU A 80 -21.38 20.92 52.11
N VAL A 81 -21.05 22.19 52.40
CA VAL A 81 -21.97 23.19 52.94
C VAL A 81 -21.84 24.53 52.24
N GLU A 82 -22.92 25.29 52.28
CA GLU A 82 -23.05 26.65 51.78
C GLU A 82 -23.61 27.38 53.00
N ARG A 83 -22.71 28.07 53.68
CA ARG A 83 -23.05 28.83 54.88
C ARG A 83 -22.32 30.16 54.86
N GLU A 84 -22.71 31.09 55.71
CA GLU A 84 -22.11 32.41 55.78
C GLU A 84 -20.71 32.34 56.39
N PRO A 85 -19.73 33.10 55.87
CA PRO A 85 -18.37 33.06 56.44
C PRO A 85 -18.31 33.44 57.90
N GLY A 86 -17.41 32.81 58.65
CA GLY A 86 -17.23 33.11 60.07
C GLY A 86 -18.06 32.29 61.03
N ALA A 87 -18.83 31.31 60.52
CA ALA A 87 -19.67 30.46 61.38
C ALA A 87 -18.91 29.20 61.85
N ASN A 88 -17.60 29.10 61.50
CA ASN A 88 -16.77 27.97 61.88
C ASN A 88 -16.63 27.86 63.39
N ALA A 89 -16.99 26.69 63.94
CA ALA A 89 -16.91 26.42 65.38
C ALA A 89 -15.50 25.91 65.77
N ILE A 90 -14.63 25.63 64.78
CA ILE A 90 -13.23 25.23 64.98
C ILE A 90 -12.31 26.19 64.20
N GLY A 91 -11.02 26.22 64.56
CA GLY A 91 -10.02 27.08 63.92
C GLY A 91 -9.36 26.55 62.67
N MET A 92 -9.97 25.52 62.06
CA MET A 92 -9.49 24.88 60.84
C MET A 92 -10.66 24.81 59.89
N VAL A 93 -10.45 25.21 58.62
CA VAL A 93 -11.49 25.27 57.57
C VAL A 93 -10.97 24.59 56.30
N ALA A 94 -11.89 24.07 55.47
CA ALA A 94 -11.53 23.40 54.22
C ALA A 94 -12.56 23.63 53.14
N PHE A 95 -12.09 23.60 51.90
CA PHE A 95 -12.90 23.81 50.70
C PHE A 95 -12.57 22.78 49.67
N LYS A 96 -13.58 22.23 48.99
CA LYS A 96 -13.35 21.34 47.85
C LYS A 96 -13.51 22.23 46.62
N ILE A 97 -12.44 22.35 45.83
CA ILE A 97 -12.46 23.18 44.62
C ILE A 97 -12.55 22.34 43.33
N THR A 98 -13.51 22.70 42.45
CA THR A 98 -13.71 22.08 41.13
C THR A 98 -13.51 23.20 40.15
N VAL A 99 -12.46 23.10 39.35
CA VAL A 99 -12.06 24.15 38.41
C VAL A 99 -11.71 23.62 37.02
N LYS A 100 -12.23 24.29 35.98
CA LYS A 100 -11.91 24.01 34.58
C LYS A 100 -10.63 24.81 34.28
N THR A 101 -9.54 24.12 33.95
CA THR A 101 -8.24 24.79 33.69
C THR A 101 -7.81 24.55 32.23
N PRO A 102 -6.83 25.29 31.65
CA PRO A 102 -6.39 24.96 30.28
C PRO A 102 -5.95 23.50 30.09
N GLU A 103 -5.36 22.87 31.10
CA GLU A 103 -4.92 21.45 31.05
C GLU A 103 -6.05 20.46 31.33
N TYR A 104 -7.10 20.90 32.07
CA TYR A 104 -8.30 20.12 32.40
C TYR A 104 -9.55 20.97 32.13
N PRO A 105 -9.87 21.23 30.83
CA PRO A 105 -11.04 22.09 30.51
C PRO A 105 -12.41 21.60 30.96
N ARG A 106 -12.53 20.31 31.28
CA ARG A 106 -13.77 19.71 31.76
C ARG A 106 -13.78 19.68 33.29
N GLY A 107 -12.65 20.06 33.91
CA GLY A 107 -12.52 20.17 35.36
C GLY A 107 -11.50 19.28 36.04
N ARG A 108 -10.91 19.79 37.13
CA ARG A 108 -9.99 19.12 38.05
C ARG A 108 -10.39 19.56 39.46
N GLN A 109 -10.14 18.69 40.45
CA GLN A 109 -10.48 18.95 41.83
C GLN A 109 -9.28 18.87 42.75
N PHE A 110 -9.38 19.57 43.88
CA PHE A 110 -8.40 19.62 44.94
C PHE A 110 -9.03 20.13 46.22
N VAL A 111 -8.37 19.89 47.36
CA VAL A 111 -8.86 20.41 48.62
C VAL A 111 -7.92 21.52 49.11
N VAL A 112 -8.52 22.53 49.71
CA VAL A 112 -7.76 23.61 50.35
C VAL A 112 -8.08 23.52 51.85
N VAL A 113 -7.08 23.27 52.73
CA VAL A 113 -7.19 23.23 54.21
C VAL A 113 -6.50 24.49 54.69
N ALA A 114 -7.04 25.13 55.72
CA ALA A 114 -6.44 26.36 56.19
C ALA A 114 -6.74 26.61 57.63
N ASN A 115 -5.79 27.17 58.35
CA ASN A 115 -6.01 27.62 59.72
C ASN A 115 -6.81 28.90 59.64
N ASP A 116 -7.62 29.19 60.67
CA ASP A 116 -8.31 30.47 60.74
C ASP A 116 -7.54 31.27 61.80
N ILE A 117 -6.70 32.21 61.38
CA ILE A 117 -5.89 33.06 62.27
C ILE A 117 -6.74 33.87 63.27
N THR A 118 -8.02 34.10 62.95
CA THR A 118 -8.96 34.86 63.81
C THR A 118 -9.55 33.99 64.92
N PHE A 119 -9.47 32.65 64.76
CA PHE A 119 -10.00 31.69 65.74
C PHE A 119 -8.88 31.26 66.68
N LYS A 120 -8.89 31.81 67.92
CA LYS A 120 -7.88 31.52 68.96
C LYS A 120 -6.45 31.56 68.39
N ILE A 121 -6.14 32.64 67.65
CA ILE A 121 -4.84 32.93 67.01
C ILE A 121 -4.30 31.83 66.04
N GLY A 122 -5.20 31.03 65.46
CA GLY A 122 -4.84 29.97 64.54
C GLY A 122 -4.15 28.80 65.23
N SER A 123 -4.32 28.70 66.55
CA SER A 123 -3.74 27.63 67.36
C SER A 123 -4.37 26.28 67.00
N PHE A 124 -3.57 25.22 67.12
CA PHE A 124 -4.04 23.89 66.81
C PHE A 124 -4.45 23.18 68.11
N GLY A 125 -5.75 22.99 68.28
CA GLY A 125 -6.30 22.24 69.40
C GLY A 125 -6.63 20.86 68.87
N PRO A 126 -7.11 19.91 69.72
CA PRO A 126 -7.43 18.55 69.24
C PRO A 126 -8.44 18.45 68.10
N GLN A 127 -9.44 19.35 68.10
CA GLN A 127 -10.51 19.42 67.07
C GLN A 127 -10.02 19.90 65.73
N GLU A 128 -9.06 20.85 65.74
CA GLU A 128 -8.44 21.38 64.51
C GLU A 128 -7.53 20.32 63.91
N ASP A 129 -6.88 19.52 64.78
CA ASP A 129 -5.97 18.45 64.35
C ASP A 129 -6.77 17.31 63.72
N GLU A 130 -7.85 16.90 64.37
CA GLU A 130 -8.70 15.84 63.87
C GLU A 130 -9.39 16.19 62.53
N PHE A 131 -9.79 17.45 62.35
CA PHE A 131 -10.38 17.93 61.10
C PHE A 131 -9.32 17.97 59.97
N PHE A 132 -8.11 18.50 60.25
CA PHE A 132 -7.01 18.56 59.27
C PHE A 132 -6.63 17.12 58.81
N ASN A 133 -6.63 16.15 59.74
CA ASN A 133 -6.34 14.74 59.44
C ASN A 133 -7.46 14.13 58.56
N LYS A 134 -8.73 14.39 58.91
CA LYS A 134 -9.91 13.93 58.18
C LYS A 134 -9.89 14.48 56.72
N VAL A 135 -9.49 15.74 56.53
CA VAL A 135 -9.36 16.42 55.23
C VAL A 135 -8.21 15.82 54.41
N THR A 136 -7.08 15.52 55.07
CA THR A 136 -5.91 14.87 54.44
C THR A 136 -6.31 13.48 53.90
N GLU A 137 -7.02 12.69 54.72
CA GLU A 137 -7.48 11.35 54.36
C GLU A 137 -8.51 11.36 53.22
N TYR A 138 -9.38 12.37 53.22
CA TYR A 138 -10.41 12.62 52.22
C TYR A 138 -9.73 12.83 50.83
N ALA A 139 -8.70 13.68 50.79
CA ALA A 139 -7.93 13.96 49.57
C ALA A 139 -7.14 12.74 49.12
N ARG A 140 -6.49 12.02 50.07
CA ARG A 140 -5.70 10.81 49.81
C ARG A 140 -6.54 9.68 49.23
N LYS A 141 -7.73 9.42 49.81
CA LYS A 141 -8.68 8.40 49.33
C LYS A 141 -9.11 8.73 47.86
N ARG A 142 -9.31 10.00 47.55
CA ARG A 142 -9.72 10.46 46.21
C ARG A 142 -8.56 10.66 45.22
N GLY A 143 -7.33 10.68 45.72
CA GLY A 143 -6.11 10.90 44.93
C GLY A 143 -5.87 12.34 44.52
N ILE A 144 -6.68 13.27 45.04
CA ILE A 144 -6.64 14.69 44.68
C ILE A 144 -5.64 15.53 45.48
N PRO A 145 -5.07 16.62 44.88
CA PRO A 145 -4.12 17.45 45.64
C PRO A 145 -4.66 18.05 46.93
N ARG A 146 -3.77 18.23 47.92
CA ARG A 146 -4.08 18.86 49.21
C ARG A 146 -3.26 20.11 49.30
N ILE A 147 -3.92 21.27 49.31
CA ILE A 147 -3.28 22.58 49.45
C ILE A 147 -3.50 22.99 50.91
N TYR A 148 -2.43 23.34 51.62
CA TYR A 148 -2.54 23.82 52.99
C TYR A 148 -2.14 25.31 53.06
N LEU A 149 -3.01 26.13 53.65
CA LEU A 149 -2.73 27.57 53.85
C LEU A 149 -2.42 27.75 55.33
N ALA A 150 -1.15 27.96 55.64
CA ALA A 150 -0.59 28.04 56.99
C ALA A 150 -0.59 29.46 57.56
N ALA A 151 -1.40 29.69 58.61
CA ALA A 151 -1.56 30.98 59.32
C ALA A 151 -1.90 30.64 60.74
N ASN A 152 -0.87 30.38 61.56
CA ASN A 152 -1.09 29.83 62.90
C ASN A 152 -0.10 30.24 63.99
N SER A 153 -0.38 29.78 65.20
CA SER A 153 0.39 29.99 66.42
C SER A 153 0.86 28.67 67.08
N GLY A 154 0.84 27.57 66.31
CA GLY A 154 1.22 26.26 66.79
C GLY A 154 0.18 25.64 67.70
N ALA A 155 0.58 24.60 68.47
CA ALA A 155 -0.30 23.89 69.42
C ALA A 155 -0.89 24.86 70.43
N ARG A 156 -2.19 24.68 70.72
CA ARG A 156 -2.93 25.47 71.70
C ARG A 156 -2.38 25.19 73.10
N ILE A 157 -2.23 26.25 73.90
CA ILE A 157 -1.71 26.21 75.26
C ILE A 157 -2.76 26.76 76.22
N GLY A 158 -2.93 26.08 77.34
CA GLY A 158 -3.88 26.46 78.38
C GLY A 158 -3.52 25.97 79.76
N MET A 159 -4.35 26.38 80.73
CA MET A 159 -4.28 26.02 82.14
C MET A 159 -5.71 25.78 82.61
N ALA A 160 -5.87 25.09 83.76
CA ALA A 160 -7.18 24.85 84.34
C ALA A 160 -7.58 26.14 85.06
N GLU A 161 -8.29 27.02 84.32
CA GLU A 161 -8.74 28.34 84.77
C GLU A 161 -9.72 28.32 85.96
N GLU A 162 -10.42 27.19 86.17
CA GLU A 162 -11.36 27.00 87.29
C GLU A 162 -10.64 26.77 88.62
N ILE A 163 -9.36 26.31 88.59
CA ILE A 163 -8.56 26.05 89.79
C ILE A 163 -7.85 27.32 90.27
N VAL A 164 -7.64 28.28 89.35
CA VAL A 164 -7.01 29.60 89.61
C VAL A 164 -7.68 30.33 90.79
N PRO A 165 -9.03 30.51 90.87
CA PRO A 165 -9.58 31.22 92.04
C PRO A 165 -9.82 30.33 93.27
N LEU A 166 -9.50 29.02 93.17
CA LEU A 166 -9.74 28.05 94.23
C LEU A 166 -8.53 27.62 95.07
N PHE A 167 -7.37 27.42 94.43
CA PHE A 167 -6.15 26.93 95.09
C PHE A 167 -5.68 27.77 96.26
N GLN A 168 -5.11 27.10 97.27
CA GLN A 168 -4.56 27.72 98.47
C GLN A 168 -3.09 27.34 98.56
N VAL A 169 -2.30 28.05 99.40
CA VAL A 169 -0.88 27.70 99.55
C VAL A 169 -0.49 27.37 100.98
N ALA A 170 0.23 26.25 101.16
CA ALA A 170 0.72 25.84 102.47
C ALA A 170 2.03 26.57 102.73
N TRP A 171 1.92 27.80 103.25
CA TRP A 171 3.05 28.66 103.60
C TRP A 171 3.88 28.01 104.69
N ASN A 172 5.22 28.16 104.59
CA ASN A 172 6.16 27.65 105.58
C ASN A 172 5.98 28.43 106.87
N ASP A 173 5.66 29.72 106.71
CA ASP A 173 5.39 30.71 107.74
C ASP A 173 4.31 31.63 107.14
N ALA A 174 3.06 31.52 107.64
CA ALA A 174 1.93 32.32 107.15
C ALA A 174 2.16 33.84 107.17
N ALA A 175 2.82 34.35 108.24
CA ALA A 175 3.14 35.78 108.42
C ALA A 175 4.20 36.29 107.43
N ASN A 176 5.15 35.40 107.02
CA ASN A 176 6.22 35.72 106.07
C ASN A 176 6.10 34.87 104.79
N PRO A 177 5.31 35.33 103.78
CA PRO A 177 5.15 34.56 102.53
C PRO A 177 6.47 34.30 101.79
N ASP A 178 7.41 35.28 101.85
CA ASP A 178 8.75 35.25 101.25
C ASP A 178 9.60 34.04 101.69
N LYS A 179 9.33 33.49 102.89
CA LYS A 179 10.04 32.35 103.46
C LYS A 179 9.80 31.01 102.74
N GLY A 180 8.81 30.98 101.84
CA GLY A 180 8.49 29.80 101.02
C GLY A 180 7.14 29.16 101.26
N PHE A 181 6.90 28.05 100.54
CA PHE A 181 5.67 27.23 100.61
C PHE A 181 5.97 25.75 100.39
N GLN A 182 5.14 24.87 100.98
CA GLN A 182 5.30 23.41 100.89
C GLN A 182 4.55 22.79 99.71
N TYR A 183 3.28 23.19 99.52
CA TYR A 183 2.41 22.67 98.47
C TYR A 183 1.24 23.61 98.21
N LEU A 184 0.45 23.27 97.18
CA LEU A 184 -0.79 23.94 96.80
C LEU A 184 -1.92 22.99 97.20
N TYR A 185 -3.04 23.53 97.70
CA TYR A 185 -4.16 22.71 98.15
C TYR A 185 -5.52 23.35 97.92
N LEU A 186 -6.59 22.58 98.13
CA LEU A 186 -7.97 23.02 98.06
C LEU A 186 -8.64 22.80 99.43
N THR A 187 -9.63 23.64 99.73
CA THR A 187 -10.41 23.51 100.97
C THR A 187 -11.66 22.69 100.65
N SER A 188 -12.46 22.35 101.67
CA SER A 188 -13.74 21.64 101.55
C SER A 188 -14.68 22.43 100.64
N GLU A 189 -14.69 23.78 100.78
CA GLU A 189 -15.49 24.71 99.97
C GLU A 189 -14.97 24.80 98.52
N GLY A 190 -13.66 24.62 98.31
CA GLY A 190 -13.02 24.56 97.00
C GLY A 190 -13.44 23.29 96.28
N MET A 191 -13.37 22.15 97.01
CA MET A 191 -13.80 20.83 96.56
C MET A 191 -15.30 20.82 96.23
N GLU A 192 -16.13 21.49 97.09
CA GLU A 192 -17.57 21.61 96.91
C GLU A 192 -17.92 22.42 95.65
N THR A 193 -17.19 23.54 95.40
CA THR A 193 -17.35 24.41 94.23
C THR A 193 -17.18 23.57 92.94
N LEU A 194 -16.16 22.67 92.94
CA LEU A 194 -15.83 21.74 91.86
C LEU A 194 -16.92 20.67 91.71
N LYS A 195 -17.40 20.11 92.84
CA LYS A 195 -18.48 19.12 92.90
C LYS A 195 -19.78 19.69 92.31
N LYS A 196 -20.11 20.96 92.66
CA LYS A 196 -21.27 21.73 92.21
C LYS A 196 -21.28 21.91 90.68
N PHE A 197 -20.19 22.42 90.09
CA PHE A 197 -20.10 22.65 88.64
C PHE A 197 -19.70 21.42 87.80
N ASP A 198 -19.72 20.22 88.43
CA ASP A 198 -19.39 18.90 87.86
C ASP A 198 -17.97 18.87 87.23
N LYS A 199 -17.00 19.44 87.97
CA LYS A 199 -15.60 19.54 87.57
C LYS A 199 -14.74 18.84 88.63
N GLU A 200 -15.28 17.75 89.23
CA GLU A 200 -14.64 16.92 90.26
C GLU A 200 -13.28 16.36 89.81
N ASN A 201 -13.20 15.92 88.53
CA ASN A 201 -11.97 15.35 87.97
C ASN A 201 -10.96 16.37 87.38
N SER A 202 -11.15 17.69 87.67
CA SER A 202 -10.24 18.77 87.26
C SER A 202 -8.90 18.70 87.98
N VAL A 203 -8.88 18.11 89.19
CA VAL A 203 -7.69 17.93 90.04
C VAL A 203 -7.66 16.52 90.63
N LEU A 204 -6.45 16.06 90.95
CA LEU A 204 -6.20 14.81 91.67
C LEU A 204 -5.66 15.27 93.01
N THR A 205 -6.36 14.90 94.09
CA THR A 205 -5.99 15.37 95.43
C THR A 205 -5.68 14.28 96.42
N GLU A 206 -5.01 14.65 97.50
CA GLU A 206 -4.66 13.77 98.60
C GLU A 206 -5.07 14.48 99.88
N ARG A 207 -6.16 13.99 100.51
CA ARG A 207 -6.70 14.57 101.75
C ARG A 207 -5.72 14.38 102.90
N THR A 208 -5.47 15.47 103.66
CA THR A 208 -4.61 15.54 104.86
C THR A 208 -5.28 16.46 105.87
N VAL A 209 -4.90 16.36 107.15
CA VAL A 209 -5.42 17.22 108.21
C VAL A 209 -4.24 17.90 108.90
N ILE A 210 -4.20 19.24 108.83
CA ILE A 210 -3.14 20.07 109.40
C ILE A 210 -3.76 21.10 110.34
N ASN A 211 -3.44 20.97 111.64
CA ASN A 211 -3.94 21.80 112.74
C ASN A 211 -5.48 21.97 112.74
N GLY A 212 -6.17 20.81 112.73
CA GLY A 212 -7.63 20.74 112.75
C GLY A 212 -8.36 20.89 111.43
N GLU A 213 -7.72 21.55 110.43
CA GLU A 213 -8.36 21.76 109.12
C GLU A 213 -8.00 20.71 108.07
N GLU A 214 -9.01 20.21 107.34
CA GLU A 214 -8.79 19.25 106.26
C GLU A 214 -8.36 20.00 105.01
N ARG A 215 -7.17 19.64 104.49
CA ARG A 215 -6.58 20.24 103.28
C ARG A 215 -6.47 19.16 102.22
N PHE A 216 -6.93 19.47 101.00
CA PHE A 216 -6.91 18.56 99.85
C PHE A 216 -5.73 18.95 98.97
N VAL A 217 -4.57 18.31 99.21
CA VAL A 217 -3.30 18.56 98.52
C VAL A 217 -3.40 18.26 97.03
N ILE A 218 -3.14 19.28 96.19
CA ILE A 218 -3.17 19.12 94.73
C ILE A 218 -1.93 18.35 94.30
N LYS A 219 -2.15 17.17 93.71
CA LYS A 219 -1.09 16.26 93.26
C LYS A 219 -0.90 16.42 91.76
N THR A 220 -1.99 16.68 91.03
CA THR A 220 -2.01 16.93 89.58
C THR A 220 -3.20 17.82 89.23
N ILE A 221 -2.98 18.78 88.32
CA ILE A 221 -4.05 19.63 87.77
C ILE A 221 -4.34 19.05 86.37
N ILE A 222 -5.60 18.69 86.10
CA ILE A 222 -6.02 18.12 84.81
C ILE A 222 -6.80 19.15 83.98
N GLY A 223 -7.82 19.77 84.61
CA GLY A 223 -8.68 20.75 83.98
C GLY A 223 -9.87 20.12 83.27
N SER A 224 -11.00 20.85 83.26
CA SER A 224 -12.25 20.45 82.61
C SER A 224 -12.18 20.73 81.10
N GLU A 225 -11.50 21.81 80.72
CA GLU A 225 -11.36 22.23 79.33
C GLU A 225 -10.34 21.37 78.59
N ASP A 226 -10.72 20.92 77.39
CA ASP A 226 -9.87 20.13 76.53
C ASP A 226 -9.03 21.08 75.66
N GLY A 227 -7.79 20.69 75.40
CA GLY A 227 -6.90 21.47 74.55
C GLY A 227 -5.95 22.38 75.29
N LEU A 228 -5.41 21.90 76.42
CA LEU A 228 -4.50 22.63 77.30
C LEU A 228 -3.00 22.31 77.09
N GLY A 229 -2.67 21.03 76.89
CA GLY A 229 -1.28 20.62 76.75
C GLY A 229 -1.03 19.40 75.90
N VAL A 230 -0.62 18.28 76.54
CA VAL A 230 -0.25 17.01 75.89
C VAL A 230 -1.21 16.50 74.80
N GLU A 231 -2.54 16.70 74.99
CA GLU A 231 -3.58 16.32 74.00
C GLU A 231 -3.43 17.08 72.68
N CYS A 232 -2.86 18.29 72.74
CA CYS A 232 -2.58 19.12 71.55
C CYS A 232 -1.29 18.63 70.91
N LEU A 233 -0.39 18.07 71.71
CA LEU A 233 0.88 17.53 71.20
C LEU A 233 0.60 16.19 70.49
N ARG A 234 -0.36 15.38 71.02
CA ARG A 234 -0.81 14.14 70.37
C ARG A 234 -1.42 14.47 68.99
N GLY A 235 -2.32 15.44 68.93
CA GLY A 235 -2.95 15.85 67.70
C GLY A 235 -1.96 16.39 66.67
N SER A 236 -0.91 17.08 67.14
CA SER A 236 0.19 17.59 66.32
C SER A 236 0.98 16.43 65.68
N GLY A 237 1.27 15.37 66.46
CA GLY A 237 1.96 14.17 65.97
C GLY A 237 1.16 13.46 64.90
N LEU A 238 -0.14 13.31 65.13
CA LEU A 238 -1.11 12.71 64.21
C LEU A 238 -1.09 13.38 62.84
N ILE A 239 -1.14 14.70 62.81
CA ILE A 239 -1.13 15.47 61.55
C ILE A 239 0.24 15.56 60.89
N ALA A 240 1.32 15.48 61.69
CA ALA A 240 2.71 15.40 61.18
C ALA A 240 2.88 14.05 60.40
N GLY A 241 2.45 12.93 60.98
CA GLY A 241 2.49 11.62 60.33
C GLY A 241 1.59 11.53 59.11
N ALA A 242 0.41 12.17 59.19
CA ALA A 242 -0.59 12.21 58.12
C ALA A 242 -0.04 12.90 56.88
N THR A 243 0.73 14.02 57.08
CA THR A 243 1.35 14.84 56.06
C THR A 243 2.54 14.12 55.45
N SER A 244 3.36 13.47 56.29
CA SER A 244 4.46 12.59 55.86
C SER A 244 3.94 11.56 54.83
N ARG A 245 2.78 10.91 55.15
CA ARG A 245 2.11 9.92 54.30
C ARG A 245 1.54 10.51 53.03
N ALA A 246 0.88 11.67 53.15
CA ALA A 246 0.24 12.37 52.04
C ALA A 246 1.25 12.74 50.95
N TYR A 247 2.47 13.19 51.34
CA TYR A 247 3.54 13.55 50.40
C TYR A 247 3.90 12.40 49.42
N HIS A 248 3.83 11.15 49.87
CA HIS A 248 4.16 9.98 49.04
C HIS A 248 3.00 9.51 48.19
N ASP A 249 1.82 10.11 48.39
CA ASP A 249 0.56 9.66 47.86
C ASP A 249 -0.17 10.61 46.93
N ILE A 250 -0.23 11.89 47.30
CA ILE A 250 -0.95 12.91 46.54
C ILE A 250 -0.04 14.12 46.39
N PHE A 251 -0.39 15.05 45.52
CA PHE A 251 0.36 16.29 45.38
C PHE A 251 0.06 17.17 46.63
N THR A 252 1.09 17.48 47.41
CA THR A 252 1.00 18.33 48.61
C THR A 252 1.77 19.66 48.39
N ILE A 253 1.15 20.76 48.82
CA ILE A 253 1.73 22.09 48.75
C ILE A 253 1.21 22.94 49.91
N THR A 254 2.05 23.87 50.39
CA THR A 254 1.72 24.78 51.50
C THR A 254 2.05 26.21 51.13
N LEU A 255 1.13 27.15 51.42
CA LEU A 255 1.35 28.57 51.31
C LEU A 255 1.45 29.12 52.75
N VAL A 256 2.59 29.75 53.09
CA VAL A 256 2.79 30.36 54.41
C VAL A 256 2.30 31.80 54.25
N THR A 257 1.09 32.05 54.77
CA THR A 257 0.28 33.24 54.56
C THR A 257 0.26 34.29 55.67
N CYS A 258 0.65 33.90 56.87
CA CYS A 258 0.83 34.68 58.11
C CYS A 258 1.90 33.75 58.77
N ARG A 259 2.35 34.02 59.98
CA ARG A 259 3.29 33.10 60.62
C ARG A 259 2.83 31.60 60.62
N SER A 260 3.79 30.66 60.71
CA SER A 260 3.58 29.22 60.88
C SER A 260 4.55 28.81 61.99
N VAL A 261 3.98 28.44 63.15
CA VAL A 261 4.74 28.15 64.37
C VAL A 261 4.63 26.67 64.80
N GLY A 262 5.76 26.12 65.26
CA GLY A 262 5.84 24.78 65.82
C GLY A 262 5.38 23.69 64.89
N ILE A 263 4.24 23.03 65.24
CA ILE A 263 3.63 22.04 64.35
C ILE A 263 3.40 22.68 62.95
N GLY A 264 3.04 23.97 62.90
CA GLY A 264 2.85 24.73 61.69
C GLY A 264 4.10 24.75 60.82
N ALA A 265 5.28 24.91 61.43
CA ALA A 265 6.58 24.89 60.74
C ALA A 265 6.90 23.48 60.24
N TYR A 266 6.57 22.44 61.04
CA TYR A 266 6.74 21.05 60.66
C TYR A 266 5.85 20.61 59.51
N LEU A 267 4.61 21.14 59.46
CA LEU A 267 3.68 20.84 58.37
C LEU A 267 4.17 21.41 57.06
N VAL A 268 4.78 22.60 57.11
CA VAL A 268 5.34 23.26 55.92
C VAL A 268 6.36 22.31 55.24
N ARG A 269 7.32 21.84 56.05
CA ARG A 269 8.38 20.94 55.65
C ARG A 269 7.87 19.53 55.26
N LEU A 270 6.95 18.91 56.04
CA LEU A 270 6.39 17.56 55.78
C LEU A 270 5.64 17.40 54.45
N GLY A 271 4.97 18.47 54.03
CA GLY A 271 4.27 18.51 52.74
C GLY A 271 5.24 18.83 51.62
N GLN A 272 6.50 19.18 51.99
CA GLN A 272 7.66 19.45 51.11
C GLN A 272 7.61 20.72 50.30
N ARG A 273 6.71 20.77 49.31
CA ARG A 273 6.48 21.90 48.41
C ARG A 273 5.89 23.07 49.23
N ALA A 274 6.63 24.19 49.30
CA ALA A 274 6.27 25.36 50.12
C ALA A 274 6.58 26.67 49.43
N ILE A 275 5.61 27.61 49.51
CA ILE A 275 5.69 28.98 49.00
C ILE A 275 5.52 29.87 50.22
N GLN A 276 6.50 30.74 50.46
CA GLN A 276 6.47 31.61 51.63
C GLN A 276 6.19 33.05 51.22
N VAL A 277 5.15 33.68 51.78
CA VAL A 277 4.85 35.08 51.51
C VAL A 277 5.91 35.87 52.29
N GLU A 278 6.54 36.87 51.65
CA GLU A 278 7.57 37.72 52.24
C GLU A 278 7.09 38.36 53.55
N GLY A 279 7.94 38.32 54.58
CA GLY A 279 7.63 38.90 55.88
C GLY A 279 6.79 38.01 56.78
N GLN A 280 6.49 36.75 56.34
CA GLN A 280 5.69 35.76 57.11
C GLN A 280 6.61 34.63 57.61
N PRO A 281 6.93 34.61 58.92
CA PRO A 281 7.94 33.63 59.40
C PRO A 281 7.50 32.19 59.65
N ILE A 282 8.42 31.25 59.41
CA ILE A 282 8.29 29.82 59.68
C ILE A 282 9.25 29.59 60.87
N ILE A 283 8.70 29.50 62.09
CA ILE A 283 9.50 29.37 63.31
C ILE A 283 9.13 28.18 64.21
N LEU A 284 10.05 27.83 65.11
CA LEU A 284 9.83 26.83 66.16
C LEU A 284 9.65 27.71 67.40
N THR A 285 10.62 27.79 68.33
CA THR A 285 10.52 28.70 69.48
C THR A 285 10.85 30.11 68.94
N GLY A 286 10.09 31.12 69.38
CA GLY A 286 10.27 32.51 68.96
C GLY A 286 11.46 33.21 69.59
N ALA A 287 11.86 34.34 69.00
CA ALA A 287 13.01 35.16 69.42
C ALA A 287 13.01 35.57 70.88
N SER A 288 11.88 36.12 71.39
CA SER A 288 11.82 36.54 72.79
C SER A 288 11.88 35.38 73.79
N ALA A 289 11.28 34.21 73.43
CA ALA A 289 11.36 33.00 74.28
C ALA A 289 12.79 32.48 74.29
N LEU A 290 13.44 32.43 73.10
CA LEU A 290 14.85 32.03 72.96
C LEU A 290 15.77 32.91 73.79
N ASN A 291 15.54 34.24 73.77
CA ASN A 291 16.27 35.26 74.53
C ASN A 291 16.17 35.04 76.03
N LYS A 292 14.97 34.70 76.52
CA LYS A 292 14.73 34.38 77.92
C LYS A 292 15.55 33.15 78.34
N VAL A 293 15.54 32.06 77.53
CA VAL A 293 16.31 30.84 77.79
C VAL A 293 17.84 31.13 77.77
N LEU A 294 18.30 31.94 76.82
CA LEU A 294 19.72 32.30 76.63
C LEU A 294 20.24 33.35 77.65
N GLY A 295 19.30 34.01 78.37
CA GLY A 295 19.57 35.03 79.38
C GLY A 295 20.29 36.25 78.84
N ARG A 296 20.08 36.56 77.55
CA ARG A 296 20.71 37.64 76.80
C ARG A 296 19.81 37.99 75.60
N GLU A 297 19.79 39.27 75.19
CA GLU A 297 19.02 39.73 74.03
C GLU A 297 19.87 39.39 72.79
N VAL A 298 19.74 38.13 72.34
CA VAL A 298 20.49 37.55 71.22
C VAL A 298 19.83 37.82 69.88
N TYR A 299 18.52 37.58 69.77
CA TYR A 299 17.72 37.75 68.57
C TYR A 299 16.85 39.00 68.65
N THR A 300 16.66 39.64 67.50
CA THR A 300 15.86 40.86 67.40
C THR A 300 14.41 40.62 66.95
N SER A 301 14.18 39.59 66.11
CA SER A 301 12.84 39.32 65.58
C SER A 301 12.65 37.85 65.22
N ASN A 302 11.38 37.44 64.96
CA ASN A 302 11.03 36.10 64.49
C ASN A 302 11.44 35.93 63.03
N LEU A 303 11.44 37.05 62.25
CA LEU A 303 11.86 37.06 60.83
C LEU A 303 13.36 36.77 60.65
N GLN A 304 14.14 37.04 61.68
CA GLN A 304 15.56 36.74 61.75
C GLN A 304 15.76 35.22 61.82
N LEU A 305 14.82 34.51 62.48
CA LEU A 305 14.82 33.06 62.67
C LEU A 305 14.18 32.30 61.50
N GLY A 306 13.04 32.79 60.98
CA GLY A 306 12.34 32.09 59.92
C GLY A 306 11.79 32.87 58.76
N GLY A 307 12.39 34.03 58.46
CA GLY A 307 12.01 34.83 57.29
C GLY A 307 12.48 34.14 56.02
N THR A 308 12.10 34.66 54.85
CA THR A 308 12.47 34.08 53.53
C THR A 308 14.00 34.04 53.32
N GLN A 309 14.76 34.97 53.95
CA GLN A 309 16.21 35.04 53.87
C GLN A 309 16.89 33.87 54.59
N ILE A 310 16.09 33.07 55.33
CA ILE A 310 16.49 31.84 56.01
C ILE A 310 15.97 30.67 55.18
N MET A 311 14.63 30.59 55.01
CA MET A 311 13.89 29.49 54.41
C MET A 311 13.94 29.33 52.91
N TYR A 312 14.01 30.44 52.18
CA TYR A 312 14.14 30.40 50.72
C TYR A 312 15.60 30.06 50.42
N ASN A 313 16.57 30.65 51.18
CA ASN A 313 18.01 30.37 51.08
C ASN A 313 18.41 28.92 51.46
N ASN A 314 17.59 28.22 52.30
CA ASN A 314 17.67 26.85 52.85
C ASN A 314 17.16 25.80 51.93
N GLY A 315 16.16 26.19 51.15
CA GLY A 315 15.41 25.28 50.31
C GLY A 315 14.19 24.73 51.05
N VAL A 316 13.86 25.26 52.27
CA VAL A 316 12.64 24.85 53.01
C VAL A 316 11.46 25.44 52.21
N SER A 317 11.64 26.71 51.74
CA SER A 317 10.69 27.41 50.88
C SER A 317 11.22 27.26 49.46
N HIS A 318 10.41 26.64 48.62
CA HIS A 318 10.72 26.39 47.21
C HIS A 318 10.64 27.67 46.44
N LEU A 319 9.71 28.56 46.86
CA LEU A 319 9.45 29.86 46.25
C LEU A 319 9.04 30.86 47.29
N THR A 320 9.18 32.14 46.95
CA THR A 320 8.63 33.25 47.73
C THR A 320 7.51 33.88 46.93
N ALA A 321 6.67 34.65 47.62
CA ALA A 321 5.57 35.38 47.00
C ALA A 321 5.50 36.73 47.67
N VAL A 322 5.28 37.76 46.85
CA VAL A 322 5.20 39.13 47.31
C VAL A 322 3.95 39.38 48.17
N ASP A 323 2.87 38.60 47.91
CA ASP A 323 1.58 38.70 48.63
C ASP A 323 0.80 37.38 48.48
N ASP A 324 -0.35 37.25 49.20
CA ASP A 324 -1.18 36.04 49.18
C ASP A 324 -1.66 35.62 47.79
N LEU A 325 -2.11 36.56 46.94
CA LEU A 325 -2.55 36.25 45.58
C LEU A 325 -1.39 35.75 44.72
N ALA A 326 -0.19 36.38 44.82
CA ALA A 326 1.01 35.90 44.09
C ALA A 326 1.30 34.44 44.48
N GLY A 327 1.17 34.14 45.76
CA GLY A 327 1.32 32.79 46.32
C GLY A 327 0.32 31.79 45.76
N VAL A 328 -0.95 32.17 45.71
CA VAL A 328 -2.05 31.37 45.15
C VAL A 328 -1.81 31.10 43.65
N GLU A 329 -1.35 32.14 42.87
CA GLU A 329 -1.00 32.07 41.45
C GLU A 329 0.13 31.04 41.20
N LYS A 330 1.16 31.05 42.07
CA LYS A 330 2.27 30.11 42.03
C LYS A 330 1.82 28.67 42.33
N ILE A 331 0.81 28.48 43.24
CA ILE A 331 0.23 27.15 43.52
C ILE A 331 -0.42 26.61 42.21
N VAL A 332 -1.31 27.41 41.63
CA VAL A 332 -2.09 27.15 40.42
C VAL A 332 -1.17 26.83 39.20
N GLU A 333 -0.11 27.61 39.02
CA GLU A 333 0.91 27.44 37.98
C GLU A 333 1.69 26.11 38.20
N TRP A 334 2.04 25.80 39.45
CA TRP A 334 2.73 24.57 39.82
C TRP A 334 1.85 23.33 39.51
N MET A 335 0.56 23.41 39.87
CA MET A 335 -0.47 22.37 39.67
C MET A 335 -0.75 22.08 38.18
N SER A 336 -0.46 23.04 37.30
CA SER A 336 -0.71 22.92 35.86
C SER A 336 0.17 21.85 35.19
N TYR A 337 1.21 21.36 35.89
CA TYR A 337 2.13 20.32 35.39
C TYR A 337 1.79 18.96 35.97
N VAL A 338 0.88 18.94 36.94
CA VAL A 338 0.51 17.81 37.75
C VAL A 338 -0.82 17.15 37.33
N PRO A 339 -0.87 15.78 37.33
CA PRO A 339 -2.15 15.09 37.02
C PRO A 339 -3.32 15.53 37.90
N ALA A 340 -4.58 15.45 37.37
CA ALA A 340 -5.79 15.87 38.10
C ALA A 340 -5.96 15.08 39.41
N LYS A 341 -5.53 13.82 39.39
CA LYS A 341 -5.52 12.92 40.55
C LYS A 341 -4.47 11.84 40.40
N ARG A 342 -4.12 11.16 41.51
CA ARG A 342 -3.14 10.08 41.55
C ARG A 342 -3.38 9.05 40.44
N ASN A 343 -2.30 8.69 39.72
CA ASN A 343 -2.26 7.68 38.66
C ASN A 343 -2.94 8.03 37.36
N MET A 344 -3.42 9.27 37.24
CA MET A 344 -3.99 9.76 36.00
C MET A 344 -2.80 10.20 35.12
N PRO A 345 -2.90 10.17 33.78
CA PRO A 345 -1.72 10.61 32.98
C PRO A 345 -1.33 12.07 33.22
N VAL A 346 -0.04 12.37 33.03
CA VAL A 346 0.49 13.75 33.11
C VAL A 346 -0.26 14.66 32.13
N PRO A 347 -0.64 15.90 32.55
CA PRO A 347 -1.46 16.73 31.66
C PRO A 347 -0.73 17.37 30.48
N ILE A 348 -1.08 16.92 29.27
CA ILE A 348 -0.53 17.47 28.04
C ILE A 348 -1.14 18.85 27.81
N LEU A 349 -0.29 19.83 27.50
CA LEU A 349 -0.73 21.18 27.20
C LEU A 349 0.13 21.73 26.09
N GLU A 350 -0.32 21.51 24.85
CA GLU A 350 0.35 22.02 23.67
C GLU A 350 0.08 23.51 23.56
N THR A 351 1.14 24.29 23.27
CA THR A 351 1.05 25.74 23.07
C THR A 351 1.56 26.09 21.66
N LYS A 352 1.74 27.40 21.35
CA LYS A 352 2.20 27.93 20.05
C LYS A 352 3.51 27.24 19.61
N ASP A 353 4.42 27.02 20.58
CA ASP A 353 5.72 26.38 20.39
C ASP A 353 5.56 24.85 20.34
N THR A 354 5.41 24.35 19.11
CA THR A 354 5.21 22.96 18.70
C THR A 354 6.54 22.19 18.74
N TRP A 355 6.46 20.84 18.85
CA TRP A 355 7.64 19.96 18.85
C TRP A 355 8.56 20.10 17.62
N ASP A 356 7.96 20.34 16.45
CA ASP A 356 8.60 20.34 15.16
C ASP A 356 9.41 21.57 14.81
N ARG A 357 10.56 21.70 15.45
CA ARG A 357 11.50 22.79 15.21
C ARG A 357 12.89 22.41 15.73
N PRO A 358 13.98 22.98 15.17
CA PRO A 358 15.29 22.75 15.78
C PRO A 358 15.45 23.56 17.08
N VAL A 359 16.48 23.24 17.90
CA VAL A 359 16.83 23.99 19.11
C VAL A 359 17.78 25.09 18.61
N ASP A 360 17.47 26.38 18.89
CA ASP A 360 18.30 27.50 18.42
C ASP A 360 19.50 27.78 19.32
N PHE A 361 19.27 28.06 20.63
CA PHE A 361 20.39 28.33 21.52
C PHE A 361 21.33 27.14 21.67
N THR A 362 22.59 27.34 21.27
CA THR A 362 23.63 26.31 21.35
C THR A 362 24.80 26.83 22.22
N PRO A 363 25.19 26.10 23.30
CA PRO A 363 26.33 26.55 24.11
C PRO A 363 27.66 26.40 23.37
N THR A 364 28.65 27.23 23.73
CA THR A 364 30.00 27.24 23.13
C THR A 364 31.04 27.06 24.25
N ASN A 365 32.14 26.34 23.96
CA ASN A 365 33.22 26.07 24.91
C ASN A 365 33.96 27.36 25.32
N ASP A 366 34.07 28.31 24.38
CA ASP A 366 34.76 29.58 24.59
C ASP A 366 33.86 30.71 25.17
N GLU A 367 32.59 30.41 25.47
CA GLU A 367 31.67 31.43 25.97
C GLU A 367 30.86 30.97 27.17
N THR A 368 30.69 31.87 28.15
CA THR A 368 29.89 31.66 29.34
C THR A 368 28.41 31.70 28.95
N TYR A 369 27.61 30.80 29.51
CA TYR A 369 26.19 30.76 29.24
C TYR A 369 25.41 30.45 30.51
N ASP A 370 24.14 30.81 30.52
CA ASP A 370 23.21 30.49 31.60
C ASP A 370 22.46 29.26 31.06
N VAL A 371 22.47 28.13 31.82
CA VAL A 371 21.77 26.88 31.44
C VAL A 371 20.28 27.08 31.12
N ARG A 372 19.64 28.09 31.73
CA ARG A 372 18.22 28.41 31.50
C ARG A 372 17.97 28.74 30.02
N TRP A 373 18.98 29.27 29.33
CA TRP A 373 18.93 29.58 27.90
C TRP A 373 18.78 28.29 27.10
N MET A 374 19.49 27.21 27.51
CA MET A 374 19.41 25.89 26.88
C MET A 374 18.05 25.25 27.13
N ILE A 375 17.51 25.50 28.33
CA ILE A 375 16.22 24.99 28.76
C ILE A 375 15.02 25.66 28.08
N GLU A 376 14.87 26.96 28.27
CA GLU A 376 13.71 27.72 27.83
C GLU A 376 13.93 28.71 26.68
N GLY A 377 15.20 28.88 26.30
CA GLY A 377 15.62 29.80 25.26
C GLY A 377 16.00 31.16 25.78
N ARG A 378 16.35 32.08 24.87
CA ARG A 378 16.73 33.45 25.25
C ARG A 378 16.38 34.51 24.25
N GLU A 379 16.03 35.68 24.80
CA GLU A 379 15.76 36.87 24.00
C GLU A 379 17.08 37.48 23.58
N THR A 380 17.21 37.77 22.28
CA THR A 380 18.39 38.42 21.70
C THR A 380 17.92 39.63 20.86
N GLU A 381 18.85 40.53 20.48
CA GLU A 381 18.53 41.71 19.66
C GLU A 381 18.01 41.29 18.26
N SER A 382 18.50 40.16 17.73
CA SER A 382 18.12 39.58 16.43
C SER A 382 16.87 38.68 16.49
N GLY A 383 16.28 38.51 17.68
CA GLY A 383 15.06 37.71 17.90
C GLY A 383 15.19 36.67 19.01
N PHE A 384 14.10 35.93 19.28
CA PHE A 384 14.14 34.87 20.31
C PHE A 384 14.85 33.60 19.81
N GLU A 385 15.79 33.09 20.62
CA GLU A 385 16.50 31.84 20.35
C GLU A 385 15.78 30.77 21.18
N TYR A 386 15.07 29.86 20.50
CA TYR A 386 14.36 28.80 21.22
C TYR A 386 15.31 27.81 21.87
N GLY A 387 14.90 27.30 23.04
CA GLY A 387 15.67 26.30 23.78
C GLY A 387 15.13 24.92 23.50
N LEU A 388 15.49 23.96 24.36
CA LEU A 388 15.07 22.57 24.23
C LEU A 388 13.57 22.43 24.49
N PHE A 389 13.09 23.16 25.53
CA PHE A 389 11.70 23.05 25.96
C PHE A 389 10.81 24.14 25.41
N ASP A 390 9.50 24.01 25.61
CA ASP A 390 8.50 24.97 25.13
C ASP A 390 8.72 26.38 25.67
N LYS A 391 8.59 27.38 24.79
CA LYS A 391 8.73 28.81 25.13
C LYS A 391 7.71 29.20 26.22
N GLY A 392 8.21 29.80 27.29
CA GLY A 392 7.42 30.23 28.44
C GLY A 392 7.03 29.12 29.41
N SER A 393 7.49 27.86 29.18
CA SER A 393 7.08 26.72 30.00
C SER A 393 7.95 26.42 31.21
N PHE A 394 9.13 27.04 31.31
CA PHE A 394 10.01 26.75 32.45
C PHE A 394 9.56 27.40 33.75
N PHE A 395 9.21 26.56 34.73
CA PHE A 395 8.78 26.98 36.07
C PHE A 395 9.86 26.53 37.09
N GLU A 396 10.82 27.41 37.39
CA GLU A 396 11.92 27.11 38.32
C GLU A 396 11.46 27.09 39.77
N THR A 397 11.96 26.14 40.55
CA THR A 397 11.63 25.97 41.97
C THR A 397 12.93 25.71 42.72
N LEU A 398 12.96 26.01 44.06
CA LEU A 398 14.15 25.88 44.92
C LEU A 398 15.24 26.81 44.38
N SER A 399 14.79 27.95 43.82
CA SER A 399 15.62 28.95 43.16
C SER A 399 16.47 29.81 44.10
N GLY A 400 16.18 29.76 45.40
CA GLY A 400 16.94 30.51 46.39
C GLY A 400 18.06 29.72 47.02
N TRP A 401 18.06 28.41 46.81
CA TRP A 401 18.99 27.46 47.42
C TRP A 401 19.84 26.69 46.42
N ALA A 402 21.10 26.41 46.79
CA ALA A 402 22.06 25.59 46.03
C ALA A 402 21.95 25.86 44.52
N LYS A 403 22.23 27.12 44.14
CA LYS A 403 22.11 27.63 42.78
C LYS A 403 23.00 26.99 41.71
N GLY A 404 23.88 26.08 42.12
CA GLY A 404 24.75 25.33 41.21
C GLY A 404 23.97 24.33 40.39
N VAL A 405 22.78 23.96 40.88
CA VAL A 405 21.83 23.05 40.21
C VAL A 405 20.56 23.87 39.94
N VAL A 406 20.03 23.73 38.73
CA VAL A 406 18.82 24.45 38.31
C VAL A 406 17.70 23.42 38.16
N VAL A 407 16.63 23.55 38.98
CA VAL A 407 15.52 22.62 38.96
C VAL A 407 14.23 23.35 38.61
N GLY A 408 13.37 22.68 37.85
CA GLY A 408 12.07 23.22 37.51
C GLY A 408 11.21 22.26 36.73
N ARG A 409 10.02 22.73 36.39
CA ARG A 409 9.09 21.99 35.55
C ARG A 409 9.13 22.71 34.18
N ALA A 410 8.95 21.96 33.10
CA ALA A 410 8.91 22.52 31.74
C ALA A 410 7.99 21.67 30.93
N ARG A 411 7.79 22.00 29.67
CA ARG A 411 6.98 21.22 28.75
C ARG A 411 7.77 20.95 27.49
N LEU A 412 7.62 19.74 26.93
CA LEU A 412 8.29 19.30 25.70
C LEU A 412 7.20 18.92 24.71
N GLY A 413 6.91 19.85 23.79
CA GLY A 413 5.82 19.72 22.82
C GLY A 413 4.47 19.55 23.50
N GLY A 414 4.38 20.04 24.74
CA GLY A 414 3.18 19.95 25.57
C GLY A 414 3.27 18.96 26.71
N ILE A 415 4.24 18.02 26.65
CA ILE A 415 4.42 17.02 27.69
C ILE A 415 5.06 17.64 28.93
N PRO A 416 4.41 17.62 30.14
CA PRO A 416 5.08 18.17 31.34
C PRO A 416 6.16 17.21 31.85
N LEU A 417 7.24 17.78 32.43
CA LEU A 417 8.33 16.97 32.99
C LEU A 417 9.15 17.79 33.97
N GLY A 418 9.85 17.10 34.84
CA GLY A 418 10.82 17.70 35.73
C GLY A 418 12.14 17.86 34.99
N VAL A 419 12.81 19.00 35.17
CA VAL A 419 14.07 19.30 34.51
C VAL A 419 15.10 19.65 35.57
N ILE A 420 16.30 19.06 35.45
CA ILE A 420 17.46 19.34 36.26
C ILE A 420 18.60 19.70 35.28
N GLY A 421 19.17 20.88 35.45
CA GLY A 421 20.30 21.37 34.68
C GLY A 421 21.43 21.79 35.59
N VAL A 422 22.61 22.01 35.01
CA VAL A 422 23.82 22.40 35.75
C VAL A 422 24.22 23.85 35.46
N GLU A 423 24.36 24.65 36.52
CA GLU A 423 24.83 26.03 36.44
C GLU A 423 26.37 25.97 36.33
N THR A 424 26.89 26.38 35.17
CA THR A 424 28.32 26.37 34.84
C THR A 424 29.11 27.53 35.48
N ARG A 425 28.42 28.61 35.90
CA ARG A 425 29.02 29.78 36.53
C ARG A 425 29.29 29.53 38.02
N THR A 426 30.36 30.13 38.56
CA THR A 426 30.68 30.01 39.99
C THR A 426 29.52 30.59 40.82
N VAL A 427 29.09 29.84 41.85
CA VAL A 427 27.98 30.27 42.67
C VAL A 427 28.51 30.72 44.04
N GLU A 428 28.00 31.85 44.51
CA GLU A 428 28.34 32.40 45.81
C GLU A 428 27.11 32.38 46.71
N ASN A 429 27.32 32.02 47.97
CA ASN A 429 26.25 32.05 48.96
C ASN A 429 26.81 32.60 50.26
N LEU A 430 25.99 33.39 50.96
CA LEU A 430 26.39 34.05 52.19
C LEU A 430 25.83 33.31 53.42
N ILE A 431 26.74 32.79 54.25
CA ILE A 431 26.36 32.15 55.50
C ILE A 431 26.28 33.30 56.51
N PRO A 432 25.10 33.53 57.13
CA PRO A 432 25.00 34.64 58.10
C PRO A 432 25.81 34.43 59.38
N ALA A 433 26.16 35.54 60.05
CA ALA A 433 26.88 35.47 61.32
C ALA A 433 25.90 34.95 62.36
N ASP A 434 26.34 34.02 63.22
CA ASP A 434 25.53 33.45 64.28
C ASP A 434 25.33 34.52 65.39
N PRO A 435 24.08 35.05 65.59
CA PRO A 435 23.87 36.06 66.64
C PRO A 435 24.21 35.60 68.07
N ALA A 436 24.12 34.28 68.33
CA ALA A 436 24.42 33.68 69.63
C ALA A 436 25.92 33.61 69.96
N ASN A 437 26.77 33.78 68.93
CA ASN A 437 28.22 33.77 69.09
C ASN A 437 28.82 35.15 68.78
N PRO A 438 29.40 35.84 69.78
CA PRO A 438 30.02 37.16 69.53
C PRO A 438 31.26 37.08 68.63
N ASN A 439 31.92 35.91 68.61
CA ASN A 439 33.12 35.60 67.82
C ASN A 439 32.77 34.94 66.47
N SER A 440 31.58 35.30 65.92
CA SER A 440 31.08 34.77 64.65
C SER A 440 30.81 35.91 63.66
N ALA A 441 31.34 35.75 62.44
CA ALA A 441 31.17 36.70 61.34
C ALA A 441 30.58 35.99 60.11
N GLU A 442 29.94 36.76 59.22
CA GLU A 442 29.34 36.21 58.00
C GLU A 442 30.41 35.65 57.06
N THR A 443 30.12 34.49 56.44
CA THR A 443 31.07 33.80 55.55
C THR A 443 30.52 33.73 54.13
N LEU A 444 31.37 34.07 53.16
CA LEU A 444 31.03 33.96 51.75
C LEU A 444 31.69 32.71 51.20
N ILE A 445 30.86 31.79 50.68
CA ILE A 445 31.29 30.52 50.13
C ILE A 445 31.14 30.56 48.62
N GLN A 446 32.22 30.23 47.92
CA GLN A 446 32.25 30.16 46.49
C GLN A 446 32.30 28.70 46.09
N GLN A 447 31.47 28.31 45.15
CA GLN A 447 31.39 26.94 44.68
C GLN A 447 31.59 26.90 43.18
N ALA A 448 32.65 26.18 42.74
CA ALA A 448 32.98 26.01 41.33
C ALA A 448 31.80 25.36 40.57
N GLY A 449 31.57 25.82 39.35
CA GLY A 449 30.53 25.28 38.49
C GLY A 449 30.86 23.88 38.04
N GLN A 450 29.82 23.08 37.75
CA GLN A 450 29.92 21.69 37.28
C GLN A 450 30.52 20.72 38.31
N VAL A 451 30.49 21.10 39.60
CA VAL A 451 30.99 20.30 40.71
C VAL A 451 29.81 20.15 41.67
N TRP A 452 29.54 18.92 42.11
CA TRP A 452 28.47 18.70 43.07
C TRP A 452 29.03 18.95 44.46
N PHE A 453 28.27 19.71 45.25
CA PHE A 453 28.63 20.01 46.63
C PHE A 453 27.56 19.42 47.52
N PRO A 454 27.73 19.32 48.86
CA PRO A 454 26.65 18.76 49.70
C PRO A 454 25.26 19.38 49.42
N ASN A 455 25.19 20.72 49.29
CA ASN A 455 23.93 21.45 49.09
C ASN A 455 23.28 21.18 47.74
N SER A 456 24.07 21.19 46.66
CA SER A 456 23.60 20.93 45.30
C SER A 456 23.23 19.46 45.08
N ALA A 457 23.94 18.53 45.78
CA ALA A 457 23.64 17.10 45.70
C ALA A 457 22.32 16.84 46.44
N PHE A 458 22.10 17.50 47.57
CA PHE A 458 20.85 17.41 48.35
C PHE A 458 19.67 17.96 47.53
N LYS A 459 19.86 19.14 46.90
CA LYS A 459 18.86 19.77 46.03
C LYS A 459 18.43 18.87 44.85
N THR A 460 19.42 18.19 44.21
CA THR A 460 19.23 17.23 43.09
C THR A 460 18.38 16.03 43.58
N ALA A 461 18.75 15.39 44.70
CA ALA A 461 18.01 14.28 45.29
C ALA A 461 16.58 14.73 45.64
N GLN A 462 16.45 15.90 46.27
CA GLN A 462 15.18 16.50 46.67
C GLN A 462 14.28 16.72 45.46
N ALA A 463 14.84 17.30 44.37
CA ALA A 463 14.12 17.50 43.10
C ALA A 463 13.59 16.19 42.53
N ILE A 464 14.43 15.15 42.45
CA ILE A 464 14.06 13.82 41.93
C ILE A 464 12.87 13.27 42.71
N ASN A 465 12.93 13.36 44.05
CA ASN A 465 11.84 12.91 44.93
C ASN A 465 10.54 13.69 44.76
N ASP A 466 10.64 15.03 44.64
CA ASP A 466 9.49 15.91 44.47
C ASP A 466 8.83 15.79 43.12
N PHE A 467 9.58 15.39 42.05
CA PHE A 467 8.97 15.15 40.71
C PHE A 467 8.24 13.80 40.74
N ASN A 468 8.79 12.81 41.45
CA ASN A 468 8.26 11.44 41.55
C ASN A 468 6.99 11.34 42.43
N ASN A 469 7.10 11.77 43.69
CA ASN A 469 6.03 11.77 44.67
C ASN A 469 5.02 12.85 44.36
N GLY A 470 3.75 12.45 44.25
CA GLY A 470 2.61 13.34 44.00
C GLY A 470 2.50 13.96 42.65
N GLU A 471 3.59 14.57 42.18
CA GLU A 471 3.69 15.16 40.84
C GLU A 471 3.64 14.04 39.76
N GLN A 472 4.27 12.85 40.03
CA GLN A 472 4.31 11.68 39.14
C GLN A 472 4.73 12.06 37.73
N LEU A 473 5.77 12.87 37.62
CA LEU A 473 6.26 13.36 36.34
C LEU A 473 7.45 12.57 35.78
N PRO A 474 7.60 12.53 34.43
CA PRO A 474 8.84 12.01 33.85
C PRO A 474 9.93 13.06 34.13
N MET A 475 11.21 12.70 33.90
CA MET A 475 12.29 13.61 34.21
C MET A 475 13.36 13.64 33.17
N MET A 476 14.01 14.81 33.01
CA MET A 476 15.21 14.94 32.20
C MET A 476 16.30 15.63 33.01
N ILE A 477 17.47 14.98 33.10
CA ILE A 477 18.63 15.56 33.73
C ILE A 477 19.62 15.86 32.61
N LEU A 478 19.98 17.14 32.45
CA LEU A 478 20.97 17.60 31.46
C LEU A 478 22.33 17.50 32.19
N ALA A 479 22.80 16.24 32.41
CA ALA A 479 23.98 15.88 33.21
C ALA A 479 25.27 16.50 32.72
N ASN A 480 25.88 17.34 33.58
CA ASN A 480 27.08 18.10 33.22
C ASN A 480 27.93 18.39 34.46
N TRP A 481 28.43 17.34 35.10
CA TRP A 481 29.24 17.47 36.30
C TRP A 481 30.58 16.78 36.12
N ARG A 482 31.66 17.45 36.56
CA ARG A 482 33.03 16.94 36.54
C ARG A 482 33.23 15.89 37.63
N GLY A 483 32.47 16.02 38.71
CA GLY A 483 32.52 15.14 39.87
C GLY A 483 31.92 15.80 41.09
N PHE A 484 32.18 15.20 42.25
CA PHE A 484 31.75 15.72 43.54
C PHE A 484 32.95 16.42 44.15
N SER A 485 32.73 17.39 45.05
CA SER A 485 33.82 18.04 45.79
C SER A 485 34.39 17.01 46.80
N GLY A 486 35.63 16.60 46.56
CA GLY A 486 36.32 15.60 47.39
C GLY A 486 37.25 16.22 48.42
N GLY A 487 37.19 17.54 48.53
CA GLY A 487 38.00 18.31 49.46
C GLY A 487 37.58 18.11 50.90
N GLN A 488 38.47 18.48 51.84
CA GLN A 488 38.26 18.31 53.26
C GLN A 488 36.95 18.86 53.81
N ARG A 489 36.65 20.15 53.53
CA ARG A 489 35.43 20.80 54.02
C ARG A 489 34.16 20.08 53.57
N ASP A 490 34.05 19.77 52.26
CA ASP A 490 32.88 19.12 51.70
C ASP A 490 32.74 17.67 52.09
N MET A 491 33.88 16.97 52.31
CA MET A 491 33.90 15.58 52.78
C MET A 491 33.47 15.54 54.23
N PHE A 492 33.98 16.48 55.06
CA PHE A 492 33.54 16.65 56.44
C PHE A 492 32.05 17.02 56.48
N ASN A 493 31.59 17.83 55.53
CA ASN A 493 30.17 18.23 55.45
C ASN A 493 29.25 17.22 54.79
N GLU A 494 29.72 15.95 54.68
CA GLU A 494 28.98 14.77 54.30
C GLU A 494 28.51 14.67 52.87
N VAL A 495 29.33 15.13 51.90
CA VAL A 495 28.99 15.06 50.47
C VAL A 495 28.54 13.64 50.03
N LEU A 496 29.15 12.57 50.60
CA LEU A 496 28.83 11.16 50.33
C LEU A 496 27.40 10.79 50.66
N LYS A 497 26.87 11.34 51.74
CA LYS A 497 25.50 11.10 52.19
C LYS A 497 24.52 11.66 51.18
N TYR A 498 24.75 12.91 50.73
CA TYR A 498 23.90 13.65 49.79
C TYR A 498 23.94 13.11 48.38
N GLY A 499 25.12 12.67 47.94
CA GLY A 499 25.33 12.00 46.66
C GLY A 499 24.61 10.66 46.64
N SER A 500 24.60 9.93 47.79
CA SER A 500 23.91 8.63 47.92
C SER A 500 22.40 8.78 47.84
N PHE A 501 21.86 9.88 48.37
CA PHE A 501 20.43 10.22 48.31
C PHE A 501 19.97 10.33 46.84
N ILE A 502 20.87 10.73 45.89
CA ILE A 502 20.58 10.80 44.45
C ILE A 502 20.27 9.41 43.93
N VAL A 503 21.14 8.42 44.23
CA VAL A 503 20.98 7.01 43.87
C VAL A 503 19.64 6.48 44.38
N ASP A 504 19.35 6.71 45.67
CA ASP A 504 18.11 6.30 46.32
C ASP A 504 16.87 6.88 45.65
N ALA A 505 16.94 8.16 45.28
CA ALA A 505 15.84 8.88 44.66
C ALA A 505 15.53 8.31 43.24
N LEU A 506 16.57 7.88 42.49
CA LEU A 506 16.49 7.27 41.16
C LEU A 506 15.94 5.84 41.24
N VAL A 507 16.37 5.06 42.25
CA VAL A 507 15.88 3.68 42.48
C VAL A 507 14.33 3.69 42.65
N ASP A 508 13.81 4.69 43.36
CA ASP A 508 12.39 4.86 43.67
C ASP A 508 11.52 5.48 42.54
N TYR A 509 12.14 5.99 41.48
CA TYR A 509 11.49 6.71 40.38
C TYR A 509 10.57 5.83 39.52
N LYS A 510 9.30 6.29 39.31
CA LYS A 510 8.25 5.49 38.64
C LYS A 510 7.84 5.90 37.24
N GLN A 511 8.40 6.99 36.72
CA GLN A 511 8.06 7.52 35.41
C GLN A 511 9.34 7.58 34.58
N PRO A 512 9.23 7.63 33.22
CA PRO A 512 10.45 7.66 32.38
C PRO A 512 11.48 8.72 32.76
N ILE A 513 12.77 8.36 32.66
CA ILE A 513 13.90 9.25 32.93
C ILE A 513 14.79 9.33 31.72
N ILE A 514 15.16 10.55 31.36
CA ILE A 514 16.14 10.80 30.29
C ILE A 514 17.34 11.46 30.94
N ILE A 515 18.53 10.83 30.81
CA ILE A 515 19.80 11.43 31.22
C ILE A 515 20.47 11.84 29.90
N TYR A 516 20.81 13.12 29.75
CA TYR A 516 21.41 13.62 28.52
C TYR A 516 22.64 14.49 28.79
N ILE A 517 23.84 14.06 28.33
CA ILE A 517 25.04 14.87 28.46
C ILE A 517 24.99 15.87 27.30
N PRO A 518 24.80 17.17 27.60
CA PRO A 518 24.58 18.14 26.51
C PRO A 518 25.83 18.58 25.74
N PRO A 519 25.71 19.34 24.62
CA PRO A 519 26.92 19.83 23.92
C PRO A 519 27.77 20.68 24.89
N THR A 520 29.14 20.59 24.81
CA THR A 520 30.12 21.27 25.70
C THR A 520 30.08 20.64 27.12
N GLY A 521 29.20 19.66 27.32
CA GLY A 521 29.01 19.01 28.60
C GLY A 521 29.94 17.86 28.89
N GLU A 522 30.03 17.48 30.17
CA GLU A 522 30.87 16.38 30.59
C GLU A 522 30.29 15.62 31.76
N LEU A 523 30.65 14.35 31.88
CA LEU A 523 30.24 13.51 32.99
C LEU A 523 31.45 12.62 33.33
N ARG A 524 32.02 12.78 34.52
CA ARG A 524 33.21 12.03 34.94
C ARG A 524 32.97 11.26 36.22
N GLY A 525 33.90 10.32 36.51
CA GLY A 525 33.96 9.50 37.72
C GLY A 525 32.70 9.35 38.55
N GLY A 526 32.72 9.93 39.75
CA GLY A 526 31.61 9.87 40.71
C GLY A 526 30.29 10.46 40.23
N SER A 527 30.37 11.44 39.31
CA SER A 527 29.21 12.11 38.76
C SER A 527 28.43 11.20 37.83
N TRP A 528 29.14 10.36 37.03
CA TRP A 528 28.51 9.39 36.15
C TRP A 528 27.82 8.30 36.99
N VAL A 529 28.52 7.74 37.98
CA VAL A 529 28.09 6.68 38.88
C VAL A 529 26.64 6.82 39.40
N VAL A 530 26.36 7.97 39.96
CA VAL A 530 25.15 8.41 40.64
C VAL A 530 23.94 8.67 39.70
N VAL A 531 24.21 8.65 38.38
CA VAL A 531 23.22 8.94 37.36
C VAL A 531 23.15 7.89 36.23
N ASP A 532 23.88 6.79 36.38
CA ASP A 532 23.91 5.73 35.36
C ASP A 532 22.54 5.04 35.22
N PRO A 533 22.03 4.78 33.96
CA PRO A 533 20.71 4.12 33.81
C PRO A 533 20.54 2.73 34.42
N THR A 534 21.63 2.03 34.79
CA THR A 534 21.55 0.70 35.44
C THR A 534 21.10 0.79 36.90
N ILE A 535 21.01 2.03 37.47
CA ILE A 535 20.47 2.29 38.83
C ILE A 535 18.96 1.92 38.80
N ASN A 536 18.29 2.28 37.70
CA ASN A 536 16.89 1.97 37.48
C ASN A 536 16.67 1.71 35.99
N ALA A 537 17.02 0.52 35.52
CA ALA A 537 16.89 0.13 34.10
C ALA A 537 15.45 0.12 33.56
N ASP A 538 14.46 -0.04 34.42
CA ASP A 538 13.03 -0.01 34.07
C ASP A 538 12.58 1.37 33.62
N GLN A 539 13.18 2.46 34.14
CA GLN A 539 12.80 3.85 33.85
C GLN A 539 13.88 4.70 33.20
N MET A 540 15.17 4.36 33.38
CA MET A 540 16.24 5.22 32.89
C MET A 540 16.81 4.87 31.55
N GLU A 541 17.17 5.94 30.78
CA GLU A 541 17.90 5.89 29.51
C GLU A 541 18.95 6.98 29.49
N MET A 542 20.14 6.70 28.97
CA MET A 542 21.16 7.74 28.82
C MET A 542 21.49 8.03 27.36
N TYR A 543 21.77 9.31 27.08
CA TYR A 543 22.13 9.84 25.76
C TYR A 543 23.30 10.79 25.94
N ALA A 544 24.14 10.94 24.92
CA ALA A 544 25.25 11.88 24.98
C ALA A 544 25.30 12.65 23.71
N ASP A 545 25.60 13.94 23.81
CA ASP A 545 25.73 14.74 22.61
C ASP A 545 26.98 14.35 21.86
N VAL A 546 27.00 14.59 20.52
CA VAL A 546 28.20 14.36 19.70
C VAL A 546 29.37 15.26 20.20
N ASN A 547 29.02 16.40 20.83
CA ASN A 547 29.93 17.38 21.41
C ASN A 547 30.06 17.30 22.94
N ALA A 548 29.69 16.15 23.52
CA ALA A 548 29.85 15.90 24.96
C ALA A 548 31.12 15.04 25.22
N ARG A 549 31.54 14.95 26.49
CA ARG A 549 32.71 14.16 26.89
C ARG A 549 32.40 13.34 28.13
N ALA A 550 33.06 12.18 28.28
CA ALA A 550 32.92 11.33 29.45
C ALA A 550 34.03 10.28 29.53
N GLY A 551 34.48 10.05 30.75
CA GLY A 551 35.50 9.08 31.12
C GLY A 551 35.64 9.07 32.61
N VAL A 552 36.45 8.15 33.17
CA VAL A 552 36.67 8.03 34.62
C VAL A 552 37.29 9.35 35.15
N LEU A 553 38.38 9.79 34.49
CA LEU A 553 39.08 11.05 34.78
C LEU A 553 38.95 11.99 33.58
N GLU A 554 39.48 13.21 33.73
CA GLU A 554 39.57 14.21 32.65
C GLU A 554 40.90 13.88 31.96
N PRO A 555 41.15 14.32 30.69
CA PRO A 555 42.43 13.97 30.03
C PRO A 555 43.70 14.21 30.85
N GLU A 556 43.71 15.25 31.72
CA GLU A 556 44.85 15.59 32.60
C GLU A 556 45.12 14.47 33.58
N GLY A 557 44.06 13.89 34.13
CA GLY A 557 44.13 12.76 35.04
C GLY A 557 44.58 11.48 34.35
N THR A 558 44.00 11.17 33.17
CA THR A 558 44.33 9.96 32.39
C THR A 558 45.82 9.94 31.99
N VAL A 559 46.37 11.10 31.56
CA VAL A 559 47.78 11.21 31.16
C VAL A 559 48.70 10.98 32.38
N GLU A 560 48.32 11.55 33.54
CA GLU A 560 49.03 11.42 34.81
C GLU A 560 49.23 9.96 35.21
N ILE A 561 48.21 9.12 35.00
CA ILE A 561 48.29 7.69 35.34
C ILE A 561 48.78 6.80 34.17
N LYS A 562 48.27 7.04 32.95
CA LYS A 562 48.53 6.19 31.78
C LYS A 562 49.45 6.69 30.64
N PHE A 563 49.82 7.98 30.61
CA PHE A 563 50.73 8.49 29.54
C PHE A 563 51.90 9.26 30.18
N ARG A 564 52.65 8.58 31.07
CA ARG A 564 53.78 9.14 31.85
C ARG A 564 55.04 9.44 30.99
N ARG A 565 56.08 10.06 31.61
CA ARG A 565 57.33 10.47 30.92
C ARG A 565 57.99 9.43 30.01
N GLU A 566 58.10 8.17 30.46
CA GLU A 566 58.71 7.07 29.69
C GLU A 566 58.00 6.87 28.35
N LYS A 567 56.66 6.92 28.36
CA LYS A 567 55.77 6.76 27.21
C LYS A 567 55.90 7.98 26.30
N LEU A 568 56.02 9.21 26.87
CA LEU A 568 56.20 10.45 26.11
C LEU A 568 57.52 10.43 25.39
N LEU A 569 58.58 9.91 26.05
CA LEU A 569 59.92 9.85 25.47
C LEU A 569 60.01 8.82 24.35
N ASP A 570 59.31 7.68 24.49
CA ASP A 570 59.21 6.63 23.46
C ASP A 570 58.42 7.16 22.26
N THR A 571 57.48 8.11 22.50
CA THR A 571 56.68 8.78 21.48
C THR A 571 57.57 9.79 20.70
N MET A 572 58.49 10.48 21.43
CA MET A 572 59.47 11.42 20.85
C MET A 572 60.47 10.63 20.03
N ASN A 573 60.85 9.45 20.53
CA ASN A 573 61.80 8.52 19.91
C ASN A 573 61.25 8.00 18.56
N ARG A 574 59.93 7.83 18.48
CA ARG A 574 59.22 7.33 17.30
C ARG A 574 58.87 8.43 16.29
N LEU A 575 58.44 9.60 16.79
CA LEU A 575 57.93 10.72 15.99
C LEU A 575 58.90 11.87 15.71
N ASP A 576 59.94 12.05 16.53
CA ASP A 576 60.90 13.14 16.31
C ASP A 576 62.24 12.63 15.79
N ASP A 577 62.57 13.04 14.56
CA ASP A 577 63.81 12.66 13.86
C ASP A 577 65.06 13.14 14.59
N LYS A 578 65.02 14.37 15.15
CA LYS A 578 66.10 14.97 15.93
C LYS A 578 66.31 14.23 17.26
N TYR A 579 65.20 13.80 17.94
CA TYR A 579 65.23 13.01 19.20
C TYR A 579 65.78 11.60 18.91
N ARG A 580 65.30 10.96 17.82
CA ARG A 580 65.74 9.63 17.36
C ARG A 580 67.15 9.73 16.75
N LYS A 601 73.67 14.52 26.84
CA LYS A 601 73.07 15.78 27.27
C LYS A 601 72.23 16.43 26.16
N GLN A 602 72.57 16.17 24.87
CA GLN A 602 71.85 16.71 23.70
C GLN A 602 70.39 16.21 23.52
N LEU A 603 69.91 15.34 24.45
CA LEU A 603 68.55 14.80 24.50
C LEU A 603 67.73 15.67 25.44
N ALA A 604 68.30 16.01 26.62
CA ALA A 604 67.69 16.82 27.68
C ALA A 604 67.22 18.19 27.18
N ASP A 605 68.06 18.87 26.34
CA ASP A 605 67.71 20.16 25.76
C ASP A 605 66.59 20.01 24.70
N ARG A 606 66.59 18.88 23.97
CA ARG A 606 65.57 18.52 22.96
C ARG A 606 64.24 18.19 23.65
N GLU A 607 64.30 17.49 24.81
CA GLU A 607 63.17 17.12 25.65
C GLU A 607 62.46 18.36 26.14
N ARG A 608 63.25 19.35 26.61
CA ARG A 608 62.79 20.64 27.12
C ARG A 608 61.96 21.42 26.07
N GLU A 609 62.33 21.26 24.79
CA GLU A 609 61.67 21.90 23.64
C GLU A 609 60.42 21.13 23.24
N LEU A 610 60.50 19.78 23.18
CA LEU A 610 59.40 18.89 22.75
C LEU A 610 58.27 18.68 23.78
N LEU A 611 58.60 18.53 25.08
CA LEU A 611 57.64 18.30 26.15
C LEU A 611 56.32 19.09 26.17
N PRO A 612 56.31 20.44 26.00
CA PRO A 612 55.01 21.16 26.00
C PRO A 612 54.01 20.70 24.93
N ILE A 613 54.49 20.40 23.71
CA ILE A 613 53.65 19.92 22.59
C ILE A 613 53.32 18.43 22.68
N TYR A 614 54.27 17.62 23.18
CA TYR A 614 54.04 16.18 23.39
C TYR A 614 53.06 15.92 24.53
N GLY A 615 52.99 16.87 25.48
CA GLY A 615 52.03 16.86 26.56
C GLY A 615 50.64 17.12 26.02
N GLN A 616 50.56 18.01 25.00
CA GLN A 616 49.33 18.35 24.27
C GLN A 616 48.83 17.19 23.41
N ILE A 617 49.76 16.44 22.76
CA ILE A 617 49.49 15.25 21.94
C ILE A 617 48.84 14.17 22.82
N SER A 618 49.46 13.90 24.02
CA SER A 618 49.02 12.92 24.98
C SER A 618 47.62 13.27 25.53
N LEU A 619 47.35 14.58 25.76
CA LEU A 619 46.02 15.06 26.22
C LEU A 619 44.99 14.85 25.15
N GLN A 620 45.37 15.05 23.87
CA GLN A 620 44.50 14.85 22.70
C GLN A 620 44.22 13.36 22.49
N PHE A 621 45.25 12.53 22.65
CA PHE A 621 45.18 11.07 22.56
C PHE A 621 44.12 10.54 23.59
N ALA A 622 44.19 11.04 24.85
CA ALA A 622 43.29 10.70 25.94
C ALA A 622 41.87 11.20 25.64
N ASP A 623 41.72 12.45 25.16
CA ASP A 623 40.43 13.05 24.82
C ASP A 623 39.69 12.28 23.73
N LEU A 624 40.44 11.61 22.83
CA LEU A 624 39.87 10.81 21.74
C LEU A 624 39.12 9.57 22.18
N HIS A 625 39.33 9.14 23.44
CA HIS A 625 38.64 8.00 24.06
C HIS A 625 37.34 8.45 24.71
N ASP A 626 37.24 9.75 25.08
CA ASP A 626 36.14 10.36 25.83
C ASP A 626 34.93 10.80 24.99
N ARG A 627 34.82 10.27 23.77
CA ARG A 627 33.79 10.64 22.80
C ARG A 627 32.50 9.82 22.90
N SER A 628 31.37 10.40 22.45
CA SER A 628 30.06 9.72 22.43
C SER A 628 30.08 8.44 21.55
N SER A 629 30.99 8.38 20.54
CA SER A 629 31.21 7.23 19.66
C SER A 629 31.70 6.02 20.44
N ARG A 630 32.59 6.23 21.45
CA ARG A 630 33.08 5.17 22.34
C ARG A 630 31.97 4.74 23.28
N MET A 631 31.14 5.70 23.74
CA MET A 631 29.99 5.45 24.63
C MET A 631 28.99 4.52 23.95
N VAL A 632 28.67 4.79 22.66
CA VAL A 632 27.79 3.98 21.79
C VAL A 632 28.39 2.56 21.58
N ALA A 633 29.68 2.47 21.16
CA ALA A 633 30.41 1.22 20.93
C ALA A 633 30.44 0.31 22.16
N LYS A 634 30.55 0.92 23.36
CA LYS A 634 30.61 0.20 24.63
C LYS A 634 29.23 -0.09 25.23
N GLY A 635 28.17 0.41 24.58
CA GLY A 635 26.78 0.20 24.98
C GLY A 635 26.35 0.85 26.27
N VAL A 636 26.95 2.01 26.63
CA VAL A 636 26.65 2.71 27.90
C VAL A 636 25.61 3.83 27.73
N ILE A 637 25.33 4.20 26.46
CA ILE A 637 24.30 5.20 26.11
C ILE A 637 23.39 4.55 25.06
N SER A 638 22.11 4.94 25.03
CA SER A 638 21.14 4.43 24.05
C SER A 638 21.45 4.97 22.64
N LYS A 639 21.82 6.25 22.54
CA LYS A 639 22.15 6.90 21.28
C LYS A 639 23.04 8.11 21.52
N GLU A 640 23.79 8.52 20.49
CA GLU A 640 24.52 9.79 20.47
C GLU A 640 23.62 10.76 19.65
N LEU A 641 23.46 11.99 20.15
CA LEU A 641 22.55 12.95 19.54
C LEU A 641 23.21 14.26 19.13
N GLU A 642 22.52 15.04 18.26
CA GLU A 642 22.90 16.39 17.88
C GLU A 642 21.87 17.29 18.55
N TRP A 643 22.35 18.22 19.38
CA TRP A 643 21.60 19.21 20.15
C TRP A 643 20.43 19.87 19.40
N THR A 644 20.68 20.41 18.21
CA THR A 644 19.69 21.07 17.37
C THR A 644 18.52 20.15 17.00
N GLU A 645 18.75 18.82 17.02
CA GLU A 645 17.71 17.83 16.72
C GLU A 645 17.13 17.12 17.95
N ALA A 646 17.62 17.48 19.17
CA ALA A 646 17.24 16.87 20.43
C ALA A 646 15.79 17.08 20.84
N ARG A 647 15.18 18.23 20.50
CA ARG A 647 13.78 18.50 20.83
C ARG A 647 12.84 17.56 20.08
N ARG A 648 13.07 17.39 18.76
CA ARG A 648 12.32 16.48 17.90
C ARG A 648 12.50 15.05 18.35
N PHE A 649 13.76 14.65 18.66
CA PHE A 649 14.06 13.30 19.08
C PHE A 649 13.39 12.96 20.43
N PHE A 650 13.58 13.82 21.45
CA PHE A 650 13.05 13.60 22.80
C PHE A 650 11.55 13.69 22.90
N PHE A 651 10.92 14.52 22.05
CA PHE A 651 9.45 14.63 22.05
C PHE A 651 8.85 13.26 21.73
N TRP A 652 9.28 12.64 20.61
CA TRP A 652 8.77 11.34 20.19
C TRP A 652 9.21 10.20 21.05
N ARG A 653 10.44 10.28 21.61
CA ARG A 653 10.94 9.26 22.53
C ARG A 653 10.10 9.27 23.80
N LEU A 654 9.86 10.48 24.41
CA LEU A 654 9.05 10.59 25.61
C LEU A 654 7.59 10.16 25.37
N ARG A 655 6.98 10.64 24.26
CA ARG A 655 5.61 10.29 23.86
C ARG A 655 5.47 8.77 23.67
N ARG A 656 6.42 8.13 22.98
CA ARG A 656 6.43 6.67 22.80
C ARG A 656 6.51 5.94 24.15
N ARG A 657 7.41 6.43 25.06
CA ARG A 657 7.62 5.85 26.37
C ARG A 657 6.42 5.94 27.30
N LEU A 658 5.73 7.08 27.31
CA LEU A 658 4.48 7.27 28.06
C LEU A 658 3.41 6.27 27.61
N ASN A 659 3.29 6.05 26.29
CA ASN A 659 2.34 5.13 25.68
C ASN A 659 2.63 3.68 26.05
N GLU A 660 3.90 3.25 25.99
CA GLU A 660 4.34 1.91 26.38
C GLU A 660 4.17 1.67 27.88
N GLU A 661 4.49 2.70 28.72
CA GLU A 661 4.30 2.67 30.17
C GLU A 661 2.83 2.43 30.51
N TYR A 662 1.88 3.12 29.79
CA TYR A 662 0.44 2.93 29.99
C TYR A 662 0.05 1.46 29.77
N LEU A 663 0.53 0.84 28.69
CA LEU A 663 0.26 -0.56 28.36
C LEU A 663 0.88 -1.55 29.35
N ILE A 664 2.11 -1.28 29.87
CA ILE A 664 2.80 -2.10 30.86
C ILE A 664 1.94 -2.12 32.15
N LYS A 665 1.38 -0.96 32.56
CA LYS A 665 0.50 -0.85 33.73
C LYS A 665 -0.82 -1.58 33.55
N ARG A 666 -1.39 -1.59 32.34
CA ARG A 666 -2.62 -2.33 32.05
C ARG A 666 -2.38 -3.85 32.13
N LEU A 667 -1.26 -4.32 31.56
CA LEU A 667 -0.86 -5.73 31.57
C LEU A 667 -0.58 -6.22 33.00
N SER A 668 -0.08 -5.32 33.86
CA SER A 668 0.21 -5.60 35.27
C SER A 668 -1.05 -5.95 36.03
N HIS A 669 -2.17 -5.26 35.74
CA HIS A 669 -3.47 -5.48 36.36
C HIS A 669 -4.01 -6.90 36.18
N GLN A 670 -3.62 -7.60 35.08
CA GLN A 670 -4.04 -8.99 34.85
C GLN A 670 -2.93 -9.99 34.48
N VAL A 671 -2.29 -10.54 35.53
CA VAL A 671 -1.23 -11.56 35.40
C VAL A 671 -1.00 -12.34 36.72
N GLY A 672 -0.68 -11.61 37.77
CA GLY A 672 -0.33 -12.17 39.06
C GLY A 672 1.18 -12.11 39.27
N GLU A 673 1.96 -12.48 38.20
CA GLU A 673 3.43 -12.49 38.22
C GLU A 673 4.14 -12.53 36.85
N ALA A 674 4.76 -11.38 36.46
CA ALA A 674 5.57 -11.24 35.24
C ALA A 674 6.51 -10.06 35.35
N SER A 675 7.75 -10.20 34.84
CA SER A 675 8.74 -9.13 34.88
C SER A 675 8.45 -8.04 33.82
N ARG A 676 9.10 -6.85 33.96
CA ARG A 676 9.00 -5.70 33.04
C ARG A 676 9.37 -6.15 31.62
N LEU A 677 10.49 -6.88 31.47
CA LEU A 677 11.00 -7.41 30.21
C LEU A 677 9.99 -8.32 29.51
N GLU A 678 9.25 -9.13 30.28
CA GLU A 678 8.25 -10.06 29.76
C GLU A 678 7.00 -9.31 29.34
N LYS A 679 6.61 -8.28 30.12
CA LYS A 679 5.43 -7.45 29.87
C LYS A 679 5.63 -6.60 28.59
N ILE A 680 6.81 -6.00 28.45
CA ILE A 680 7.13 -5.16 27.29
C ILE A 680 7.26 -5.98 26.01
N ALA A 681 7.87 -7.18 26.11
CA ALA A 681 8.02 -8.12 24.99
C ALA A 681 6.66 -8.60 24.48
N ARG A 682 5.70 -8.80 25.40
CA ARG A 682 4.34 -9.19 25.05
C ARG A 682 3.60 -8.04 24.34
N ILE A 683 3.66 -6.80 24.91
CA ILE A 683 3.03 -5.61 24.33
C ILE A 683 3.57 -5.40 22.89
N ARG A 684 4.92 -5.40 22.74
CA ARG A 684 5.58 -5.22 21.45
C ARG A 684 5.28 -6.33 20.44
N SER A 685 4.88 -7.51 20.94
CA SER A 685 4.49 -8.62 20.07
C SER A 685 3.10 -8.36 19.45
N TRP A 686 2.35 -7.39 20.00
CA TRP A 686 1.02 -6.99 19.49
C TRP A 686 1.13 -6.00 18.33
N TYR A 687 2.29 -5.33 18.20
CA TYR A 687 2.53 -4.37 17.12
C TYR A 687 2.55 -5.11 15.79
N PRO A 688 1.98 -4.55 14.70
CA PRO A 688 2.09 -5.21 13.39
C PRO A 688 3.57 -5.45 13.03
N ALA A 689 3.86 -6.53 12.29
CA ALA A 689 5.18 -6.96 11.85
C ALA A 689 5.97 -5.84 11.14
N SER A 690 5.23 -4.96 10.43
CA SER A 690 5.81 -3.86 9.67
C SER A 690 6.25 -2.69 10.54
N VAL A 691 5.77 -2.62 11.79
CA VAL A 691 6.15 -1.58 12.73
C VAL A 691 7.58 -1.83 13.23
N ASP A 692 8.45 -0.83 13.07
CA ASP A 692 9.81 -0.82 13.55
C ASP A 692 9.72 -0.40 15.03
N HIS A 693 10.11 -1.30 15.92
CA HIS A 693 10.07 -1.10 17.38
C HIS A 693 11.02 0.02 17.80
N GLU A 694 12.02 0.34 16.96
CA GLU A 694 12.99 1.41 17.17
C GLU A 694 12.49 2.78 16.68
N ASP A 695 11.37 2.82 15.95
CA ASP A 695 10.81 4.09 15.47
C ASP A 695 9.77 4.57 16.49
N ASP A 696 10.16 5.55 17.33
CA ASP A 696 9.36 6.13 18.42
C ASP A 696 8.07 6.74 17.94
N ARG A 697 8.13 7.54 16.89
CA ARG A 697 6.97 8.20 16.31
C ARG A 697 5.96 7.20 15.74
N GLN A 698 6.45 6.13 15.07
CA GLN A 698 5.61 5.09 14.48
C GLN A 698 4.92 4.28 15.58
N VAL A 699 5.66 3.91 16.63
CA VAL A 699 5.17 3.15 17.77
C VAL A 699 4.10 3.96 18.52
N ALA A 700 4.36 5.25 18.82
CA ALA A 700 3.40 6.14 19.49
C ALA A 700 2.12 6.29 18.65
N THR A 701 2.26 6.58 17.35
CA THR A 701 1.14 6.73 16.41
C THR A 701 0.27 5.46 16.35
N TRP A 702 0.90 4.29 16.22
CA TRP A 702 0.14 3.06 16.17
C TRP A 702 -0.65 2.81 17.46
N ILE A 703 0.00 2.97 18.63
CA ILE A 703 -0.64 2.79 19.94
C ILE A 703 -1.85 3.72 20.08
N GLU A 704 -1.68 5.02 19.76
CA GLU A 704 -2.74 6.01 19.86
C GLU A 704 -3.91 5.77 18.95
N GLU A 705 -3.66 5.19 17.77
CA GLU A 705 -4.70 4.81 16.82
C GLU A 705 -5.44 3.54 17.29
N ASN A 706 -4.83 2.75 18.18
CA ASN A 706 -5.32 1.45 18.62
C ASN A 706 -5.61 1.25 20.09
N TYR A 707 -5.70 2.32 20.88
CA TYR A 707 -5.98 2.24 22.32
C TYR A 707 -7.18 1.34 22.69
N LYS A 708 -8.32 1.51 21.97
CA LYS A 708 -9.55 0.76 22.20
C LYS A 708 -9.43 -0.69 21.76
N THR A 709 -8.67 -0.94 20.66
CA THR A 709 -8.37 -2.27 20.13
C THR A 709 -7.46 -3.02 21.09
N LEU A 710 -6.50 -2.31 21.69
CA LEU A 710 -5.58 -2.85 22.68
C LEU A 710 -6.36 -3.16 23.97
N ASP A 711 -7.33 -2.30 24.32
CA ASP A 711 -8.24 -2.49 25.46
C ASP A 711 -9.02 -3.81 25.30
N ASP A 712 -9.55 -4.07 24.07
CA ASP A 712 -10.28 -5.30 23.70
C ASP A 712 -9.40 -6.52 23.92
N LYS A 713 -8.11 -6.43 23.52
CA LYS A 713 -7.11 -7.48 23.67
C LYS A 713 -6.83 -7.71 25.18
N LEU A 714 -6.56 -6.65 25.95
CA LEU A 714 -6.32 -6.71 27.41
C LEU A 714 -7.52 -7.32 28.18
N LYS A 715 -8.76 -6.91 27.84
CA LYS A 715 -9.99 -7.44 28.45
C LYS A 715 -10.18 -8.93 28.13
N GLY A 716 -9.74 -9.38 26.96
CA GLY A 716 -9.78 -10.78 26.54
C GLY A 716 -8.75 -11.64 27.26
N LEU A 717 -7.65 -11.02 27.72
CA LEU A 717 -6.58 -11.65 28.49
C LEU A 717 -7.05 -11.96 29.93
N LYS A 718 -8.29 -11.53 30.29
CA LYS A 718 -8.96 -11.79 31.56
C LYS A 718 -9.65 -13.18 31.50
N LEU A 719 -8.94 -14.14 30.92
CA LEU A 719 -9.27 -15.56 30.78
C LEU A 719 -8.25 -16.25 31.68
N GLU A 720 -7.52 -15.43 32.47
CA GLU A 720 -6.47 -15.80 33.41
C GLU A 720 -7.01 -16.32 34.74
N SER A 721 -6.52 -17.51 35.14
CA SER A 721 -6.82 -18.20 36.39
C SER A 721 -5.46 -18.64 36.94
N PHE A 722 -4.82 -17.72 37.69
CA PHE A 722 -3.49 -17.93 38.26
C PHE A 722 -3.48 -17.97 39.79
N ALA A 723 -3.10 -19.15 40.33
CA ALA A 723 -3.00 -19.45 41.76
C ALA A 723 -1.62 -20.03 42.11
N LEU B 8 -16.14 6.55 26.96
CA LEU B 8 -14.80 6.77 26.41
C LEU B 8 -14.16 5.46 25.88
N ARG B 9 -13.63 4.63 26.81
CA ARG B 9 -12.97 3.34 26.56
C ARG B 9 -11.74 3.33 25.60
N PRO B 10 -10.50 3.15 26.12
CA PRO B 10 -10.13 3.09 27.54
C PRO B 10 -9.95 4.46 28.15
N ILE B 11 -10.07 4.53 29.45
CA ILE B 11 -9.94 5.76 30.21
C ILE B 11 -8.47 5.92 30.65
N ALA B 12 -8.04 7.18 30.90
CA ALA B 12 -6.70 7.51 31.42
C ALA B 12 -5.52 7.15 30.50
N THR B 13 -5.66 7.39 29.22
CA THR B 13 -4.58 7.17 28.24
C THR B 13 -3.68 8.42 28.23
N PRO B 14 -2.35 8.29 27.95
CA PRO B 14 -1.48 9.49 27.94
C PRO B 14 -1.91 10.53 26.88
N TYR B 15 -2.41 10.06 25.75
CA TYR B 15 -2.91 10.89 24.65
C TYR B 15 -4.38 10.59 24.27
N PRO B 16 -5.05 11.46 23.45
CA PRO B 16 -6.46 11.18 23.09
C PRO B 16 -6.71 9.85 22.37
N VAL B 17 -7.87 9.22 22.70
CA VAL B 17 -8.29 7.95 22.10
C VAL B 17 -8.91 8.25 20.74
N LYS B 18 -8.13 8.04 19.65
CA LYS B 18 -8.52 8.30 18.25
C LYS B 18 -9.75 7.47 17.79
N GLU B 19 -9.92 6.28 18.36
CA GLU B 19 -11.03 5.36 18.07
C GLU B 19 -12.33 5.83 18.76
N TRP B 20 -12.23 6.78 19.70
CA TRP B 20 -13.36 7.39 20.40
C TRP B 20 -13.71 8.74 19.74
N LEU B 21 -12.68 9.56 19.41
CA LEU B 21 -12.83 10.86 18.72
C LEU B 21 -13.53 10.61 17.38
N GLN B 22 -13.11 9.57 16.64
CA GLN B 22 -13.74 9.14 15.40
C GLN B 22 -14.11 7.65 15.51
N PRO B 23 -15.35 7.30 15.94
CA PRO B 23 -15.73 5.88 16.09
C PRO B 23 -15.62 5.01 14.84
N LYS B 24 -15.59 5.64 13.65
CA LYS B 24 -15.42 5.00 12.36
C LYS B 24 -14.04 4.35 12.26
N ARG B 25 -13.02 4.92 12.97
CA ARG B 25 -11.66 4.34 13.05
C ARG B 25 -11.72 2.98 13.72
N TYR B 26 -12.53 2.87 14.78
CA TYR B 26 -12.74 1.63 15.53
C TYR B 26 -13.49 0.56 14.70
N LYS B 27 -14.48 1.01 13.92
CA LYS B 27 -15.25 0.17 13.00
C LYS B 27 -14.35 -0.43 11.91
N ALA B 28 -13.45 0.37 11.32
CA ALA B 28 -12.47 -0.12 10.34
C ALA B 28 -11.55 -1.17 10.97
N HIS B 29 -11.07 -0.93 12.21
CA HIS B 29 -10.22 -1.85 12.96
C HIS B 29 -10.92 -3.15 13.26
N LEU B 30 -12.21 -3.10 13.70
CA LEU B 30 -13.04 -4.31 13.95
C LEU B 30 -13.17 -5.13 12.64
N MET B 31 -13.15 -4.48 11.48
CA MET B 31 -13.22 -5.18 10.20
C MET B 31 -11.82 -5.58 9.62
N GLY B 32 -10.80 -5.55 10.49
CA GLY B 32 -9.43 -5.94 10.19
C GLY B 32 -8.69 -5.09 9.18
N THR B 33 -9.02 -3.79 9.11
CA THR B 33 -8.35 -2.90 8.17
C THR B 33 -8.00 -1.54 8.80
N THR B 34 -7.09 -0.80 8.14
CA THR B 34 -6.67 0.55 8.47
C THR B 34 -7.83 1.52 8.09
N TYR B 35 -8.17 2.43 8.98
CA TYR B 35 -9.18 3.44 8.68
C TYR B 35 -8.68 4.35 7.53
N VAL B 36 -9.54 4.61 6.50
CA VAL B 36 -9.17 5.40 5.32
C VAL B 36 -8.30 6.62 5.57
N TYR B 37 -8.70 7.47 6.53
CA TYR B 37 -8.01 8.70 6.87
C TYR B 37 -6.62 8.53 7.50
N ASP B 38 -6.29 7.29 7.91
CA ASP B 38 -5.00 6.90 8.49
C ASP B 38 -4.04 6.36 7.44
N PHE B 39 -4.49 6.12 6.20
CA PHE B 39 -3.64 5.63 5.13
C PHE B 39 -2.55 6.66 4.70
N PRO B 40 -2.84 7.97 4.54
CA PRO B 40 -1.75 8.92 4.23
C PRO B 40 -0.56 8.85 5.21
N GLU B 41 -0.83 8.58 6.52
CA GLU B 41 0.20 8.41 7.56
C GLU B 41 1.07 7.16 7.31
N LEU B 42 0.47 6.07 6.79
CA LEU B 42 1.19 4.84 6.42
C LEU B 42 2.15 5.12 5.25
N PHE B 43 1.73 5.98 4.29
CA PHE B 43 2.52 6.45 3.15
C PHE B 43 3.69 7.33 3.63
N ARG B 44 3.45 8.19 4.65
CA ARG B 44 4.50 9.01 5.26
C ARG B 44 5.56 8.13 5.93
N GLN B 45 5.11 7.16 6.76
CA GLN B 45 5.95 6.17 7.43
C GLN B 45 6.80 5.37 6.43
N ALA B 46 6.19 4.85 5.35
CA ALA B 46 6.84 4.08 4.29
C ALA B 46 7.87 4.90 3.48
N SER B 47 7.57 6.18 3.19
CA SER B 47 8.47 7.10 2.48
C SER B 47 9.65 7.49 3.39
N SER B 48 9.40 7.67 4.72
CA SER B 48 10.46 7.94 5.70
C SER B 48 11.43 6.76 5.76
N SER B 49 10.90 5.51 5.72
CA SER B 49 11.69 4.26 5.68
C SER B 49 12.54 4.15 4.41
N GLN B 50 12.01 4.61 3.26
CA GLN B 50 12.70 4.65 1.97
C GLN B 50 14.00 5.44 2.10
N TRP B 51 13.92 6.63 2.72
CA TRP B 51 15.07 7.51 2.99
C TRP B 51 16.08 6.87 3.93
N LYS B 52 15.60 6.19 4.99
CA LYS B 52 16.43 5.51 5.99
C LYS B 52 17.24 4.37 5.39
N ASN B 53 16.65 3.58 4.50
CA ASN B 53 17.30 2.48 3.79
C ASN B 53 18.29 3.01 2.76
N PHE B 54 17.96 4.14 2.10
CA PHE B 54 18.82 4.79 1.11
C PHE B 54 20.06 5.45 1.75
N SER B 55 19.86 6.42 2.67
CA SER B 55 20.92 7.15 3.34
C SER B 55 20.51 7.36 4.77
N ALA B 56 20.99 6.48 5.67
CA ALA B 56 20.65 6.49 7.11
C ALA B 56 20.81 7.85 7.80
N ASP B 57 21.79 8.66 7.36
CA ASP B 57 22.08 9.95 7.95
C ASP B 57 21.23 11.13 7.47
N VAL B 58 20.31 10.88 6.54
CA VAL B 58 19.40 11.90 6.02
C VAL B 58 18.46 12.46 7.12
N LYS B 59 18.31 13.80 7.15
CA LYS B 59 17.50 14.50 8.14
C LYS B 59 16.19 14.93 7.47
N LEU B 60 15.10 14.22 7.76
CA LEU B 60 13.81 14.57 7.17
C LEU B 60 13.02 15.44 8.11
N THR B 61 12.31 16.40 7.53
CA THR B 61 11.37 17.27 8.23
C THR B 61 10.00 16.93 7.65
N ASP B 62 8.91 17.25 8.35
CA ASP B 62 7.55 16.96 7.90
C ASP B 62 7.12 17.53 6.54
N ASP B 63 7.84 18.56 6.03
CA ASP B 63 7.56 19.16 4.72
C ASP B 63 8.03 18.29 3.52
N PHE B 64 8.67 17.13 3.81
CA PHE B 64 9.12 16.16 2.80
C PHE B 64 7.89 15.43 2.24
N PHE B 65 6.78 15.38 3.01
CA PHE B 65 5.57 14.67 2.67
C PHE B 65 4.34 15.55 2.92
N ILE B 66 3.46 15.64 1.92
CA ILE B 66 2.22 16.42 1.98
C ILE B 66 1.08 15.56 1.43
N SER B 67 -0.02 15.45 2.19
CA SER B 67 -1.21 14.75 1.75
C SER B 67 -2.36 15.77 1.83
N ASN B 68 -3.07 15.96 0.72
CA ASN B 68 -4.21 16.88 0.67
C ASN B 68 -5.39 16.11 0.17
N GLU B 69 -6.45 16.03 0.98
CA GLU B 69 -7.68 15.36 0.56
C GLU B 69 -8.29 16.08 -0.67
N LEU B 70 -8.77 15.28 -1.63
CA LEU B 70 -9.47 15.79 -2.81
C LEU B 70 -10.97 15.52 -2.66
N ILE B 71 -11.77 16.58 -2.78
CA ILE B 71 -13.23 16.44 -2.75
C ILE B 71 -13.79 17.18 -3.97
N GLU B 72 -15.02 16.91 -4.31
CA GLU B 72 -15.67 17.64 -5.40
C GLU B 72 -16.31 18.90 -4.86
N ASP B 73 -16.11 20.02 -5.56
CA ASP B 73 -16.75 21.29 -5.22
C ASP B 73 -18.21 21.27 -5.73
N GLU B 74 -18.93 22.41 -5.58
CA GLU B 74 -20.35 22.62 -5.99
C GLU B 74 -20.61 22.21 -7.45
N ASN B 75 -19.64 22.48 -8.35
CA ASN B 75 -19.64 22.20 -9.79
C ASN B 75 -19.12 20.82 -10.17
N GLY B 76 -18.82 19.99 -9.16
CA GLY B 76 -18.30 18.65 -9.37
C GLY B 76 -16.82 18.59 -9.72
N GLU B 77 -16.12 19.72 -9.58
CA GLU B 77 -14.69 19.78 -9.87
C GLU B 77 -13.86 19.44 -8.62
N LEU B 78 -12.78 18.66 -8.80
CA LEU B 78 -11.91 18.27 -7.68
C LEU B 78 -11.13 19.44 -7.10
N THR B 79 -11.16 19.57 -5.79
CA THR B 79 -10.46 20.62 -5.06
C THR B 79 -9.80 20.05 -3.82
N GLU B 80 -8.67 20.65 -3.41
CA GLU B 80 -7.96 20.20 -2.21
C GLU B 80 -8.63 20.79 -0.97
N VAL B 81 -8.78 19.96 0.09
CA VAL B 81 -9.39 20.35 1.37
C VAL B 81 -8.59 19.87 2.56
N GLU B 82 -8.81 20.53 3.71
CA GLU B 82 -8.28 20.20 5.02
C GLU B 82 -9.50 20.17 5.90
N ARG B 83 -9.94 18.99 6.27
CA ARG B 83 -11.16 18.83 7.08
C ARG B 83 -10.93 17.71 8.12
N GLU B 84 -11.81 17.60 9.12
CA GLU B 84 -11.67 16.52 10.11
C GLU B 84 -12.03 15.17 9.47
N PRO B 85 -11.26 14.08 9.75
CA PRO B 85 -11.59 12.77 9.17
C PRO B 85 -13.01 12.30 9.53
N GLY B 86 -13.64 11.58 8.61
CA GLY B 86 -14.98 11.04 8.82
C GLY B 86 -16.13 11.94 8.38
N ALA B 87 -15.83 13.10 7.80
CA ALA B 87 -16.86 14.03 7.32
C ALA B 87 -17.26 13.73 5.85
N ASN B 88 -16.70 12.67 5.25
CA ASN B 88 -17.01 12.25 3.88
C ASN B 88 -18.50 11.89 3.74
N ALA B 89 -19.18 12.55 2.79
CA ALA B 89 -20.60 12.30 2.51
C ALA B 89 -20.79 11.15 1.51
N ILE B 90 -19.68 10.62 0.92
CA ILE B 90 -19.68 9.46 0.02
C ILE B 90 -18.69 8.42 0.54
N GLY B 91 -18.81 7.16 0.08
CA GLY B 91 -17.97 6.06 0.52
C GLY B 91 -16.67 5.84 -0.23
N MET B 92 -16.20 6.89 -0.90
CA MET B 92 -14.97 6.90 -1.69
C MET B 92 -14.26 8.20 -1.37
N VAL B 93 -12.97 8.08 -1.02
CA VAL B 93 -12.12 9.21 -0.64
C VAL B 93 -10.84 9.21 -1.46
N ALA B 94 -10.21 10.39 -1.60
CA ALA B 94 -8.98 10.51 -2.36
C ALA B 94 -8.07 11.56 -1.78
N PHE B 95 -6.77 11.35 -1.97
CA PHE B 95 -5.70 12.23 -1.48
C PHE B 95 -4.71 12.50 -2.58
N LYS B 96 -4.24 13.74 -2.68
CA LYS B 96 -3.14 14.04 -3.60
C LYS B 96 -1.90 14.07 -2.72
N ILE B 97 -0.95 13.17 -3.01
CA ILE B 97 0.31 13.10 -2.25
C ILE B 97 1.49 13.74 -3.01
N THR B 98 2.25 14.62 -2.32
CA THR B 98 3.46 15.25 -2.82
C THR B 98 4.54 14.81 -1.84
N VAL B 99 5.47 13.97 -2.33
CA VAL B 99 6.55 13.41 -1.49
C VAL B 99 7.93 13.55 -2.14
N LYS B 100 8.93 13.98 -1.33
CA LYS B 100 10.34 14.05 -1.73
C LYS B 100 10.91 12.65 -1.46
N THR B 101 11.37 11.95 -2.51
CA THR B 101 11.88 10.59 -2.38
C THR B 101 13.36 10.53 -2.77
N PRO B 102 14.14 9.45 -2.46
CA PRO B 102 15.55 9.41 -2.92
C PRO B 102 15.71 9.62 -4.45
N GLU B 103 14.75 9.13 -5.26
CA GLU B 103 14.79 9.27 -6.73
C GLU B 103 14.25 10.64 -7.22
N TYR B 104 13.39 11.29 -6.42
CA TYR B 104 12.82 12.61 -6.68
C TYR B 104 12.95 13.48 -5.42
N PRO B 105 14.19 13.91 -5.05
CA PRO B 105 14.38 14.70 -3.82
C PRO B 105 13.69 16.06 -3.76
N ARG B 106 13.25 16.59 -4.93
CA ARG B 106 12.52 17.86 -5.00
C ARG B 106 11.01 17.59 -5.02
N GLY B 107 10.61 16.31 -5.09
CA GLY B 107 9.21 15.90 -5.03
C GLY B 107 8.63 15.18 -6.24
N ARG B 108 7.72 14.24 -5.96
CA ARG B 108 6.91 13.48 -6.93
C ARG B 108 5.47 13.46 -6.41
N GLN B 109 4.51 13.38 -7.32
CA GLN B 109 3.09 13.37 -6.94
C GLN B 109 2.38 12.13 -7.46
N PHE B 110 1.29 11.78 -6.75
CA PHE B 110 0.40 10.68 -7.10
C PHE B 110 -0.93 10.86 -6.37
N VAL B 111 -1.96 10.17 -6.84
CA VAL B 111 -3.23 10.21 -6.15
C VAL B 111 -3.48 8.89 -5.46
N VAL B 112 -4.14 8.93 -4.32
CA VAL B 112 -4.59 7.73 -3.63
C VAL B 112 -6.11 7.78 -3.63
N VAL B 113 -6.80 6.77 -4.20
CA VAL B 113 -8.28 6.62 -4.17
C VAL B 113 -8.56 5.44 -3.26
N ALA B 114 -9.61 5.52 -2.45
CA ALA B 114 -9.88 4.43 -1.54
C ALA B 114 -11.32 4.37 -1.18
N ASN B 115 -11.83 3.13 -1.02
CA ASN B 115 -13.18 2.93 -0.51
C ASN B 115 -13.14 3.20 0.98
N ASP B 116 -14.25 3.67 1.55
CA ASP B 116 -14.38 3.79 2.99
C ASP B 116 -15.22 2.60 3.44
N ILE B 117 -14.58 1.55 4.00
CA ILE B 117 -15.27 0.33 4.48
C ILE B 117 -16.34 0.63 5.56
N THR B 118 -16.21 1.77 6.25
CA THR B 118 -17.15 2.18 7.31
C THR B 118 -18.41 2.84 6.72
N PHE B 119 -18.34 3.31 5.46
CA PHE B 119 -19.45 3.98 4.77
C PHE B 119 -20.23 2.95 3.95
N LYS B 120 -21.40 2.56 4.44
CA LYS B 120 -22.29 1.58 3.81
C LYS B 120 -21.52 0.35 3.30
N ILE B 121 -20.67 -0.22 4.20
CA ILE B 121 -19.81 -1.41 3.97
C ILE B 121 -18.84 -1.31 2.76
N GLY B 122 -18.50 -0.07 2.40
CA GLY B 122 -17.59 0.23 1.31
C GLY B 122 -18.21 -0.08 -0.03
N SER B 123 -19.56 -0.15 -0.10
CA SER B 123 -20.30 -0.44 -1.31
C SER B 123 -20.13 0.66 -2.36
N PHE B 124 -20.23 0.29 -3.63
CA PHE B 124 -20.12 1.27 -4.70
C PHE B 124 -21.51 1.67 -5.17
N GLY B 125 -21.89 2.91 -4.85
CA GLY B 125 -23.12 3.51 -5.34
C GLY B 125 -22.76 4.41 -6.51
N PRO B 126 -23.75 5.01 -7.21
CA PRO B 126 -23.40 5.91 -8.34
C PRO B 126 -22.45 7.07 -8.03
N GLN B 127 -22.55 7.65 -6.83
CA GLN B 127 -21.72 8.77 -6.36
C GLN B 127 -20.27 8.40 -6.13
N GLU B 128 -20.02 7.18 -5.61
CA GLU B 128 -18.67 6.63 -5.39
C GLU B 128 -18.04 6.33 -6.72
N ASP B 129 -18.84 5.84 -7.68
CA ASP B 129 -18.39 5.49 -9.03
C ASP B 129 -17.99 6.75 -9.80
N GLU B 130 -18.83 7.76 -9.75
CA GLU B 130 -18.55 9.02 -10.42
C GLU B 130 -17.33 9.76 -9.84
N PHE B 131 -17.12 9.68 -8.51
CA PHE B 131 -15.95 10.27 -7.84
C PHE B 131 -14.66 9.49 -8.21
N PHE B 132 -14.72 8.15 -8.18
CA PHE B 132 -13.57 7.29 -8.56
C PHE B 132 -13.15 7.56 -10.02
N ASN B 133 -14.11 7.76 -10.93
CA ASN B 133 -13.87 8.07 -12.34
C ASN B 133 -13.23 9.47 -12.48
N LYS B 134 -13.77 10.46 -11.75
CA LYS B 134 -13.28 11.83 -11.74
C LYS B 134 -11.79 11.88 -11.26
N VAL B 135 -11.45 11.08 -10.23
CA VAL B 135 -10.11 10.95 -9.65
C VAL B 135 -9.16 10.26 -10.64
N THR B 136 -9.64 9.21 -11.34
CA THR B 136 -8.87 8.52 -12.39
C THR B 136 -8.51 9.47 -13.53
N GLU B 137 -9.48 10.28 -13.99
CA GLU B 137 -9.29 11.25 -15.06
C GLU B 137 -8.34 12.38 -14.67
N TYR B 138 -8.42 12.82 -13.40
CA TYR B 138 -7.56 13.82 -12.76
C TYR B 138 -6.08 13.36 -12.85
N ALA B 139 -5.79 12.13 -12.41
CA ALA B 139 -4.46 11.52 -12.49
C ALA B 139 -4.00 11.36 -13.96
N ARG B 140 -4.87 10.87 -14.84
CA ARG B 140 -4.58 10.66 -16.26
C ARG B 140 -4.21 11.95 -16.98
N LYS B 141 -4.99 13.02 -16.77
CA LYS B 141 -4.75 14.36 -17.33
C LYS B 141 -3.36 14.89 -16.89
N ARG B 142 -2.97 14.65 -15.64
CA ARG B 142 -1.69 15.09 -15.06
C ARG B 142 -0.50 14.15 -15.33
N GLY B 143 -0.79 12.93 -15.77
CA GLY B 143 0.22 11.89 -16.03
C GLY B 143 0.75 11.21 -14.79
N ILE B 144 0.15 11.47 -13.63
CA ILE B 144 0.63 10.97 -12.33
C ILE B 144 0.06 9.60 -11.93
N PRO B 145 0.79 8.78 -11.14
CA PRO B 145 0.25 7.48 -10.73
C PRO B 145 -1.06 7.51 -9.97
N ARG B 146 -1.92 6.48 -10.16
CA ARG B 146 -3.17 6.30 -9.44
C ARG B 146 -3.05 5.05 -8.59
N ILE B 147 -3.06 5.22 -7.25
CA ILE B 147 -3.01 4.12 -6.27
C ILE B 147 -4.44 3.92 -5.80
N TYR B 148 -4.94 2.69 -5.89
CA TYR B 148 -6.28 2.37 -5.39
C TYR B 148 -6.18 1.44 -4.16
N LEU B 149 -6.84 1.84 -3.06
CA LEU B 149 -6.88 1.01 -1.84
C LEU B 149 -8.29 0.40 -1.81
N ALA B 150 -8.38 -0.90 -2.10
CA ALA B 150 -9.61 -1.67 -2.22
C ALA B 150 -10.06 -2.30 -0.90
N ALA B 151 -11.21 -1.86 -0.38
CA ALA B 151 -11.83 -2.31 0.87
C ALA B 151 -13.33 -2.11 0.67
N ASN B 152 -13.98 -3.10 0.05
CA ASN B 152 -15.37 -2.93 -0.34
C ASN B 152 -16.25 -4.18 -0.32
N SER B 153 -17.53 -3.97 -0.65
CA SER B 153 -18.59 -4.97 -0.73
C SER B 153 -19.25 -5.02 -2.12
N GLY B 154 -18.59 -4.46 -3.13
CA GLY B 154 -19.09 -4.40 -4.50
C GLY B 154 -20.19 -3.37 -4.66
N ALA B 155 -20.94 -3.49 -5.78
CA ALA B 155 -22.07 -2.61 -6.09
C ALA B 155 -23.11 -2.60 -4.97
N ARG B 156 -23.61 -1.41 -4.65
CA ARG B 156 -24.63 -1.19 -3.64
C ARG B 156 -25.93 -1.85 -4.08
N ILE B 157 -26.63 -2.50 -3.13
CA ILE B 157 -27.90 -3.18 -3.36
C ILE B 157 -28.97 -2.59 -2.46
N GLY B 158 -30.15 -2.38 -3.01
CA GLY B 158 -31.29 -1.83 -2.29
C GLY B 158 -32.64 -2.20 -2.86
N MET B 159 -33.69 -1.80 -2.15
CA MET B 159 -35.10 -1.96 -2.49
C MET B 159 -35.81 -0.66 -2.19
N ALA B 160 -37.01 -0.45 -2.77
CA ALA B 160 -37.82 0.73 -2.50
C ALA B 160 -38.51 0.49 -1.14
N GLU B 161 -37.84 0.96 -0.07
CA GLU B 161 -38.26 0.81 1.32
C GLU B 161 -39.59 1.50 1.68
N GLU B 162 -39.97 2.52 0.90
CA GLU B 162 -41.22 3.26 1.08
C GLU B 162 -42.46 2.46 0.63
N ILE B 163 -42.27 1.48 -0.29
CA ILE B 163 -43.34 0.62 -0.84
C ILE B 163 -43.60 -0.58 0.08
N VAL B 164 -42.59 -0.97 0.89
CA VAL B 164 -42.65 -2.07 1.86
C VAL B 164 -43.89 -1.95 2.80
N PRO B 165 -44.17 -0.80 3.48
CA PRO B 165 -45.36 -0.75 4.34
C PRO B 165 -46.67 -0.42 3.61
N LEU B 166 -46.62 -0.22 2.29
CA LEU B 166 -47.78 0.18 1.49
C LEU B 166 -48.43 -0.90 0.64
N PHE B 167 -47.62 -1.78 0.01
CA PHE B 167 -48.11 -2.82 -0.91
C PHE B 167 -49.13 -3.77 -0.31
N GLN B 168 -50.07 -4.20 -1.13
CA GLN B 168 -51.12 -5.13 -0.76
C GLN B 168 -51.00 -6.36 -1.64
N VAL B 169 -51.64 -7.48 -1.22
CA VAL B 169 -51.59 -8.74 -1.93
C VAL B 169 -52.97 -9.15 -2.43
N ALA B 170 -53.08 -9.40 -3.76
CA ALA B 170 -54.30 -9.85 -4.41
C ALA B 170 -54.30 -11.39 -4.32
N TRP B 171 -54.75 -11.90 -3.14
CA TRP B 171 -54.86 -13.31 -2.79
C TRP B 171 -55.84 -14.05 -3.69
N ASN B 172 -55.53 -15.31 -4.04
CA ASN B 172 -56.40 -16.15 -4.85
C ASN B 172 -57.66 -16.48 -4.01
N ASP B 173 -57.43 -16.80 -2.73
CA ASP B 173 -58.44 -17.08 -1.72
C ASP B 173 -57.97 -16.35 -0.47
N ALA B 174 -58.60 -15.22 -0.15
CA ALA B 174 -58.27 -14.38 1.00
C ALA B 174 -58.15 -15.13 2.34
N ALA B 175 -59.02 -16.15 2.57
CA ALA B 175 -59.04 -16.97 3.79
C ALA B 175 -57.81 -17.89 3.90
N ASN B 176 -57.29 -18.38 2.75
CA ASN B 176 -56.12 -19.25 2.67
C ASN B 176 -54.96 -18.58 1.92
N PRO B 177 -54.10 -17.80 2.62
CA PRO B 177 -52.96 -17.13 1.95
C PRO B 177 -52.00 -18.08 1.22
N ASP B 178 -51.79 -19.29 1.81
CA ASP B 178 -50.95 -20.36 1.28
C ASP B 178 -51.33 -20.84 -0.13
N LYS B 179 -52.59 -20.62 -0.55
CA LYS B 179 -53.10 -21.03 -1.86
C LYS B 179 -52.57 -20.19 -3.03
N GLY B 180 -51.90 -19.07 -2.73
CA GLY B 180 -51.30 -18.21 -3.73
C GLY B 180 -51.83 -16.80 -3.83
N PHE B 181 -51.27 -16.04 -4.79
CA PHE B 181 -51.60 -14.64 -5.10
C PHE B 181 -51.44 -14.34 -6.59
N GLN B 182 -52.21 -13.36 -7.10
CA GLN B 182 -52.20 -12.95 -8.51
C GLN B 182 -51.22 -11.81 -8.81
N TYR B 183 -51.21 -10.77 -7.95
CA TYR B 183 -50.37 -9.60 -8.11
C TYR B 183 -50.22 -8.84 -6.78
N LEU B 184 -49.35 -7.83 -6.79
CA LEU B 184 -49.13 -6.90 -5.69
C LEU B 184 -49.76 -5.58 -6.14
N TYR B 185 -50.42 -4.86 -5.22
CA TYR B 185 -51.10 -3.61 -5.55
C TYR B 185 -51.03 -2.57 -4.44
N LEU B 186 -51.47 -1.34 -4.76
CA LEU B 186 -51.58 -0.22 -3.82
C LEU B 186 -53.04 0.23 -3.76
N THR B 187 -53.45 0.77 -2.62
CA THR B 187 -54.79 1.31 -2.43
C THR B 187 -54.71 2.82 -2.73
N SER B 188 -55.87 3.50 -2.74
CA SER B 188 -55.99 4.95 -2.93
C SER B 188 -55.17 5.67 -1.85
N GLU B 189 -55.20 5.13 -0.61
CA GLU B 189 -54.47 5.61 0.57
C GLU B 189 -52.98 5.47 0.34
N GLY B 190 -52.59 4.32 -0.21
CA GLY B 190 -51.19 4.00 -0.53
C GLY B 190 -50.66 4.98 -1.56
N MET B 191 -51.44 5.21 -2.62
CA MET B 191 -51.16 6.18 -3.70
C MET B 191 -51.06 7.60 -3.12
N GLU B 192 -51.99 7.96 -2.22
CA GLU B 192 -52.04 9.27 -1.55
C GLU B 192 -50.82 9.49 -0.65
N THR B 193 -50.38 8.45 0.11
CA THR B 193 -49.18 8.48 0.97
C THR B 193 -47.94 8.85 0.13
N LEU B 194 -47.84 8.27 -1.09
CA LEU B 194 -46.78 8.50 -2.08
C LEU B 194 -46.86 9.92 -2.64
N LYS B 195 -48.09 10.37 -3.00
CA LYS B 195 -48.39 11.72 -3.51
C LYS B 195 -47.95 12.79 -2.47
N LYS B 196 -48.28 12.54 -1.18
CA LYS B 196 -47.97 13.39 -0.01
C LYS B 196 -46.45 13.59 0.16
N PHE B 197 -45.67 12.49 0.23
CA PHE B 197 -44.21 12.55 0.40
C PHE B 197 -43.39 12.80 -0.88
N ASP B 198 -44.10 13.17 -1.98
CA ASP B 198 -43.56 13.46 -3.32
C ASP B 198 -42.72 12.29 -3.89
N LYS B 199 -43.25 11.07 -3.74
CA LYS B 199 -42.64 9.82 -4.20
C LYS B 199 -43.60 9.11 -5.17
N GLU B 200 -44.35 9.91 -5.96
CA GLU B 200 -45.32 9.47 -6.98
C GLU B 200 -44.70 8.51 -8.01
N ASN B 201 -43.46 8.80 -8.45
CA ASN B 201 -42.75 8.00 -9.45
C ASN B 201 -41.97 6.78 -8.89
N SER B 202 -42.21 6.41 -7.60
CA SER B 202 -41.57 5.26 -6.93
C SER B 202 -42.08 3.93 -7.50
N VAL B 203 -43.31 3.92 -8.04
CA VAL B 203 -43.97 2.78 -8.65
C VAL B 203 -44.66 3.17 -9.97
N LEU B 204 -44.80 2.18 -10.86
CA LEU B 204 -45.54 2.29 -12.11
C LEU B 204 -46.74 1.39 -11.89
N THR B 205 -47.95 1.98 -11.95
CA THR B 205 -49.17 1.24 -11.67
C THR B 205 -50.15 1.25 -12.85
N GLU B 206 -51.14 0.35 -12.76
CA GLU B 206 -52.21 0.26 -13.74
C GLU B 206 -53.48 0.14 -12.93
N ARG B 207 -54.36 1.15 -13.03
CA ARG B 207 -55.62 1.10 -12.26
C ARG B 207 -56.59 0.05 -12.75
N THR B 208 -57.16 -0.67 -11.78
CA THR B 208 -58.20 -1.70 -11.96
C THR B 208 -59.25 -1.56 -10.85
N VAL B 209 -60.45 -2.03 -11.10
CA VAL B 209 -61.50 -1.98 -10.10
C VAL B 209 -62.09 -3.38 -9.91
N ILE B 210 -61.96 -3.95 -8.70
CA ILE B 210 -62.47 -5.29 -8.40
C ILE B 210 -63.42 -5.31 -7.20
N ASN B 211 -64.69 -5.75 -7.45
CA ASN B 211 -65.80 -5.79 -6.49
C ASN B 211 -66.11 -4.37 -5.96
N GLY B 212 -65.89 -3.37 -6.84
CA GLY B 212 -66.07 -1.95 -6.54
C GLY B 212 -64.90 -1.30 -5.82
N GLU B 213 -63.81 -2.08 -5.57
CA GLU B 213 -62.60 -1.60 -4.89
C GLU B 213 -61.57 -1.15 -5.92
N GLU B 214 -61.00 0.04 -5.69
CA GLU B 214 -59.96 0.63 -6.53
C GLU B 214 -58.62 0.02 -6.12
N ARG B 215 -58.00 -0.72 -7.06
CA ARG B 215 -56.70 -1.37 -6.87
C ARG B 215 -55.73 -0.84 -7.92
N PHE B 216 -54.56 -0.36 -7.46
CA PHE B 216 -53.49 0.15 -8.34
C PHE B 216 -52.40 -0.92 -8.43
N VAL B 217 -52.53 -1.82 -9.42
CA VAL B 217 -51.61 -2.95 -9.63
C VAL B 217 -50.20 -2.52 -9.98
N ILE B 218 -49.24 -2.91 -9.13
CA ILE B 218 -47.82 -2.59 -9.27
C ILE B 218 -47.22 -3.38 -10.46
N LYS B 219 -46.77 -2.64 -11.47
CA LYS B 219 -46.22 -3.18 -12.70
C LYS B 219 -44.70 -3.16 -12.65
N THR B 220 -44.13 -2.14 -11.97
CA THR B 220 -42.70 -1.97 -11.73
C THR B 220 -42.50 -1.16 -10.45
N ILE B 221 -41.49 -1.55 -9.64
CA ILE B 221 -41.06 -0.80 -8.46
C ILE B 221 -39.76 -0.09 -8.89
N ILE B 222 -39.71 1.25 -8.74
CA ILE B 222 -38.54 2.05 -9.12
C ILE B 222 -37.79 2.53 -7.89
N GLY B 223 -38.52 3.13 -6.94
CA GLY B 223 -37.96 3.68 -5.71
C GLY B 223 -37.50 5.11 -5.86
N SER B 224 -37.60 5.88 -4.77
CA SER B 224 -37.19 7.29 -4.70
C SER B 224 -35.68 7.40 -4.47
N GLU B 225 -35.12 6.44 -3.70
CA GLU B 225 -33.70 6.40 -3.36
C GLU B 225 -32.87 5.92 -4.56
N ASP B 226 -31.77 6.65 -4.81
CA ASP B 226 -30.83 6.31 -5.87
C ASP B 226 -29.79 5.35 -5.32
N GLY B 227 -29.35 4.41 -6.15
CA GLY B 227 -28.32 3.44 -5.77
C GLY B 227 -28.84 2.11 -5.30
N LEU B 228 -29.91 1.61 -5.93
CA LEU B 228 -30.61 0.36 -5.58
C LEU B 228 -30.19 -0.84 -6.46
N GLY B 229 -30.02 -0.63 -7.76
CA GLY B 229 -29.71 -1.72 -8.68
C GLY B 229 -28.89 -1.40 -9.89
N VAL B 230 -29.54 -1.44 -11.07
CA VAL B 230 -28.92 -1.25 -12.39
C VAL B 230 -28.04 -0.02 -12.55
N GLU B 231 -28.38 1.09 -11.86
CA GLU B 231 -27.62 2.35 -11.88
C GLU B 231 -26.28 2.16 -11.20
N CYS B 232 -26.18 1.19 -10.28
CA CYS B 232 -24.92 0.82 -9.62
C CYS B 232 -24.10 0.00 -10.56
N LEU B 233 -24.76 -0.80 -11.40
CA LEU B 233 -24.10 -1.63 -12.40
C LEU B 233 -23.55 -0.77 -13.53
N ARG B 234 -24.27 0.30 -13.90
CA ARG B 234 -23.82 1.26 -14.90
C ARG B 234 -22.55 1.98 -14.42
N GLY B 235 -22.56 2.44 -13.16
CA GLY B 235 -21.40 3.09 -12.55
C GLY B 235 -20.19 2.20 -12.44
N SER B 236 -20.42 0.89 -12.19
CA SER B 236 -19.38 -0.15 -12.14
C SER B 236 -18.72 -0.33 -13.53
N GLY B 237 -19.52 -0.35 -14.60
CA GLY B 237 -19.00 -0.46 -15.97
C GLY B 237 -18.15 0.75 -16.36
N LEU B 238 -18.62 1.95 -15.99
CA LEU B 238 -17.91 3.22 -16.18
C LEU B 238 -16.50 3.19 -15.60
N ILE B 239 -16.38 2.76 -14.33
CA ILE B 239 -15.09 2.69 -13.64
C ILE B 239 -14.21 1.51 -14.08
N ALA B 240 -14.83 0.42 -14.57
CA ALA B 240 -14.11 -0.73 -15.17
C ALA B 240 -13.39 -0.25 -16.46
N GLY B 241 -14.11 0.46 -17.33
CA GLY B 241 -13.58 1.01 -18.58
C GLY B 241 -12.52 2.06 -18.33
N ALA B 242 -12.73 2.90 -17.28
CA ALA B 242 -11.83 3.99 -16.85
C ALA B 242 -10.49 3.45 -16.43
N THR B 243 -10.49 2.31 -15.70
CA THR B 243 -9.32 1.61 -15.18
C THR B 243 -8.59 0.90 -16.30
N SER B 244 -9.33 0.24 -17.21
CA SER B 244 -8.77 -0.36 -18.44
C SER B 244 -7.93 0.71 -19.21
N ARG B 245 -8.48 1.94 -19.36
CA ARG B 245 -7.84 3.07 -20.03
C ARG B 245 -6.64 3.60 -19.26
N ALA B 246 -6.78 3.75 -17.93
CA ALA B 246 -5.74 4.28 -17.04
C ALA B 246 -4.47 3.42 -17.08
N TYR B 247 -4.63 2.07 -17.12
CA TYR B 247 -3.50 1.13 -17.21
C TYR B 247 -2.57 1.41 -18.43
N HIS B 248 -3.12 1.86 -19.54
CA HIS B 248 -2.33 2.14 -20.75
C HIS B 248 -1.72 3.52 -20.76
N ASP B 249 -2.04 4.34 -19.77
CA ASP B 249 -1.75 5.76 -19.70
C ASP B 249 -0.89 6.22 -18.54
N ILE B 250 -1.18 5.73 -17.34
CA ILE B 250 -0.47 6.13 -16.12
C ILE B 250 -0.09 4.88 -15.35
N PHE B 251 0.78 5.02 -14.36
CA PHE B 251 1.12 3.88 -13.51
C PHE B 251 -0.08 3.60 -12.57
N THR B 252 -0.68 2.41 -12.68
CA THR B 252 -1.81 1.97 -11.85
C THR B 252 -1.38 0.81 -10.90
N ILE B 253 -1.81 0.89 -9.66
CA ILE B 253 -1.54 -0.13 -8.65
C ILE B 253 -2.72 -0.18 -7.65
N THR B 254 -3.00 -1.36 -7.12
CA THR B 254 -4.07 -1.61 -6.14
C THR B 254 -3.54 -2.38 -4.95
N LEU B 255 -3.92 -1.94 -3.73
CA LEU B 255 -3.65 -2.65 -2.49
C LEU B 255 -5.02 -3.19 -2.03
N VAL B 256 -5.14 -4.52 -1.87
CA VAL B 256 -6.36 -5.16 -1.38
C VAL B 256 -6.20 -5.24 0.13
N THR B 257 -6.97 -4.40 0.83
CA THR B 257 -6.89 -4.20 2.27
C THR B 257 -7.97 -4.81 3.17
N CYS B 258 -9.16 -5.16 2.67
CA CYS B 258 -10.13 -5.76 3.63
C CYS B 258 -10.82 -6.97 3.01
N ARG B 259 -11.26 -6.75 1.77
CA ARG B 259 -11.96 -7.63 0.85
C ARG B 259 -12.29 -6.72 -0.32
N SER B 260 -12.32 -7.30 -1.51
CA SER B 260 -12.67 -6.58 -2.73
C SER B 260 -13.63 -7.52 -3.46
N VAL B 261 -14.89 -7.07 -3.59
CA VAL B 261 -16.00 -7.88 -4.12
C VAL B 261 -16.55 -7.32 -5.42
N GLY B 262 -16.86 -8.21 -6.37
CA GLY B 262 -17.49 -7.89 -7.65
C GLY B 262 -16.72 -6.88 -8.48
N ILE B 263 -17.27 -5.65 -8.62
CA ILE B 263 -16.56 -4.58 -9.33
C ILE B 263 -15.20 -4.36 -8.65
N GLY B 264 -15.16 -4.46 -7.31
CA GLY B 264 -13.92 -4.35 -6.55
C GLY B 264 -12.87 -5.33 -7.04
N ALA B 265 -13.25 -6.62 -7.31
CA ALA B 265 -12.36 -7.68 -7.82
C ALA B 265 -11.92 -7.36 -9.24
N TYR B 266 -12.84 -6.82 -10.07
CA TYR B 266 -12.52 -6.43 -11.44
C TYR B 266 -11.56 -5.24 -11.51
N LEU B 267 -11.69 -4.29 -10.57
CA LEU B 267 -10.80 -3.13 -10.49
C LEU B 267 -9.38 -3.53 -10.16
N VAL B 268 -9.23 -4.54 -9.28
CA VAL B 268 -7.92 -5.08 -8.89
C VAL B 268 -7.17 -5.55 -10.17
N ARG B 269 -7.86 -6.36 -10.99
CA ARG B 269 -7.35 -6.93 -12.23
C ARG B 269 -7.15 -5.90 -13.34
N LEU B 270 -8.12 -4.98 -13.56
CA LEU B 270 -8.04 -3.95 -14.60
C LEU B 270 -6.86 -2.96 -14.46
N GLY B 271 -6.48 -2.66 -13.21
CA GLY B 271 -5.33 -1.83 -12.88
C GLY B 271 -4.04 -2.63 -12.98
N GLN B 272 -4.16 -3.96 -13.14
CA GLN B 272 -3.10 -4.96 -13.35
C GLN B 272 -2.23 -5.26 -12.14
N ARG B 273 -1.40 -4.29 -11.73
CA ARG B 273 -0.45 -4.34 -10.61
C ARG B 273 -1.29 -4.37 -9.31
N ALA B 274 -1.18 -5.46 -8.57
CA ALA B 274 -1.95 -5.71 -7.35
C ALA B 274 -1.12 -6.36 -6.25
N ILE B 275 -1.30 -5.86 -5.02
CA ILE B 275 -0.66 -6.35 -3.78
C ILE B 275 -1.84 -6.75 -2.89
N GLN B 276 -1.85 -8.00 -2.45
CA GLN B 276 -2.94 -8.51 -1.61
C GLN B 276 -2.51 -8.71 -0.19
N VAL B 277 -3.16 -8.05 0.77
CA VAL B 277 -2.83 -8.28 2.19
C VAL B 277 -3.38 -9.70 2.54
N GLU B 278 -2.59 -10.50 3.27
CA GLU B 278 -2.95 -11.87 3.68
C GLU B 278 -4.26 -11.89 4.46
N GLY B 279 -5.13 -12.84 4.13
CA GLY B 279 -6.44 -12.98 4.75
C GLY B 279 -7.51 -12.04 4.22
N GLN B 280 -7.20 -11.24 3.15
CA GLN B 280 -8.15 -10.28 2.54
C GLN B 280 -8.57 -10.78 1.16
N PRO B 281 -9.83 -11.30 1.00
CA PRO B 281 -10.21 -11.94 -0.27
C PRO B 281 -10.62 -11.05 -1.43
N ILE B 282 -10.31 -11.52 -2.65
CA ILE B 282 -10.69 -10.93 -3.93
C ILE B 282 -11.73 -11.92 -4.49
N ILE B 283 -13.03 -11.59 -4.36
CA ILE B 283 -14.11 -12.49 -4.77
C ILE B 283 -15.13 -11.86 -5.74
N LEU B 284 -15.89 -12.72 -6.42
CA LEU B 284 -17.04 -12.34 -7.23
C LEU B 284 -18.23 -12.73 -6.36
N THR B 285 -18.96 -13.81 -6.65
CA THR B 285 -20.03 -14.31 -5.78
C THR B 285 -19.34 -15.03 -4.60
N GLY B 286 -19.83 -14.81 -3.38
CA GLY B 286 -19.31 -15.38 -2.15
C GLY B 286 -19.69 -16.82 -1.92
N ALA B 287 -18.96 -17.48 -1.02
CA ALA B 287 -19.14 -18.89 -0.68
C ALA B 287 -20.55 -19.31 -0.30
N SER B 288 -21.21 -18.58 0.62
CA SER B 288 -22.57 -18.94 1.04
C SER B 288 -23.65 -18.79 -0.06
N ALA B 289 -23.53 -17.78 -0.92
CA ALA B 289 -24.43 -17.58 -2.06
C ALA B 289 -24.21 -18.69 -3.10
N LEU B 290 -22.94 -19.06 -3.38
CA LEU B 290 -22.58 -20.15 -4.29
C LEU B 290 -23.16 -21.49 -3.78
N ASN B 291 -23.11 -21.73 -2.43
CA ASN B 291 -23.66 -22.92 -1.79
C ASN B 291 -25.18 -23.02 -1.95
N LYS B 292 -25.90 -21.87 -1.83
CA LYS B 292 -27.35 -21.78 -2.04
C LYS B 292 -27.70 -22.13 -3.48
N VAL B 293 -26.98 -21.55 -4.49
CA VAL B 293 -27.23 -21.85 -5.91
C VAL B 293 -26.92 -23.32 -6.27
N LEU B 294 -25.81 -23.87 -5.75
CA LEU B 294 -25.41 -25.26 -5.99
C LEU B 294 -26.22 -26.31 -5.20
N GLY B 295 -26.97 -25.85 -4.19
CA GLY B 295 -27.83 -26.70 -3.36
C GLY B 295 -27.13 -27.61 -2.37
N ARG B 296 -25.84 -27.37 -2.14
CA ARG B 296 -25.01 -28.12 -1.18
C ARG B 296 -23.90 -27.23 -0.60
N GLU B 297 -23.37 -27.60 0.58
CA GLU B 297 -22.30 -26.86 1.26
C GLU B 297 -20.95 -27.20 0.65
N VAL B 298 -20.67 -26.62 -0.54
CA VAL B 298 -19.47 -26.87 -1.32
C VAL B 298 -18.25 -26.15 -0.71
N TYR B 299 -18.40 -24.85 -0.49
CA TYR B 299 -17.35 -23.96 -0.01
C TYR B 299 -17.50 -23.63 1.45
N THR B 300 -16.34 -23.51 2.12
CA THR B 300 -16.28 -23.23 3.56
C THR B 300 -16.08 -21.75 3.90
N SER B 301 -15.37 -21.00 3.01
CA SER B 301 -15.08 -19.59 3.24
C SER B 301 -14.86 -18.80 1.94
N ASN B 302 -14.85 -17.45 2.04
CA ASN B 302 -14.54 -16.55 0.92
C ASN B 302 -13.05 -16.63 0.58
N LEU B 303 -12.20 -16.91 1.61
CA LEU B 303 -10.74 -17.04 1.45
C LEU B 303 -10.35 -18.26 0.63
N GLN B 304 -11.23 -19.26 0.59
CA GLN B 304 -11.08 -20.47 -0.22
C GLN B 304 -11.23 -20.12 -1.70
N LEU B 305 -12.06 -19.10 -2.00
CA LEU B 305 -12.35 -18.59 -3.34
C LEU B 305 -11.37 -17.52 -3.83
N GLY B 306 -11.00 -16.58 -2.95
CA GLY B 306 -10.14 -15.49 -3.33
C GLY B 306 -9.02 -15.07 -2.41
N GLY B 307 -8.55 -15.99 -1.56
CA GLY B 307 -7.39 -15.74 -0.70
C GLY B 307 -6.11 -15.69 -1.53
N THR B 308 -4.98 -15.33 -0.90
CA THR B 308 -3.67 -15.22 -1.57
C THR B 308 -3.22 -16.56 -2.20
N GLN B 309 -3.66 -17.70 -1.62
CA GLN B 309 -3.32 -19.03 -2.11
C GLN B 309 -4.01 -19.35 -3.45
N ILE B 310 -4.94 -18.46 -3.87
CA ILE B 310 -5.64 -18.50 -5.15
C ILE B 310 -4.99 -17.44 -6.06
N MET B 311 -5.05 -16.16 -5.63
CA MET B 311 -4.66 -14.95 -6.38
C MET B 311 -3.18 -14.68 -6.55
N TYR B 312 -2.38 -15.03 -5.55
CA TYR B 312 -0.93 -14.88 -5.65
C TYR B 312 -0.40 -16.03 -6.51
N ASN B 313 -0.93 -17.26 -6.33
CA ASN B 313 -0.56 -18.43 -7.15
C ASN B 313 -0.98 -18.31 -8.64
N ASN B 314 -1.99 -17.45 -8.93
CA ASN B 314 -2.64 -17.12 -10.22
C ASN B 314 -1.95 -16.09 -11.05
N GLY B 315 -1.30 -15.16 -10.35
CA GLY B 315 -0.74 -13.98 -10.98
C GLY B 315 -1.69 -12.79 -10.98
N VAL B 316 -2.92 -12.90 -10.38
CA VAL B 316 -3.84 -11.75 -10.24
C VAL B 316 -3.16 -10.80 -9.20
N SER B 317 -2.59 -11.39 -8.10
CA SER B 317 -1.84 -10.64 -7.08
C SER B 317 -0.37 -10.81 -7.43
N HIS B 318 0.30 -9.70 -7.68
CA HIS B 318 1.71 -9.67 -8.08
C HIS B 318 2.54 -9.94 -6.87
N LEU B 319 2.05 -9.47 -5.70
CA LEU B 319 2.71 -9.61 -4.40
C LEU B 319 1.68 -9.79 -3.30
N THR B 320 2.13 -10.33 -2.17
CA THR B 320 1.34 -10.42 -0.94
C THR B 320 1.96 -9.46 0.07
N ALA B 321 1.22 -9.12 1.12
CA ALA B 321 1.70 -8.28 2.23
C ALA B 321 1.15 -8.83 3.52
N VAL B 322 1.98 -8.88 4.59
CA VAL B 322 1.58 -9.39 5.89
C VAL B 322 0.56 -8.48 6.58
N ASP B 323 0.61 -7.17 6.27
CA ASP B 323 -0.28 -6.15 6.83
C ASP B 323 -0.34 -4.95 5.91
N ASP B 324 -1.23 -3.98 6.22
CA ASP B 324 -1.43 -2.79 5.42
C ASP B 324 -0.17 -1.96 5.18
N LEU B 325 0.63 -1.69 6.24
CA LEU B 325 1.89 -0.95 6.09
C LEU B 325 2.88 -1.67 5.19
N ALA B 326 3.00 -3.03 5.31
CA ALA B 326 3.86 -3.82 4.42
C ALA B 326 3.43 -3.62 2.97
N GLY B 327 2.13 -3.58 2.74
CA GLY B 327 1.52 -3.32 1.43
C GLY B 327 1.84 -1.94 0.89
N VAL B 328 1.80 -0.92 1.74
CA VAL B 328 2.11 0.48 1.37
C VAL B 328 3.60 0.63 1.04
N GLU B 329 4.47 -0.06 1.83
CA GLU B 329 5.92 -0.11 1.62
C GLU B 329 6.24 -0.71 0.25
N LYS B 330 5.56 -1.81 -0.13
CA LYS B 330 5.70 -2.45 -1.44
C LYS B 330 5.23 -1.54 -2.60
N ILE B 331 4.17 -0.69 -2.36
CA ILE B 331 3.71 0.28 -3.38
C ILE B 331 4.85 1.30 -3.63
N VAL B 332 5.35 1.91 -2.55
CA VAL B 332 6.40 2.94 -2.48
C VAL B 332 7.71 2.43 -3.13
N GLU B 333 8.10 1.17 -2.84
CA GLU B 333 9.28 0.50 -3.40
C GLU B 333 9.10 0.25 -4.92
N TRP B 334 7.90 -0.16 -5.35
CA TRP B 334 7.57 -0.38 -6.76
C TRP B 334 7.65 0.96 -7.54
N MET B 335 7.09 2.06 -6.98
CA MET B 335 7.11 3.40 -7.59
C MET B 335 8.51 4.00 -7.71
N SER B 336 9.46 3.53 -6.90
CA SER B 336 10.83 4.06 -6.94
C SER B 336 11.57 3.77 -8.27
N TYR B 337 10.99 2.89 -9.13
CA TYR B 337 11.53 2.53 -10.45
C TYR B 337 10.82 3.25 -11.58
N VAL B 338 9.67 3.85 -11.28
CA VAL B 338 8.74 4.49 -12.21
C VAL B 338 8.95 6.01 -12.31
N PRO B 339 8.86 6.61 -13.54
CA PRO B 339 8.95 8.09 -13.69
C PRO B 339 7.89 8.82 -12.82
N ALA B 340 8.20 10.07 -12.39
CA ALA B 340 7.30 10.88 -11.55
C ALA B 340 5.93 11.09 -12.22
N LYS B 341 5.96 11.24 -13.54
CA LYS B 341 4.76 11.37 -14.38
C LYS B 341 5.03 10.83 -15.79
N ARG B 342 3.93 10.57 -16.54
CA ARG B 342 3.97 10.08 -17.91
C ARG B 342 4.97 10.87 -18.77
N ASN B 343 5.83 10.16 -19.51
CA ASN B 343 6.82 10.66 -20.46
C ASN B 343 8.03 11.37 -19.87
N MET B 344 8.15 11.39 -18.54
CA MET B 344 9.32 11.94 -17.90
C MET B 344 10.42 10.86 -17.95
N PRO B 345 11.73 11.21 -17.96
CA PRO B 345 12.74 10.13 -17.99
C PRO B 345 12.70 9.20 -16.77
N VAL B 346 13.12 7.94 -16.98
CA VAL B 346 13.16 6.92 -15.94
C VAL B 346 14.04 7.42 -14.78
N PRO B 347 13.62 7.22 -13.50
CA PRO B 347 14.40 7.81 -12.40
C PRO B 347 15.70 7.11 -12.05
N ILE B 348 16.82 7.79 -12.33
CA ILE B 348 18.16 7.29 -12.02
C ILE B 348 18.37 7.37 -10.51
N LEU B 349 18.87 6.29 -9.93
CA LEU B 349 19.20 6.24 -8.51
C LEU B 349 20.48 5.46 -8.32
N GLU B 350 21.61 6.17 -8.37
CA GLU B 350 22.90 5.53 -8.16
C GLU B 350 23.08 5.22 -6.68
N THR B 351 23.61 4.02 -6.38
CA THR B 351 23.91 3.57 -5.02
C THR B 351 25.42 3.27 -4.91
N LYS B 352 25.90 2.67 -3.79
CA LYS B 352 27.33 2.39 -3.65
C LYS B 352 27.89 1.44 -4.73
N ASP B 353 27.02 0.58 -5.29
CA ASP B 353 27.36 -0.36 -6.37
C ASP B 353 27.28 0.37 -7.71
N THR B 354 28.42 0.92 -8.12
CA THR B 354 28.60 1.69 -9.37
C THR B 354 28.81 0.76 -10.57
N TRP B 355 28.56 1.31 -11.80
CA TRP B 355 28.68 0.57 -13.05
C TRP B 355 30.04 -0.10 -13.30
N ASP B 356 31.13 0.58 -12.86
CA ASP B 356 32.50 0.22 -13.14
C ASP B 356 33.09 -0.92 -12.33
N ARG B 357 32.63 -2.14 -12.62
CA ARG B 357 33.10 -3.35 -11.98
C ARG B 357 32.77 -4.57 -12.84
N PRO B 358 33.55 -5.68 -12.73
CA PRO B 358 33.15 -6.90 -13.45
C PRO B 358 31.96 -7.59 -12.74
N VAL B 359 31.34 -8.56 -13.42
CA VAL B 359 30.27 -9.36 -12.82
C VAL B 359 31.00 -10.55 -12.17
N ASP B 360 30.75 -10.80 -10.87
CA ASP B 360 31.43 -11.88 -10.14
C ASP B 360 30.75 -13.24 -10.32
N PHE B 361 29.45 -13.35 -9.97
CA PHE B 361 28.75 -14.62 -10.12
C PHE B 361 28.68 -15.06 -11.59
N THR B 362 29.28 -16.21 -11.88
CA THR B 362 29.28 -16.79 -13.22
C THR B 362 28.60 -18.18 -13.19
N PRO B 363 27.55 -18.43 -14.02
CA PRO B 363 26.95 -19.78 -14.03
C PRO B 363 27.87 -20.80 -14.69
N THR B 364 27.75 -22.07 -14.26
CA THR B 364 28.51 -23.20 -14.80
C THR B 364 27.51 -24.20 -15.39
N ASN B 365 27.93 -24.98 -16.39
CA ASN B 365 27.14 -26.01 -17.05
C ASN B 365 26.95 -27.22 -16.10
N ASP B 366 27.98 -27.49 -15.27
CA ASP B 366 27.99 -28.62 -14.33
C ASP B 366 27.44 -28.29 -12.92
N GLU B 367 27.06 -27.02 -12.67
CA GLU B 367 26.54 -26.57 -11.39
C GLU B 367 25.13 -25.98 -11.57
N THR B 368 24.18 -26.40 -10.71
CA THR B 368 22.84 -25.84 -10.73
C THR B 368 22.91 -24.46 -10.05
N TYR B 369 22.16 -23.48 -10.56
CA TYR B 369 22.19 -22.12 -10.04
C TYR B 369 20.79 -21.54 -10.02
N ASP B 370 20.61 -20.50 -9.22
CA ASP B 370 19.39 -19.72 -9.13
C ASP B 370 19.70 -18.49 -9.99
N VAL B 371 18.88 -18.20 -11.04
CA VAL B 371 19.06 -17.04 -11.92
C VAL B 371 19.17 -15.71 -11.16
N ARG B 372 18.53 -15.59 -9.97
CA ARG B 372 18.56 -14.38 -9.16
C ARG B 372 19.99 -14.03 -8.79
N TRP B 373 20.89 -15.03 -8.68
CA TRP B 373 22.32 -14.84 -8.39
C TRP B 373 22.98 -14.10 -9.55
N MET B 374 22.60 -14.41 -10.79
CA MET B 374 23.11 -13.74 -12.00
C MET B 374 22.60 -12.31 -12.08
N ILE B 375 21.35 -12.11 -11.63
CA ILE B 375 20.67 -10.83 -11.62
C ILE B 375 21.21 -9.88 -10.54
N GLU B 376 21.11 -10.27 -9.27
CA GLU B 376 21.41 -9.42 -8.13
C GLU B 376 22.66 -9.78 -7.33
N GLY B 377 23.31 -10.87 -7.70
CA GLY B 377 24.47 -11.32 -6.97
C GLY B 377 24.13 -12.35 -5.93
N ARG B 378 25.16 -12.88 -5.26
CA ARG B 378 25.03 -13.96 -4.28
C ARG B 378 25.95 -13.83 -3.04
N GLU B 379 25.37 -14.04 -1.83
CA GLU B 379 26.17 -14.06 -0.61
C GLU B 379 26.88 -15.41 -0.55
N THR B 380 28.20 -15.38 -0.38
CA THR B 380 29.04 -16.57 -0.28
C THR B 380 29.82 -16.49 1.05
N GLU B 381 30.42 -17.62 1.51
CA GLU B 381 31.20 -17.66 2.76
C GLU B 381 32.43 -16.75 2.68
N SER B 382 33.03 -16.62 1.48
CA SER B 382 34.21 -15.79 1.21
C SER B 382 33.87 -14.32 0.87
N GLY B 383 32.58 -13.98 0.83
CA GLY B 383 32.11 -12.63 0.53
C GLY B 383 30.99 -12.56 -0.50
N PHE B 384 30.48 -11.34 -0.77
CA PHE B 384 29.40 -11.14 -1.76
C PHE B 384 29.92 -11.22 -3.19
N GLU B 385 29.25 -12.02 -4.05
CA GLU B 385 29.58 -12.17 -5.47
C GLU B 385 28.59 -11.31 -6.18
N TYR B 386 29.03 -10.18 -6.74
CA TYR B 386 28.12 -9.26 -7.45
C TYR B 386 27.56 -9.87 -8.73
N GLY B 387 26.31 -9.51 -9.03
CA GLY B 387 25.61 -9.96 -10.23
C GLY B 387 25.70 -8.91 -11.31
N LEU B 388 24.84 -9.04 -12.32
CA LEU B 388 24.79 -8.11 -13.45
C LEU B 388 24.28 -6.74 -12.99
N PHE B 389 23.24 -6.76 -12.15
CA PHE B 389 22.56 -5.54 -11.71
C PHE B 389 23.06 -5.04 -10.35
N ASP B 390 22.61 -3.83 -9.95
CA ASP B 390 23.01 -3.21 -8.69
C ASP B 390 22.62 -4.04 -7.48
N LYS B 391 23.54 -4.14 -6.51
CA LYS B 391 23.33 -4.87 -5.25
C LYS B 391 22.12 -4.30 -4.50
N GLY B 392 21.20 -5.19 -4.13
CA GLY B 392 19.96 -4.86 -3.43
C GLY B 392 18.87 -4.23 -4.28
N SER B 393 19.06 -4.12 -5.62
CA SER B 393 18.10 -3.44 -6.49
C SER B 393 17.01 -4.33 -7.09
N PHE B 394 17.14 -5.64 -7.00
CA PHE B 394 16.13 -6.52 -7.60
C PHE B 394 14.85 -6.59 -6.80
N PHE B 395 13.75 -6.14 -7.43
CA PHE B 395 12.40 -6.13 -6.88
C PHE B 395 11.54 -7.11 -7.71
N GLU B 396 11.44 -8.37 -7.26
CA GLU B 396 10.69 -9.41 -7.95
C GLU B 396 9.18 -9.23 -7.76
N THR B 397 8.42 -9.47 -8.84
CA THR B 397 6.96 -9.37 -8.87
C THR B 397 6.42 -10.59 -9.60
N LEU B 398 5.12 -10.95 -9.33
CA LEU B 398 4.45 -12.15 -9.88
C LEU B 398 5.21 -13.38 -9.45
N SER B 399 5.79 -13.30 -8.24
CA SER B 399 6.65 -14.32 -7.64
C SER B 399 5.93 -15.56 -7.16
N GLY B 400 4.61 -15.53 -7.05
CA GLY B 400 3.82 -16.68 -6.64
C GLY B 400 3.32 -17.54 -7.78
N TRP B 401 3.45 -17.02 -9.01
CA TRP B 401 2.92 -17.61 -10.24
C TRP B 401 3.99 -17.92 -11.27
N ALA B 402 3.82 -19.04 -12.00
CA ALA B 402 4.65 -19.46 -13.12
C ALA B 402 6.13 -19.17 -12.88
N LYS B 403 6.66 -19.80 -11.83
CA LYS B 403 8.01 -19.62 -11.31
C LYS B 403 9.16 -20.03 -12.24
N GLY B 404 8.83 -20.58 -13.42
CA GLY B 404 9.79 -20.93 -14.44
C GLY B 404 10.42 -19.70 -15.08
N VAL B 405 9.69 -18.57 -14.99
CA VAL B 405 10.14 -17.26 -15.46
C VAL B 405 10.24 -16.33 -14.25
N VAL B 406 11.36 -15.61 -14.16
CA VAL B 406 11.62 -14.70 -13.05
C VAL B 406 11.49 -13.27 -13.58
N VAL B 407 10.54 -12.50 -13.00
CA VAL B 407 10.19 -11.14 -13.41
C VAL B 407 10.43 -10.14 -12.27
N GLY B 408 11.04 -9.00 -12.58
CA GLY B 408 11.24 -7.96 -11.60
C GLY B 408 11.78 -6.68 -12.16
N ARG B 409 11.97 -5.70 -11.27
CA ARG B 409 12.59 -4.43 -11.60
C ARG B 409 13.97 -4.49 -10.96
N ALA B 410 14.95 -3.86 -11.59
CA ALA B 410 16.31 -3.82 -11.07
C ALA B 410 16.89 -2.47 -11.45
N ARG B 411 18.17 -2.24 -11.10
CA ARG B 411 18.90 -1.04 -11.50
C ARG B 411 20.25 -1.44 -12.06
N LEU B 412 20.68 -0.74 -13.10
CA LEU B 412 21.96 -0.96 -13.78
C LEU B 412 22.72 0.34 -13.71
N GLY B 413 23.66 0.43 -12.76
CA GLY B 413 24.43 1.63 -12.46
C GLY B 413 23.52 2.80 -12.09
N GLY B 414 22.34 2.48 -11.56
CA GLY B 414 21.32 3.43 -11.15
C GLY B 414 20.13 3.52 -12.10
N ILE B 415 20.26 3.01 -13.36
CA ILE B 415 19.19 3.05 -14.37
C ILE B 415 18.13 2.01 -14.06
N PRO B 416 16.84 2.40 -13.82
CA PRO B 416 15.82 1.37 -13.59
C PRO B 416 15.39 0.67 -14.90
N LEU B 417 15.03 -0.62 -14.79
CA LEU B 417 14.58 -1.38 -15.96
C LEU B 417 13.82 -2.62 -15.49
N GLY B 418 13.03 -3.19 -16.37
CA GLY B 418 12.39 -4.45 -16.13
C GLY B 418 13.35 -5.57 -16.53
N VAL B 419 13.42 -6.62 -15.74
CA VAL B 419 14.29 -7.77 -15.98
C VAL B 419 13.42 -9.03 -16.07
N ILE B 420 13.65 -9.85 -17.10
CA ILE B 420 13.04 -11.18 -17.30
C ILE B 420 14.20 -12.18 -17.38
N GLY B 421 14.23 -13.15 -16.48
CA GLY B 421 15.22 -14.21 -16.42
C GLY B 421 14.56 -15.58 -16.45
N VAL B 422 15.34 -16.64 -16.70
CA VAL B 422 14.81 -18.01 -16.82
C VAL B 422 15.26 -18.87 -15.65
N GLU B 423 14.30 -19.47 -14.93
CA GLU B 423 14.56 -20.40 -13.84
C GLU B 423 14.93 -21.76 -14.49
N THR B 424 16.18 -22.17 -14.32
CA THR B 424 16.75 -23.41 -14.87
C THR B 424 16.32 -24.68 -14.12
N ARG B 425 15.88 -24.53 -12.86
CA ARG B 425 15.43 -25.64 -12.02
C ARG B 425 13.98 -26.02 -12.34
N THR B 426 13.66 -27.32 -12.18
CA THR B 426 12.30 -27.82 -12.39
C THR B 426 11.34 -27.12 -11.41
N VAL B 427 10.21 -26.66 -11.91
CA VAL B 427 9.24 -25.96 -11.09
C VAL B 427 8.01 -26.85 -10.87
N GLU B 428 7.54 -26.89 -9.63
CA GLU B 428 6.36 -27.65 -9.22
C GLU B 428 5.26 -26.70 -8.78
N ASN B 429 4.04 -26.98 -9.20
CA ASN B 429 2.89 -26.20 -8.77
C ASN B 429 1.74 -27.14 -8.45
N LEU B 430 0.97 -26.81 -7.42
CA LEU B 430 -0.12 -27.63 -6.94
C LEU B 430 -1.46 -27.06 -7.40
N ILE B 431 -2.18 -27.85 -8.22
CA ILE B 431 -3.51 -27.50 -8.66
C ILE B 431 -4.43 -28.03 -7.56
N PRO B 432 -5.22 -27.15 -6.90
CA PRO B 432 -6.10 -27.62 -5.82
C PRO B 432 -7.23 -28.52 -6.31
N ALA B 433 -7.76 -29.37 -5.42
CA ALA B 433 -8.90 -30.22 -5.74
C ALA B 433 -10.12 -29.29 -5.82
N ASP B 434 -10.96 -29.49 -6.84
CA ASP B 434 -12.19 -28.73 -7.04
C ASP B 434 -13.24 -29.16 -5.97
N PRO B 435 -13.61 -28.27 -4.99
CA PRO B 435 -14.61 -28.66 -3.97
C PRO B 435 -15.99 -29.05 -4.52
N ALA B 436 -16.35 -28.52 -5.71
CA ALA B 436 -17.63 -28.79 -6.39
C ALA B 436 -17.70 -30.18 -7.04
N ASN B 437 -16.54 -30.84 -7.21
CA ASN B 437 -16.46 -32.19 -7.76
C ASN B 437 -15.95 -33.19 -6.70
N PRO B 438 -16.78 -34.17 -6.29
CA PRO B 438 -16.32 -35.16 -5.29
C PRO B 438 -15.25 -36.11 -5.84
N ASN B 439 -15.21 -36.26 -7.18
CA ASN B 439 -14.26 -37.10 -7.94
C ASN B 439 -13.04 -36.27 -8.42
N SER B 440 -12.67 -35.22 -7.65
CA SER B 440 -11.54 -34.35 -7.94
C SER B 440 -10.54 -34.36 -6.81
N ALA B 441 -9.27 -34.56 -7.16
CA ALA B 441 -8.14 -34.60 -6.24
C ALA B 441 -7.08 -33.57 -6.67
N GLU B 442 -6.24 -33.12 -5.72
CA GLU B 442 -5.18 -32.16 -6.01
C GLU B 442 -4.14 -32.77 -6.93
N THR B 443 -3.70 -31.99 -7.93
CA THR B 443 -2.69 -32.47 -8.88
C THR B 443 -1.40 -31.67 -8.80
N LEU B 444 -0.27 -32.37 -8.76
CA LEU B 444 1.05 -31.76 -8.74
C LEU B 444 1.59 -31.81 -10.17
N ILE B 445 1.91 -30.63 -10.71
CA ILE B 445 2.45 -30.46 -12.06
C ILE B 445 3.91 -30.06 -11.96
N GLN B 446 4.78 -30.80 -12.62
CA GLN B 446 6.19 -30.51 -12.67
C GLN B 446 6.49 -29.98 -14.08
N GLN B 447 7.24 -28.87 -14.18
CA GLN B 447 7.57 -28.24 -15.45
C GLN B 447 9.08 -28.11 -15.57
N ALA B 448 9.64 -28.72 -16.63
CA ALA B 448 11.07 -28.69 -16.93
C ALA B 448 11.55 -27.22 -17.09
N GLY B 449 12.74 -26.94 -16.60
CA GLY B 449 13.39 -25.64 -16.71
C GLY B 449 13.78 -25.33 -18.15
N GLN B 450 13.88 -24.03 -18.49
CA GLN B 450 14.24 -23.52 -19.83
C GLN B 450 13.24 -23.93 -20.93
N VAL B 451 11.98 -24.23 -20.54
CA VAL B 451 10.90 -24.58 -21.48
C VAL B 451 9.72 -23.67 -21.16
N TRP B 452 9.17 -22.99 -22.18
CA TRP B 452 8.03 -22.11 -21.98
C TRP B 452 6.78 -22.97 -21.97
N PHE B 453 5.95 -22.79 -20.94
CA PHE B 453 4.69 -23.48 -20.80
C PHE B 453 3.59 -22.45 -20.94
N PRO B 454 2.29 -22.82 -21.10
CA PRO B 454 1.24 -21.78 -21.17
C PRO B 454 1.33 -20.70 -20.06
N ASN B 455 1.55 -21.12 -18.79
CA ASN B 455 1.62 -20.20 -17.65
C ASN B 455 2.82 -19.28 -17.68
N SER B 456 4.03 -19.83 -17.94
CA SER B 456 5.26 -19.03 -18.01
C SER B 456 5.30 -18.14 -19.26
N ALA B 457 4.68 -18.56 -20.39
CA ALA B 457 4.58 -17.71 -21.60
C ALA B 457 3.63 -16.52 -21.34
N PHE B 458 2.50 -16.78 -20.66
CA PHE B 458 1.53 -15.74 -20.26
C PHE B 458 2.20 -14.73 -19.31
N LYS B 459 2.95 -15.20 -18.31
CA LYS B 459 3.71 -14.38 -17.36
C LYS B 459 4.77 -13.53 -18.08
N THR B 460 5.48 -14.09 -19.06
CA THR B 460 6.47 -13.33 -19.85
C THR B 460 5.77 -12.15 -20.56
N ALA B 461 4.67 -12.43 -21.32
CA ALA B 461 3.87 -11.43 -22.06
C ALA B 461 3.33 -10.36 -21.11
N GLN B 462 2.81 -10.79 -19.96
CA GLN B 462 2.26 -9.92 -18.93
C GLN B 462 3.31 -8.97 -18.39
N ALA B 463 4.51 -9.46 -18.05
CA ALA B 463 5.64 -8.69 -17.58
C ALA B 463 6.07 -7.63 -18.61
N ILE B 464 6.17 -8.00 -19.90
CA ILE B 464 6.53 -7.07 -21.00
C ILE B 464 5.52 -5.91 -21.06
N ASN B 465 4.22 -6.25 -20.98
CA ASN B 465 3.14 -5.25 -20.99
C ASN B 465 3.15 -4.32 -19.78
N ASP B 466 3.39 -4.90 -18.57
CA ASP B 466 3.45 -4.14 -17.32
C ASP B 466 4.65 -3.23 -17.20
N PHE B 467 5.81 -3.58 -17.83
CA PHE B 467 7.00 -2.70 -17.85
C PHE B 467 6.75 -1.54 -18.83
N ASN B 468 6.07 -1.81 -19.95
CA ASN B 468 5.77 -0.84 -21.01
C ASN B 468 4.70 0.21 -20.61
N ASN B 469 3.52 -0.28 -20.23
CA ASN B 469 2.37 0.54 -19.83
C ASN B 469 2.59 1.09 -18.47
N GLY B 470 2.42 2.41 -18.37
CA GLY B 470 2.53 3.18 -17.13
C GLY B 470 3.92 3.26 -16.55
N GLU B 471 4.60 2.12 -16.36
CA GLU B 471 5.99 2.09 -15.87
C GLU B 471 6.95 2.75 -16.86
N GLN B 472 6.71 2.58 -18.18
CA GLN B 472 7.51 3.12 -19.29
C GLN B 472 8.99 2.86 -19.13
N LEU B 473 9.31 1.62 -18.77
CA LEU B 473 10.68 1.23 -18.51
C LEU B 473 11.36 0.53 -19.69
N PRO B 474 12.71 0.67 -19.79
CA PRO B 474 13.43 -0.18 -20.75
C PRO B 474 13.43 -1.61 -20.18
N MET B 475 13.82 -2.59 -20.97
CA MET B 475 13.79 -3.96 -20.48
C MET B 475 14.99 -4.76 -20.94
N MET B 476 15.40 -5.75 -20.13
CA MET B 476 16.37 -6.75 -20.49
C MET B 476 15.78 -8.14 -20.27
N ILE B 477 15.83 -8.98 -21.31
CA ILE B 477 15.43 -10.38 -21.23
C ILE B 477 16.72 -11.19 -21.33
N LEU B 478 17.05 -11.95 -20.28
CA LEU B 478 18.20 -12.85 -20.22
C LEU B 478 17.71 -14.17 -20.83
N ALA B 479 17.49 -14.17 -22.18
CA ALA B 479 16.88 -15.26 -22.96
C ALA B 479 17.61 -16.57 -22.87
N ASN B 480 16.93 -17.59 -22.31
CA ASN B 480 17.52 -18.89 -22.05
C ASN B 480 16.45 -20.00 -22.12
N TRP B 481 15.83 -20.18 -23.29
CA TRP B 481 14.80 -21.19 -23.46
C TRP B 481 15.14 -22.11 -24.61
N ARG B 482 14.94 -23.43 -24.41
CA ARG B 482 15.16 -24.49 -25.40
C ARG B 482 14.04 -24.48 -26.45
N GLY B 483 12.87 -24.03 -26.02
CA GLY B 483 11.66 -23.96 -26.84
C GLY B 483 10.42 -23.87 -25.98
N PHE B 484 9.27 -24.09 -26.61
CA PHE B 484 7.98 -24.14 -25.94
C PHE B 484 7.62 -25.61 -25.74
N SER B 485 6.76 -25.93 -24.78
CA SER B 485 6.27 -27.29 -24.59
C SER B 485 5.29 -27.60 -25.74
N GLY B 486 5.70 -28.52 -26.61
CA GLY B 486 4.93 -28.92 -27.79
C GLY B 486 4.11 -30.17 -27.58
N GLY B 487 4.09 -30.65 -26.33
CA GLY B 487 3.35 -31.83 -25.93
C GLY B 487 1.85 -31.66 -25.96
N GLN B 488 1.12 -32.78 -25.94
CA GLN B 488 -0.33 -32.79 -26.04
C GLN B 488 -1.06 -31.92 -25.03
N ARG B 489 -0.75 -32.09 -23.72
CA ARG B 489 -1.39 -31.31 -22.64
C ARG B 489 -1.21 -29.82 -22.83
N ASP B 490 0.03 -29.37 -23.08
CA ASP B 490 0.34 -27.94 -23.22
C ASP B 490 -0.20 -27.33 -24.51
N MET B 491 -0.27 -28.13 -25.59
CA MET B 491 -0.81 -27.70 -26.87
C MET B 491 -2.33 -27.56 -26.74
N PHE B 492 -2.98 -28.53 -26.04
CA PHE B 492 -4.41 -28.46 -25.74
C PHE B 492 -4.67 -27.25 -24.84
N ASN B 493 -3.76 -26.97 -23.88
CA ASN B 493 -3.88 -25.82 -22.97
C ASN B 493 -3.46 -24.47 -23.56
N GLU B 494 -3.36 -24.42 -24.91
CA GLU B 494 -3.20 -23.22 -25.72
C GLU B 494 -1.87 -22.49 -25.64
N VAL B 495 -0.74 -23.23 -25.53
CA VAL B 495 0.60 -22.65 -25.48
C VAL B 495 0.85 -21.65 -26.63
N LEU B 496 0.32 -21.91 -27.84
CA LEU B 496 0.45 -21.05 -29.03
C LEU B 496 -0.14 -19.68 -28.84
N LYS B 497 -1.27 -19.58 -28.11
CA LYS B 497 -1.95 -18.32 -27.81
C LYS B 497 -1.08 -17.45 -26.93
N TYR B 498 -0.51 -18.05 -25.86
CA TYR B 498 0.33 -17.37 -24.86
C TYR B 498 1.69 -16.95 -25.39
N GLY B 499 2.29 -17.80 -26.24
CA GLY B 499 3.53 -17.49 -26.94
C GLY B 499 3.32 -16.34 -27.91
N SER B 500 2.15 -16.26 -28.58
CA SER B 500 1.80 -15.19 -29.52
C SER B 500 1.63 -13.84 -28.81
N PHE B 501 1.11 -13.86 -27.58
CA PHE B 501 0.98 -12.68 -26.72
C PHE B 501 2.36 -12.03 -26.46
N ILE B 502 3.45 -12.82 -26.44
CA ILE B 502 4.84 -12.33 -26.27
C ILE B 502 5.20 -11.43 -27.46
N VAL B 503 4.97 -11.91 -28.68
CA VAL B 503 5.19 -11.18 -29.94
C VAL B 503 4.43 -9.84 -29.92
N ASP B 504 3.14 -9.90 -29.58
CA ASP B 504 2.26 -8.74 -29.48
C ASP B 504 2.77 -7.72 -28.47
N ALA B 505 3.24 -8.19 -27.32
CA ALA B 505 3.74 -7.34 -26.23
C ALA B 505 5.01 -6.59 -26.66
N LEU B 506 5.90 -7.24 -27.44
CA LEU B 506 7.15 -6.69 -28.01
C LEU B 506 6.86 -5.69 -29.13
N VAL B 507 5.88 -5.97 -30.01
CA VAL B 507 5.46 -5.05 -31.08
C VAL B 507 5.04 -3.67 -30.50
N ASP B 508 4.33 -3.70 -29.37
CA ASP B 508 3.81 -2.52 -28.67
C ASP B 508 4.82 -1.78 -27.77
N TYR B 509 6.02 -2.34 -27.56
CA TYR B 509 7.05 -1.80 -26.66
C TYR B 509 7.67 -0.48 -27.12
N LYS B 510 7.73 0.54 -26.22
CA LYS B 510 8.14 1.90 -26.56
C LYS B 510 9.48 2.38 -26.02
N GLN B 511 10.16 1.55 -25.25
CA GLN B 511 11.43 1.90 -24.61
C GLN B 511 12.49 0.89 -25.07
N PRO B 512 13.80 1.21 -24.93
CA PRO B 512 14.84 0.25 -25.40
C PRO B 512 14.69 -1.15 -24.81
N ILE B 513 14.96 -2.16 -25.66
CA ILE B 513 14.95 -3.57 -25.25
C ILE B 513 16.32 -4.15 -25.53
N ILE B 514 16.83 -4.94 -24.57
CA ILE B 514 18.06 -5.71 -24.70
C ILE B 514 17.68 -7.18 -24.53
N ILE B 515 17.92 -8.00 -25.56
CA ILE B 515 17.80 -9.46 -25.50
C ILE B 515 19.23 -9.97 -25.37
N TYR B 516 19.54 -10.72 -24.30
CA TYR B 516 20.89 -11.22 -24.07
C TYR B 516 20.90 -12.72 -23.74
N ILE B 517 21.51 -13.55 -24.60
CA ILE B 517 21.62 -14.99 -24.32
C ILE B 517 22.83 -15.10 -23.37
N PRO B 518 22.60 -15.47 -22.09
CA PRO B 518 23.70 -15.44 -21.12
C PRO B 518 24.72 -16.60 -21.21
N PRO B 519 25.87 -16.58 -20.49
CA PRO B 519 26.77 -17.74 -20.48
C PRO B 519 26.00 -19.00 -20.01
N THR B 520 26.31 -20.20 -20.60
CA THR B 520 25.62 -21.48 -20.36
C THR B 520 24.17 -21.43 -20.91
N GLY B 521 23.77 -20.28 -21.46
CA GLY B 521 22.44 -20.04 -22.01
C GLY B 521 22.23 -20.56 -23.41
N GLU B 522 20.96 -20.75 -23.80
CA GLU B 522 20.61 -21.21 -25.13
C GLU B 522 19.30 -20.63 -25.60
N LEU B 523 19.15 -20.50 -26.91
CA LEU B 523 17.93 -20.04 -27.53
C LEU B 523 17.73 -20.85 -28.81
N ARG B 524 16.66 -21.65 -28.87
CA ARG B 524 16.40 -22.53 -30.02
C ARG B 524 15.05 -22.26 -30.65
N GLY B 525 14.85 -22.79 -31.86
CA GLY B 525 13.61 -22.77 -32.63
C GLY B 525 12.56 -21.73 -32.30
N GLY B 526 11.42 -22.18 -31.76
CA GLY B 526 10.29 -21.33 -31.39
C GLY B 526 10.58 -20.28 -30.33
N SER B 527 11.58 -20.55 -29.48
CA SER B 527 11.98 -19.64 -28.41
C SER B 527 12.68 -18.42 -28.94
N TRP B 528 13.52 -18.59 -29.99
CA TRP B 528 14.21 -17.50 -30.67
C TRP B 528 13.19 -16.63 -31.39
N VAL B 529 12.27 -17.24 -32.18
CA VAL B 529 11.25 -16.53 -32.98
C VAL B 529 10.42 -15.46 -32.23
N VAL B 530 10.04 -15.71 -30.97
CA VAL B 530 9.20 -14.80 -30.20
C VAL B 530 9.97 -13.61 -29.54
N VAL B 531 11.32 -13.65 -29.53
CA VAL B 531 12.20 -12.61 -28.97
C VAL B 531 13.18 -12.00 -30.00
N ASP B 532 13.06 -12.36 -31.29
CA ASP B 532 13.95 -11.81 -32.30
C ASP B 532 13.80 -10.27 -32.41
N PRO B 533 14.93 -9.48 -32.45
CA PRO B 533 14.81 -8.02 -32.57
C PRO B 533 14.07 -7.44 -33.79
N THR B 534 13.83 -8.25 -34.85
CA THR B 534 13.08 -7.80 -36.05
C THR B 534 11.57 -7.67 -35.79
N ILE B 535 11.10 -8.15 -34.62
CA ILE B 535 9.70 -8.03 -34.17
C ILE B 535 9.44 -6.53 -33.94
N ASN B 536 10.45 -5.83 -33.41
CA ASN B 536 10.38 -4.40 -33.16
C ASN B 536 11.81 -3.85 -33.26
N ALA B 537 12.26 -3.61 -34.51
CA ALA B 537 13.60 -3.10 -34.82
C ALA B 537 13.88 -1.68 -34.28
N ASP B 538 12.84 -0.89 -34.00
CA ASP B 538 13.01 0.47 -33.44
C ASP B 538 13.55 0.43 -32.02
N GLN B 539 13.17 -0.62 -31.23
CA GLN B 539 13.52 -0.77 -29.82
C GLN B 539 14.41 -1.93 -29.46
N MET B 540 14.27 -3.07 -30.16
CA MET B 540 14.99 -4.28 -29.82
C MET B 540 16.38 -4.41 -30.38
N GLU B 541 17.24 -5.07 -29.61
CA GLU B 541 18.65 -5.37 -29.91
C GLU B 541 18.99 -6.69 -29.26
N MET B 542 19.68 -7.58 -29.99
CA MET B 542 20.09 -8.88 -29.44
C MET B 542 21.61 -9.02 -29.29
N TYR B 543 22.03 -9.70 -28.23
CA TYR B 543 23.42 -9.98 -27.88
C TYR B 543 23.51 -11.43 -27.44
N ALA B 544 24.68 -12.05 -27.63
CA ALA B 544 24.86 -13.42 -27.18
C ALA B 544 26.20 -13.51 -26.48
N ASP B 545 26.24 -14.27 -25.38
CA ASP B 545 27.52 -14.46 -24.71
C ASP B 545 28.43 -15.34 -25.58
N VAL B 546 29.75 -15.23 -25.37
CA VAL B 546 30.74 -16.08 -26.05
C VAL B 546 30.50 -17.56 -25.65
N ASN B 547 29.92 -17.80 -24.45
CA ASN B 547 29.57 -19.11 -23.90
C ASN B 547 28.07 -19.48 -24.02
N ALA B 548 27.35 -18.81 -24.93
CA ALA B 548 25.95 -19.10 -25.23
C ALA B 548 25.84 -19.97 -26.50
N ARG B 549 24.65 -20.55 -26.74
CA ARG B 549 24.39 -21.37 -27.93
C ARG B 549 23.06 -21.01 -28.55
N ALA B 550 22.93 -21.20 -29.87
CA ALA B 550 21.68 -20.97 -30.61
C ALA B 550 21.72 -21.60 -32.00
N GLY B 551 20.57 -22.17 -32.38
CA GLY B 551 20.32 -22.82 -33.67
C GLY B 551 18.86 -23.21 -33.71
N VAL B 552 18.38 -23.72 -34.87
CA VAL B 552 16.98 -24.15 -35.03
C VAL B 552 16.67 -25.30 -34.06
N LEU B 553 17.54 -26.33 -34.06
CA LEU B 553 17.48 -27.47 -33.16
C LEU B 553 18.72 -27.49 -32.25
N GLU B 554 18.76 -28.45 -31.31
CA GLU B 554 19.90 -28.70 -30.43
C GLU B 554 20.80 -29.65 -31.24
N PRO B 555 22.13 -29.80 -30.94
CA PRO B 555 22.98 -30.71 -31.74
C PRO B 555 22.41 -32.10 -32.01
N GLU B 556 21.65 -32.67 -31.04
CA GLU B 556 21.01 -34.01 -31.15
C GLU B 556 19.99 -34.03 -32.29
N GLY B 557 19.23 -32.94 -32.41
CA GLY B 557 18.27 -32.76 -33.49
C GLY B 557 18.92 -32.56 -34.84
N THR B 558 19.95 -31.69 -34.91
CA THR B 558 20.70 -31.39 -36.14
C THR B 558 21.35 -32.65 -36.74
N VAL B 559 21.94 -33.51 -35.89
CA VAL B 559 22.56 -34.76 -36.35
C VAL B 559 21.51 -35.74 -36.91
N GLU B 560 20.34 -35.81 -36.25
CA GLU B 560 19.21 -36.65 -36.64
C GLU B 560 18.75 -36.32 -38.08
N ILE B 561 18.74 -35.04 -38.46
CA ILE B 561 18.32 -34.61 -39.79
C ILE B 561 19.47 -34.51 -40.80
N LYS B 562 20.63 -33.94 -40.38
CA LYS B 562 21.76 -33.65 -41.26
C LYS B 562 23.03 -34.49 -41.17
N PHE B 563 23.22 -35.28 -40.10
CA PHE B 563 24.41 -36.14 -39.99
C PHE B 563 24.01 -37.60 -39.70
N ARG B 564 23.23 -38.18 -40.65
CA ARG B 564 22.69 -39.54 -40.60
C ARG B 564 23.79 -40.60 -40.83
N ARG B 565 23.45 -41.91 -40.64
CA ARG B 565 24.40 -43.04 -40.76
C ARG B 565 25.29 -43.13 -42.01
N GLU B 566 24.76 -42.77 -43.21
CA GLU B 566 25.54 -42.77 -44.46
C GLU B 566 26.70 -41.76 -44.39
N LYS B 567 26.40 -40.53 -43.90
CA LYS B 567 27.38 -39.45 -43.72
C LYS B 567 28.41 -39.85 -42.64
N LEU B 568 27.94 -40.52 -41.57
CA LEU B 568 28.78 -41.00 -40.47
C LEU B 568 29.73 -42.11 -40.91
N LEU B 569 29.25 -43.03 -41.80
CA LEU B 569 30.07 -44.13 -42.36
C LEU B 569 31.13 -43.57 -43.33
N ASP B 570 30.79 -42.48 -44.07
CA ASP B 570 31.70 -41.79 -44.98
C ASP B 570 32.80 -41.08 -44.17
N THR B 571 32.50 -40.66 -42.93
CA THR B 571 33.46 -40.02 -42.02
C THR B 571 34.39 -41.12 -41.45
N MET B 572 33.82 -42.31 -41.13
CA MET B 572 34.56 -43.48 -40.64
C MET B 572 35.58 -43.90 -41.71
N ASN B 573 35.11 -44.02 -42.98
CA ASN B 573 35.95 -44.34 -44.14
C ASN B 573 36.52 -43.01 -44.65
N ARG B 574 37.55 -42.51 -43.94
CA ARG B 574 38.26 -41.25 -44.21
C ARG B 574 39.24 -40.97 -43.08
N LEU B 575 38.75 -41.09 -41.83
CA LEU B 575 39.47 -40.78 -40.59
C LEU B 575 39.95 -42.03 -39.82
N ASP B 576 39.36 -43.20 -40.11
CA ASP B 576 39.77 -44.45 -39.47
C ASP B 576 40.49 -45.37 -40.46
N ASP B 577 41.81 -45.61 -40.26
CA ASP B 577 42.64 -46.46 -41.10
C ASP B 577 42.11 -47.90 -41.18
N LYS B 578 41.56 -48.42 -40.06
CA LYS B 578 40.98 -49.77 -39.97
C LYS B 578 39.69 -49.92 -40.79
N TYR B 579 38.77 -48.91 -40.76
CA TYR B 579 37.50 -48.94 -41.51
C TYR B 579 37.71 -48.82 -43.03
N ARG B 580 38.62 -47.90 -43.47
CA ARG B 580 38.95 -47.62 -44.88
C ARG B 580 39.47 -48.88 -45.59
N GLU B 581 40.42 -49.60 -44.94
CA GLU B 581 41.02 -50.84 -45.41
C GLU B 581 39.94 -51.92 -45.56
N LEU B 582 39.05 -52.03 -44.55
CA LEU B 582 37.93 -52.98 -44.50
C LEU B 582 36.79 -52.53 -45.42
N LEU B 603 33.87 -55.16 -41.81
CA LEU B 603 33.44 -53.78 -42.02
C LEU B 603 32.41 -53.35 -40.95
N ALA B 604 31.46 -54.24 -40.61
CA ALA B 604 30.43 -53.98 -39.59
C ALA B 604 31.02 -54.21 -38.18
N ASP B 605 32.23 -54.81 -38.12
CA ASP B 605 33.00 -55.10 -36.90
C ASP B 605 33.52 -53.78 -36.27
N ARG B 606 34.09 -52.88 -37.12
CA ARG B 606 34.65 -51.56 -36.77
C ARG B 606 33.53 -50.51 -37.01
N GLU B 607 32.37 -50.74 -36.38
CA GLU B 607 31.16 -49.95 -36.50
C GLU B 607 30.31 -50.13 -35.24
N ARG B 608 30.79 -50.96 -34.30
CA ARG B 608 30.15 -51.35 -33.05
C ARG B 608 30.30 -50.40 -31.81
N GLU B 609 31.49 -49.88 -31.38
CA GLU B 609 32.90 -49.75 -31.84
C GLU B 609 33.22 -48.33 -32.28
N LEU B 610 32.97 -47.97 -33.56
CA LEU B 610 33.21 -46.60 -34.02
C LEU B 610 32.01 -45.68 -33.82
N LEU B 611 30.78 -46.24 -33.90
CA LEU B 611 29.49 -45.56 -33.75
C LEU B 611 29.31 -44.64 -32.50
N PRO B 612 29.70 -45.05 -31.25
CA PRO B 612 29.52 -44.14 -30.10
C PRO B 612 30.37 -42.85 -30.12
N ILE B 613 31.64 -42.94 -30.58
CA ILE B 613 32.56 -41.80 -30.68
C ILE B 613 32.31 -40.94 -31.93
N TYR B 614 31.92 -41.58 -33.05
CA TYR B 614 31.59 -40.85 -34.28
C TYR B 614 30.28 -40.08 -34.14
N GLY B 615 29.40 -40.55 -33.25
CA GLY B 615 28.17 -39.87 -32.88
C GLY B 615 28.50 -38.62 -32.10
N GLN B 616 29.56 -38.71 -31.24
CA GLN B 616 30.08 -37.59 -30.44
C GLN B 616 30.76 -36.52 -31.32
N ILE B 617 31.51 -36.96 -32.36
CA ILE B 617 32.20 -36.11 -33.34
C ILE B 617 31.13 -35.27 -34.11
N SER B 618 30.06 -35.94 -34.59
CA SER B 618 28.95 -35.35 -35.32
C SER B 618 28.20 -34.32 -34.46
N LEU B 619 28.03 -34.61 -33.15
CA LEU B 619 27.38 -33.70 -32.20
C LEU B 619 28.25 -32.46 -31.98
N GLN B 620 29.58 -32.65 -31.95
CA GLN B 620 30.55 -31.56 -31.80
C GLN B 620 30.59 -30.71 -33.07
N PHE B 621 30.56 -31.36 -34.25
CA PHE B 621 30.52 -30.72 -35.56
C PHE B 621 29.30 -29.77 -35.64
N ALA B 622 28.11 -30.25 -35.19
CA ALA B 622 26.85 -29.51 -35.14
C ALA B 622 26.95 -28.35 -34.16
N ASP B 623 27.49 -28.59 -32.94
CA ASP B 623 27.65 -27.58 -31.89
C ASP B 623 28.55 -26.42 -32.34
N LEU B 624 29.51 -26.68 -33.25
CA LEU B 624 30.42 -25.66 -33.77
C LEU B 624 29.76 -24.59 -34.62
N HIS B 625 28.52 -24.86 -35.09
CA HIS B 625 27.71 -23.93 -35.89
C HIS B 625 26.90 -23.03 -34.97
N ASP B 626 26.60 -23.51 -33.74
CA ASP B 626 25.73 -22.87 -32.77
C ASP B 626 26.38 -21.78 -31.88
N ARG B 627 27.52 -21.27 -32.33
CA ARG B 627 28.32 -20.28 -31.60
C ARG B 627 27.95 -18.84 -31.88
N SER B 628 28.24 -17.95 -30.91
CA SER B 628 27.98 -16.50 -31.04
C SER B 628 28.74 -15.87 -32.24
N SER B 629 29.89 -16.48 -32.65
CA SER B 629 30.71 -16.09 -33.80
C SER B 629 29.93 -16.22 -35.12
N ARG B 630 29.10 -17.28 -35.25
CA ARG B 630 28.26 -17.49 -36.42
C ARG B 630 27.11 -16.50 -36.39
N MET B 631 26.57 -16.21 -35.18
CA MET B 631 25.49 -15.24 -34.98
C MET B 631 25.92 -13.84 -35.44
N VAL B 632 27.16 -13.42 -35.08
CA VAL B 632 27.81 -12.16 -35.49
C VAL B 632 27.99 -12.13 -37.03
N ALA B 633 28.61 -13.19 -37.62
CA ALA B 633 28.85 -13.32 -39.07
C ALA B 633 27.57 -13.24 -39.91
N LYS B 634 26.48 -13.79 -39.38
CA LYS B 634 25.18 -13.80 -40.05
C LYS B 634 24.34 -12.54 -39.78
N GLY B 635 24.83 -11.66 -38.91
CA GLY B 635 24.21 -10.39 -38.55
C GLY B 635 22.91 -10.47 -37.78
N VAL B 636 22.75 -11.53 -36.94
CA VAL B 636 21.52 -11.76 -36.17
C VAL B 636 21.59 -11.20 -34.74
N ILE B 637 22.82 -10.87 -34.29
CA ILE B 637 23.07 -10.25 -32.99
C ILE B 637 23.91 -8.99 -33.25
N SER B 638 23.78 -7.98 -32.39
CA SER B 638 24.53 -6.73 -32.50
C SER B 638 26.00 -6.96 -32.14
N LYS B 639 26.27 -7.76 -31.11
CA LYS B 639 27.62 -8.07 -30.64
C LYS B 639 27.62 -9.37 -29.84
N GLU B 640 28.79 -10.02 -29.75
CA GLU B 640 29.03 -11.15 -28.87
C GLU B 640 29.75 -10.55 -27.64
N LEU B 641 29.34 -10.96 -26.43
CA LEU B 641 29.87 -10.38 -25.19
C LEU B 641 30.48 -11.39 -24.24
N GLU B 642 31.28 -10.92 -23.28
CA GLU B 642 31.84 -11.73 -22.20
C GLU B 642 31.08 -11.28 -20.95
N TRP B 643 30.42 -12.22 -20.27
CA TRP B 643 29.62 -12.04 -19.05
C TRP B 643 30.22 -11.07 -18.02
N THR B 644 31.51 -11.25 -17.71
CA THR B 644 32.28 -10.44 -16.75
C THR B 644 32.25 -8.96 -17.11
N GLU B 645 32.16 -8.68 -18.42
CA GLU B 645 32.19 -7.33 -18.94
C GLU B 645 30.85 -6.78 -19.38
N ALA B 646 29.76 -7.59 -19.20
CA ALA B 646 28.39 -7.26 -19.59
C ALA B 646 27.77 -6.09 -18.82
N ARG B 647 28.10 -5.91 -17.54
CA ARG B 647 27.58 -4.81 -16.74
C ARG B 647 28.09 -3.46 -17.26
N ARG B 648 29.41 -3.38 -17.53
CA ARG B 648 30.07 -2.20 -18.08
C ARG B 648 29.52 -1.89 -19.48
N PHE B 649 29.37 -2.92 -20.32
CA PHE B 649 28.87 -2.76 -21.67
C PHE B 649 27.43 -2.28 -21.69
N PHE B 650 26.53 -2.98 -20.97
CA PHE B 650 25.09 -2.66 -20.94
C PHE B 650 24.75 -1.37 -20.25
N PHE B 651 25.54 -0.96 -19.26
CA PHE B 651 25.31 0.31 -18.58
C PHE B 651 25.41 1.45 -19.60
N TRP B 652 26.51 1.52 -20.36
CA TRP B 652 26.72 2.55 -21.35
C TRP B 652 25.83 2.41 -22.56
N ARG B 653 25.51 1.18 -22.98
CA ARG B 653 24.60 0.94 -24.10
C ARG B 653 23.20 1.43 -23.74
N LEU B 654 22.70 1.08 -22.53
CA LEU B 654 21.39 1.53 -22.08
C LEU B 654 21.32 3.05 -21.88
N ARG B 655 22.34 3.64 -21.22
CA ARG B 655 22.46 5.09 -20.99
C ARG B 655 22.45 5.82 -22.32
N ARG B 656 23.23 5.34 -23.32
CA ARG B 656 23.26 5.94 -24.67
C ARG B 656 21.87 5.88 -25.34
N ARG B 657 21.25 4.68 -25.29
CA ARG B 657 19.96 4.36 -25.91
C ARG B 657 18.82 5.21 -25.37
N LEU B 658 18.77 5.45 -24.04
CA LEU B 658 17.78 6.31 -23.40
C LEU B 658 17.96 7.80 -23.76
N ASN B 659 19.22 8.25 -23.88
CA ASN B 659 19.54 9.62 -24.29
C ASN B 659 19.11 9.89 -25.71
N GLU B 660 19.34 8.93 -26.61
CA GLU B 660 18.92 9.04 -28.00
C GLU B 660 17.39 8.96 -28.15
N GLU B 661 16.70 8.13 -27.31
CA GLU B 661 15.23 7.98 -27.25
C GLU B 661 14.56 9.27 -26.85
N TYR B 662 15.06 9.89 -25.77
CA TYR B 662 14.60 11.16 -25.22
C TYR B 662 14.66 12.24 -26.30
N LEU B 663 15.78 12.32 -27.05
CA LEU B 663 15.97 13.29 -28.13
C LEU B 663 15.03 13.01 -29.31
N ILE B 664 14.66 11.73 -29.56
CA ILE B 664 13.69 11.37 -30.62
C ILE B 664 12.30 11.92 -30.21
N LYS B 665 11.96 11.77 -28.91
CA LYS B 665 10.71 12.22 -28.31
C LYS B 665 10.63 13.76 -28.25
N ARG B 666 11.77 14.44 -28.06
CA ARG B 666 11.83 15.89 -28.03
C ARG B 666 11.72 16.46 -29.44
N LEU B 667 12.29 15.74 -30.43
CA LEU B 667 12.28 16.12 -31.85
C LEU B 667 10.89 15.94 -32.47
N SER B 668 10.19 14.84 -32.11
CA SER B 668 8.84 14.50 -32.58
C SER B 668 7.80 15.62 -32.37
N HIS B 669 7.98 16.44 -31.30
CA HIS B 669 7.12 17.58 -30.99
C HIS B 669 7.34 18.74 -31.96
N GLN B 670 8.60 19.16 -32.13
CA GLN B 670 8.98 20.28 -32.99
C GLN B 670 8.96 20.04 -34.52
N VAL B 671 8.84 18.77 -34.98
CA VAL B 671 8.79 18.46 -36.42
C VAL B 671 7.54 17.66 -36.85
N GLY B 672 7.19 16.63 -36.07
CA GLY B 672 6.04 15.78 -36.32
C GLY B 672 6.28 14.70 -37.37
N GLU B 673 5.62 14.86 -38.53
CA GLU B 673 5.65 13.92 -39.66
C GLU B 673 7.04 13.62 -40.25
N ALA B 674 7.73 12.65 -39.61
CA ALA B 674 9.06 12.14 -39.96
C ALA B 674 9.23 10.75 -39.36
N SER B 675 9.91 9.85 -40.09
CA SER B 675 10.15 8.49 -39.62
C SER B 675 11.25 8.45 -38.56
N ARG B 676 11.34 7.32 -37.79
CA ARG B 676 12.38 7.14 -36.77
C ARG B 676 13.77 7.30 -37.41
N LEU B 677 14.02 6.59 -38.54
CA LEU B 677 15.27 6.62 -39.30
C LEU B 677 15.73 8.06 -39.64
N GLU B 678 14.75 8.94 -39.97
CA GLU B 678 15.01 10.34 -40.31
C GLU B 678 15.30 11.14 -39.04
N LYS B 679 14.59 10.82 -37.94
CA LYS B 679 14.76 11.48 -36.65
C LYS B 679 16.12 11.17 -36.01
N ILE B 680 16.58 9.88 -35.98
CA ILE B 680 17.91 9.56 -35.42
C ILE B 680 19.03 10.08 -36.28
N ALA B 681 18.88 10.02 -37.62
CA ALA B 681 19.87 10.55 -38.56
C ALA B 681 20.10 12.06 -38.32
N ARG B 682 19.02 12.82 -38.06
CA ARG B 682 19.04 14.26 -37.77
C ARG B 682 19.77 14.54 -36.45
N ILE B 683 19.39 13.82 -35.37
CA ILE B 683 20.02 13.91 -34.05
C ILE B 683 21.54 13.58 -34.13
N ARG B 684 21.92 12.45 -34.76
CA ARG B 684 23.33 12.02 -34.93
C ARG B 684 24.16 12.96 -35.80
N SER B 685 23.48 13.75 -36.67
CA SER B 685 24.15 14.73 -37.52
C SER B 685 24.59 15.94 -36.67
N TRP B 686 24.02 16.10 -35.46
CA TRP B 686 24.36 17.19 -34.54
C TRP B 686 25.61 16.89 -33.74
N TYR B 687 26.01 15.60 -33.64
CA TYR B 687 27.20 15.18 -32.91
C TYR B 687 28.44 15.72 -33.60
N PRO B 688 29.45 16.22 -32.83
CA PRO B 688 30.70 16.68 -33.46
C PRO B 688 31.39 15.54 -34.22
N ALA B 689 32.25 15.91 -35.19
CA ALA B 689 33.07 15.01 -36.01
C ALA B 689 33.95 14.06 -35.17
N SER B 690 34.40 14.54 -34.01
CA SER B 690 35.23 13.84 -33.04
C SER B 690 34.46 12.73 -32.29
N VAL B 691 33.13 12.70 -32.41
CA VAL B 691 32.28 11.70 -31.77
C VAL B 691 32.07 10.50 -32.67
N ASP B 692 32.46 9.32 -32.16
CA ASP B 692 32.23 8.01 -32.77
C ASP B 692 30.81 7.62 -32.39
N HIS B 693 29.93 7.51 -33.39
CA HIS B 693 28.52 7.13 -33.21
C HIS B 693 28.37 5.72 -32.62
N GLU B 694 29.41 4.89 -32.79
CA GLU B 694 29.46 3.52 -32.29
C GLU B 694 29.95 3.44 -30.83
N ASP B 695 30.49 4.53 -30.28
CA ASP B 695 30.99 4.53 -28.91
C ASP B 695 29.86 5.04 -28.01
N ASP B 696 29.18 4.10 -27.30
CA ASP B 696 28.05 4.37 -26.42
C ASP B 696 28.36 5.37 -25.33
N ARG B 697 29.48 5.18 -24.64
CA ARG B 697 29.93 6.04 -23.57
C ARG B 697 30.20 7.46 -24.05
N GLN B 698 30.83 7.61 -25.21
CA GLN B 698 31.16 8.90 -25.79
C GLN B 698 29.89 9.64 -26.21
N VAL B 699 28.95 8.93 -26.86
CA VAL B 699 27.66 9.47 -27.32
C VAL B 699 26.80 9.92 -26.13
N ALA B 700 26.61 9.03 -25.11
CA ALA B 700 25.88 9.29 -23.88
C ALA B 700 26.43 10.53 -23.15
N THR B 701 27.78 10.62 -22.99
CA THR B 701 28.53 11.71 -22.35
C THR B 701 28.38 13.03 -23.11
N TRP B 702 28.51 13.02 -24.45
CA TRP B 702 28.36 14.24 -25.21
C TRP B 702 26.94 14.81 -25.08
N ILE B 703 25.91 13.95 -25.22
CA ILE B 703 24.51 14.38 -25.10
C ILE B 703 24.27 15.06 -23.74
N GLU B 704 24.69 14.41 -22.66
CA GLU B 704 24.52 14.93 -21.30
C GLU B 704 25.28 16.22 -21.00
N GLU B 705 26.46 16.39 -21.61
CA GLU B 705 27.27 17.60 -21.48
C GLU B 705 26.67 18.75 -22.30
N ASN B 706 25.90 18.43 -23.36
CA ASN B 706 25.37 19.47 -24.23
C ASN B 706 23.83 19.54 -24.30
N TYR B 707 23.08 19.11 -23.24
CA TYR B 707 21.61 19.19 -23.23
C TYR B 707 21.16 20.64 -23.55
N LYS B 708 21.95 21.66 -23.09
CA LYS B 708 21.75 23.10 -23.33
C LYS B 708 21.96 23.50 -24.81
N THR B 709 22.99 22.91 -25.46
CA THR B 709 23.31 23.16 -26.88
C THR B 709 22.23 22.50 -27.75
N LEU B 710 21.72 21.33 -27.29
CA LEU B 710 20.68 20.54 -27.97
C LEU B 710 19.30 21.16 -27.77
N ASP B 711 19.05 21.77 -26.59
CA ASP B 711 17.79 22.47 -26.28
C ASP B 711 17.54 23.54 -27.35
N ASP B 712 18.59 24.35 -27.66
CA ASP B 712 18.61 25.40 -28.68
C ASP B 712 18.41 24.84 -30.10
N LYS B 713 19.02 23.66 -30.41
CA LYS B 713 18.92 23.00 -31.71
C LYS B 713 17.51 22.51 -31.99
N LEU B 714 16.81 22.09 -30.93
CA LEU B 714 15.43 21.60 -31.00
C LEU B 714 14.46 22.78 -31.17
N LYS B 715 14.76 23.94 -30.52
CA LYS B 715 13.96 25.17 -30.63
C LYS B 715 13.99 25.68 -32.08
N GLY B 716 15.16 25.62 -32.70
CA GLY B 716 15.38 25.99 -34.09
C GLY B 716 14.65 25.04 -35.02
N LEU B 717 13.61 25.57 -35.72
CA LEU B 717 12.72 24.87 -36.66
C LEU B 717 11.95 23.72 -35.99
N PRO C 23 4.87 -34.20 -61.34
CA PRO C 23 5.59 -34.85 -60.24
C PRO C 23 5.59 -34.03 -58.96
N LYS C 24 5.55 -32.66 -59.09
CA LYS C 24 5.41 -31.74 -57.97
C LYS C 24 3.98 -31.88 -57.40
N ARG C 25 3.00 -32.15 -58.26
CA ARG C 25 1.59 -32.39 -57.87
C ARG C 25 1.46 -33.66 -57.04
N TYR C 26 2.26 -34.69 -57.37
CA TYR C 26 2.29 -35.96 -56.68
C TYR C 26 2.86 -35.78 -55.29
N LYS C 27 4.02 -35.09 -55.18
CA LYS C 27 4.67 -34.74 -53.92
C LYS C 27 3.63 -34.12 -52.96
N ALA C 28 2.82 -33.14 -53.47
CA ALA C 28 1.76 -32.45 -52.74
C ALA C 28 0.61 -33.39 -52.35
N HIS C 29 0.17 -34.29 -53.26
CA HIS C 29 -0.91 -35.26 -53.03
C HIS C 29 -0.57 -36.26 -51.90
N LEU C 30 0.72 -36.67 -51.84
CA LEU C 30 1.31 -37.57 -50.85
C LEU C 30 1.29 -36.94 -49.44
N MET C 31 1.32 -35.59 -49.37
CA MET C 31 1.29 -34.77 -48.15
C MET C 31 -0.16 -34.39 -47.77
N GLY C 32 -1.12 -34.79 -48.61
CA GLY C 32 -2.53 -34.51 -48.43
C GLY C 32 -2.91 -33.07 -48.72
N THR C 33 -2.13 -32.39 -49.58
CA THR C 33 -2.37 -30.99 -49.94
C THR C 33 -2.51 -30.79 -51.45
N THR C 34 -2.91 -29.58 -51.86
CA THR C 34 -3.04 -29.21 -53.26
C THR C 34 -1.75 -28.53 -53.69
N TYR C 35 -1.29 -28.79 -54.93
CA TYR C 35 -0.11 -28.12 -55.46
C TYR C 35 -0.40 -26.60 -55.48
N VAL C 36 0.56 -25.79 -54.94
CA VAL C 36 0.42 -24.32 -54.83
C VAL C 36 -0.25 -23.62 -56.00
N TYR C 37 0.22 -23.89 -57.22
CA TYR C 37 -0.29 -23.26 -58.44
C TYR C 37 -1.69 -23.66 -58.85
N ASP C 38 -2.26 -24.70 -58.19
CA ASP C 38 -3.62 -25.19 -58.39
C ASP C 38 -4.63 -24.56 -57.40
N PHE C 39 -4.12 -23.83 -56.39
CA PHE C 39 -4.98 -23.13 -55.43
C PHE C 39 -5.82 -22.00 -56.05
N PRO C 40 -5.26 -21.08 -56.91
CA PRO C 40 -6.11 -20.06 -57.54
C PRO C 40 -7.37 -20.62 -58.21
N GLU C 41 -7.29 -21.84 -58.79
CA GLU C 41 -8.43 -22.55 -59.42
C GLU C 41 -9.51 -22.93 -58.39
N LEU C 42 -9.10 -23.32 -57.16
CA LEU C 42 -10.01 -23.62 -56.05
C LEU C 42 -10.78 -22.37 -55.62
N PHE C 43 -10.09 -21.19 -55.63
CA PHE C 43 -10.66 -19.88 -55.34
C PHE C 43 -11.67 -19.47 -56.43
N ARG C 44 -11.38 -19.78 -57.71
CA ARG C 44 -12.29 -19.52 -58.84
C ARG C 44 -13.56 -20.36 -58.69
N GLN C 45 -13.39 -21.68 -58.42
CA GLN C 45 -14.48 -22.62 -58.17
C GLN C 45 -15.39 -22.17 -57.02
N ALA C 46 -14.79 -21.77 -55.87
CA ALA C 46 -15.49 -21.31 -54.68
C ALA C 46 -16.23 -19.99 -54.92
N SER C 47 -15.64 -19.08 -55.73
CA SER C 47 -16.25 -17.79 -56.09
C SER C 47 -17.42 -18.01 -57.06
N SER C 48 -17.29 -18.98 -57.97
CA SER C 48 -18.35 -19.33 -58.90
C SER C 48 -19.57 -19.91 -58.13
N SER C 49 -19.30 -20.74 -57.08
CA SER C 49 -20.31 -21.33 -56.19
C SER C 49 -21.05 -20.25 -55.40
N GLN C 50 -20.34 -19.17 -54.98
CA GLN C 50 -20.88 -18.03 -54.24
C GLN C 50 -22.00 -17.39 -55.06
N TRP C 51 -21.74 -17.15 -56.36
CA TRP C 51 -22.70 -16.60 -57.32
C TRP C 51 -23.91 -17.51 -57.52
N LYS C 52 -23.66 -18.83 -57.63
CA LYS C 52 -24.71 -19.85 -57.83
C LYS C 52 -25.69 -19.91 -56.66
N ASN C 53 -25.17 -19.83 -55.42
CA ASN C 53 -25.97 -19.83 -54.20
C ASN C 53 -26.73 -18.53 -54.04
N PHE C 54 -26.13 -17.40 -54.49
CA PHE C 54 -26.73 -16.07 -54.41
C PHE C 54 -27.88 -15.89 -55.44
N SER C 55 -27.56 -16.04 -56.73
CA SER C 55 -28.51 -15.89 -57.82
C SER C 55 -28.19 -16.94 -58.87
N ALA C 56 -28.92 -18.07 -58.83
CA ALA C 56 -28.75 -19.23 -59.71
C ALA C 56 -28.68 -18.89 -61.21
N ASP C 57 -29.42 -17.85 -61.64
CA ASP C 57 -29.50 -17.45 -63.04
C ASP C 57 -28.34 -16.58 -63.57
N VAL C 58 -27.34 -16.28 -62.71
CA VAL C 58 -26.16 -15.49 -63.14
C VAL C 58 -25.28 -16.23 -64.13
N LYS C 59 -24.95 -15.54 -65.22
CA LYS C 59 -24.07 -16.09 -66.25
C LYS C 59 -22.71 -15.46 -66.04
N LEU C 60 -21.75 -16.26 -65.55
CA LEU C 60 -20.41 -15.77 -65.28
C LEU C 60 -19.52 -15.99 -66.48
N THR C 61 -18.63 -15.03 -66.73
CA THR C 61 -17.61 -15.12 -67.76
C THR C 61 -16.28 -15.19 -67.02
N ASP C 62 -15.23 -15.71 -67.69
CA ASP C 62 -13.90 -15.88 -67.06
C ASP C 62 -13.26 -14.61 -66.48
N ASP C 63 -13.69 -13.41 -66.95
CA ASP C 63 -13.17 -12.13 -66.50
C ASP C 63 -13.72 -11.71 -65.11
N PHE C 64 -14.59 -12.53 -64.50
CA PHE C 64 -15.15 -12.31 -63.16
C PHE C 64 -14.07 -12.61 -62.12
N PHE C 65 -13.08 -13.45 -62.49
CA PHE C 65 -12.00 -13.89 -61.61
C PHE C 65 -10.64 -13.77 -62.34
N ILE C 66 -9.68 -13.09 -61.69
CA ILE C 66 -8.32 -12.91 -62.22
C ILE C 66 -7.32 -13.24 -61.10
N SER C 67 -6.36 -14.10 -61.39
CA SER C 67 -5.30 -14.43 -60.46
C SER C 67 -3.98 -14.09 -61.14
N ASN C 68 -3.19 -13.22 -60.55
CA ASN C 68 -1.90 -12.83 -61.12
C ASN C 68 -0.84 -13.09 -60.09
N GLU C 69 0.12 -13.94 -60.43
CA GLU C 69 1.23 -14.25 -59.56
C GLU C 69 2.05 -12.97 -59.25
N LEU C 70 2.47 -12.85 -57.99
CA LEU C 70 3.32 -11.76 -57.53
C LEU C 70 4.75 -12.30 -57.33
N ILE C 71 5.72 -11.65 -57.97
CA ILE C 71 7.13 -11.99 -57.79
C ILE C 71 7.91 -10.72 -57.54
N GLU C 72 9.13 -10.85 -57.05
CA GLU C 72 9.97 -9.67 -56.84
C GLU C 72 10.73 -9.34 -58.10
N ASP C 73 10.75 -8.04 -58.49
CA ASP C 73 11.54 -7.57 -59.64
C ASP C 73 13.02 -7.42 -59.22
N GLU C 74 13.87 -6.87 -60.12
CA GLU C 74 15.32 -6.62 -59.96
C GLU C 74 15.65 -5.87 -58.67
N ASN C 75 14.80 -4.88 -58.30
CA ASN C 75 14.90 -4.01 -57.11
C ASN C 75 14.24 -4.59 -55.85
N GLY C 76 13.74 -5.83 -55.94
CA GLY C 76 13.07 -6.50 -54.82
C GLY C 76 11.64 -6.03 -54.61
N GLU C 77 11.07 -5.29 -55.59
CA GLU C 77 9.68 -4.81 -55.49
C GLU C 77 8.73 -5.82 -56.10
N LEU C 78 7.56 -6.00 -55.48
CA LEU C 78 6.53 -6.94 -55.90
C LEU C 78 5.82 -6.49 -57.17
N THR C 79 5.82 -7.35 -58.20
CA THR C 79 5.20 -7.09 -59.50
C THR C 79 4.38 -8.28 -59.96
N GLU C 80 3.32 -8.02 -60.76
CA GLU C 80 2.50 -9.08 -61.32
C GLU C 80 3.18 -9.73 -62.51
N VAL C 81 3.09 -11.08 -62.60
CA VAL C 81 3.65 -11.86 -63.69
C VAL C 81 2.70 -12.92 -64.21
N GLU C 82 2.93 -13.27 -65.47
CA GLU C 82 2.28 -14.32 -66.23
C GLU C 82 3.42 -15.19 -66.69
N ARG C 83 3.63 -16.28 -65.95
CA ARG C 83 4.66 -17.26 -66.20
C ARG C 83 4.05 -18.66 -65.95
N GLU C 84 4.74 -19.70 -66.39
CA GLU C 84 4.27 -21.06 -66.20
C GLU C 84 4.46 -21.52 -64.74
N PRO C 85 3.49 -22.30 -64.18
CA PRO C 85 3.66 -22.82 -62.80
C PRO C 85 4.92 -23.69 -62.62
N GLY C 86 5.51 -23.63 -61.43
CA GLY C 86 6.68 -24.41 -61.10
C GLY C 86 8.03 -23.76 -61.34
N ALA C 87 8.02 -22.51 -61.80
CA ALA C 87 9.24 -21.77 -62.12
C ALA C 87 9.74 -20.96 -60.89
N ASN C 88 9.08 -21.10 -59.74
CA ASN C 88 9.45 -20.43 -58.51
C ASN C 88 10.85 -20.83 -58.03
N ALA C 89 11.73 -19.83 -57.87
CA ALA C 89 13.10 -20.02 -57.39
C ALA C 89 13.18 -20.04 -55.85
N ILE C 90 12.07 -19.71 -55.16
CA ILE C 90 11.95 -19.75 -53.70
C ILE C 90 10.73 -20.61 -53.31
N GLY C 91 10.68 -21.05 -52.05
CA GLY C 91 9.62 -21.90 -51.52
C GLY C 91 8.37 -21.22 -51.00
N MET C 92 8.17 -19.96 -51.41
CA MET C 92 7.02 -19.15 -51.03
C MET C 92 6.53 -18.52 -52.32
N VAL C 93 5.19 -18.56 -52.52
CA VAL C 93 4.54 -18.00 -53.71
C VAL C 93 3.35 -17.13 -53.29
N ALA C 94 2.97 -16.17 -54.16
CA ALA C 94 1.85 -15.29 -53.88
C ALA C 94 1.10 -14.93 -55.14
N PHE C 95 -0.20 -14.67 -54.97
CA PHE C 95 -1.11 -14.31 -56.05
C PHE C 95 -1.94 -13.13 -55.64
N LYS C 96 -2.17 -12.18 -56.57
CA LYS C 96 -3.09 -11.08 -56.34
C LYS C 96 -4.37 -11.51 -57.04
N ILE C 97 -5.45 -11.64 -56.26
CA ILE C 97 -6.75 -12.05 -56.79
C ILE C 97 -7.71 -10.86 -56.92
N THR C 98 -8.32 -10.70 -58.11
CA THR C 98 -9.35 -9.70 -58.38
C THR C 98 -10.57 -10.50 -58.78
N VAL C 99 -11.62 -10.42 -57.95
CA VAL C 99 -12.83 -11.20 -58.15
C VAL C 99 -14.09 -10.36 -57.97
N LYS C 100 -15.07 -10.56 -58.84
CA LYS C 100 -16.39 -9.94 -58.79
C LYS C 100 -17.23 -10.89 -57.94
N THR C 101 -17.73 -10.43 -56.80
CA THR C 101 -18.51 -11.27 -55.87
C THR C 101 -19.94 -10.71 -55.71
N PRO C 102 -20.93 -11.45 -55.17
CA PRO C 102 -22.26 -10.84 -54.95
C PRO C 102 -22.23 -9.52 -54.14
N GLU C 103 -21.32 -9.40 -53.16
CA GLU C 103 -21.20 -8.19 -52.34
C GLU C 103 -20.36 -7.09 -53.01
N TYR C 104 -19.46 -7.48 -53.95
CA TYR C 104 -18.62 -6.57 -54.74
C TYR C 104 -18.68 -6.95 -56.22
N PRO C 105 -19.85 -6.73 -56.88
CA PRO C 105 -19.99 -7.15 -58.31
C PRO C 105 -19.05 -6.47 -59.31
N ARG C 106 -18.43 -5.35 -58.94
CA ARG C 106 -17.46 -4.65 -59.80
C ARG C 106 -16.03 -5.13 -59.44
N GLY C 107 -15.88 -5.93 -58.38
CA GLY C 107 -14.61 -6.49 -57.98
C GLY C 107 -14.09 -6.12 -56.59
N ARG C 108 -13.41 -7.08 -55.96
CA ARG C 108 -12.68 -6.97 -54.70
C ARG C 108 -11.33 -7.67 -54.89
N GLN C 109 -10.30 -7.19 -54.17
CA GLN C 109 -8.96 -7.76 -54.27
C GLN C 109 -8.44 -8.26 -52.94
N PHE C 110 -7.52 -9.24 -53.02
CA PHE C 110 -6.84 -9.82 -51.87
C PHE C 110 -5.58 -10.53 -52.34
N VAL C 111 -4.65 -10.80 -51.42
CA VAL C 111 -3.42 -11.53 -51.75
C VAL C 111 -3.51 -12.92 -51.16
N VAL C 112 -2.90 -13.88 -51.84
CA VAL C 112 -2.84 -15.25 -51.32
C VAL C 112 -1.35 -15.57 -51.26
N VAL C 113 -0.80 -15.81 -50.04
CA VAL C 113 0.61 -16.20 -49.82
C VAL C 113 0.58 -17.65 -49.46
N ALA C 114 1.54 -18.42 -49.94
CA ALA C 114 1.54 -19.85 -49.66
C ALA C 114 2.91 -20.42 -49.71
N ASN C 115 3.17 -21.38 -48.82
CA ASN C 115 4.42 -22.14 -48.86
C ASN C 115 4.31 -23.12 -50.02
N ASP C 116 5.43 -23.48 -50.64
CA ASP C 116 5.42 -24.53 -51.66
C ASP C 116 6.01 -25.76 -50.96
N ILE C 117 5.15 -26.71 -50.54
CA ILE C 117 5.54 -27.95 -49.86
C ILE C 117 6.53 -28.81 -50.69
N THR C 118 6.55 -28.61 -52.02
CA THR C 118 7.44 -29.35 -52.93
C THR C 118 8.84 -28.73 -52.98
N PHE C 119 8.98 -27.46 -52.53
CA PHE C 119 10.26 -26.74 -52.52
C PHE C 119 10.91 -26.89 -51.15
N LYS C 120 11.95 -27.75 -51.07
CA LYS C 120 12.69 -28.02 -49.82
C LYS C 120 11.74 -28.24 -48.63
N ILE C 121 10.72 -29.11 -48.81
CA ILE C 121 9.69 -29.49 -47.82
C ILE C 121 8.88 -28.32 -47.23
N GLY C 122 8.77 -27.25 -48.01
CA GLY C 122 8.07 -26.02 -47.63
C GLY C 122 8.70 -25.33 -46.43
N SER C 123 10.00 -25.58 -46.19
CA SER C 123 10.74 -24.97 -45.07
C SER C 123 10.87 -23.46 -45.31
N PHE C 124 11.07 -22.71 -44.23
CA PHE C 124 11.22 -21.26 -44.32
C PHE C 124 12.71 -20.90 -44.21
N GLY C 125 13.28 -20.47 -45.33
CA GLY C 125 14.63 -19.97 -45.38
C GLY C 125 14.57 -18.45 -45.33
N PRO C 126 15.71 -17.72 -45.29
CA PRO C 126 15.64 -16.24 -45.27
C PRO C 126 14.91 -15.58 -46.45
N GLN C 127 14.99 -16.18 -47.63
CA GLN C 127 14.36 -15.70 -48.88
C GLN C 127 12.85 -15.86 -48.87
N GLU C 128 12.34 -16.97 -48.32
CA GLU C 128 10.91 -17.23 -48.17
C GLU C 128 10.35 -16.24 -47.12
N ASP C 129 11.11 -15.96 -46.05
CA ASP C 129 10.71 -15.05 -44.97
C ASP C 129 10.63 -13.61 -45.48
N GLU C 130 11.65 -13.17 -46.20
CA GLU C 130 11.67 -11.84 -46.78
C GLU C 130 10.57 -11.60 -47.82
N PHE C 131 10.23 -12.61 -48.63
CA PHE C 131 9.14 -12.55 -49.60
C PHE C 131 7.77 -12.51 -48.89
N PHE C 132 7.56 -13.38 -47.86
CA PHE C 132 6.31 -13.42 -47.08
C PHE C 132 6.07 -12.06 -46.40
N ASN C 133 7.15 -11.43 -45.88
CA ASN C 133 7.08 -10.11 -45.23
C ASN C 133 6.73 -9.02 -46.28
N LYS C 134 7.37 -9.06 -47.45
CA LYS C 134 7.15 -8.13 -48.55
C LYS C 134 5.68 -8.20 -49.04
N VAL C 135 5.11 -9.42 -49.09
CA VAL C 135 3.71 -9.68 -49.48
C VAL C 135 2.74 -9.17 -48.43
N THR C 136 3.08 -9.35 -47.14
CA THR C 136 2.28 -8.85 -46.01
C THR C 136 2.21 -7.32 -46.06
N GLU C 137 3.36 -6.67 -46.27
CA GLU C 137 3.46 -5.20 -46.37
C GLU C 137 2.72 -4.63 -47.58
N TYR C 138 2.73 -5.36 -48.71
CA TYR C 138 2.07 -5.03 -49.97
C TYR C 138 0.55 -4.96 -49.70
N ALA C 139 -0.01 -6.00 -49.07
CA ALA C 139 -1.41 -6.11 -48.65
C ALA C 139 -1.77 -4.98 -47.66
N ARG C 140 -0.94 -4.79 -46.63
CA ARG C 140 -1.15 -3.77 -45.59
C ARG C 140 -1.18 -2.36 -46.16
N LYS C 141 -0.23 -2.00 -47.04
CA LYS C 141 -0.18 -0.70 -47.72
C LYS C 141 -1.49 -0.45 -48.52
N ARG C 142 -2.01 -1.50 -49.19
CA ARG C 142 -3.23 -1.42 -49.99
C ARG C 142 -4.54 -1.59 -49.21
N GLY C 143 -4.46 -2.04 -47.96
CA GLY C 143 -5.61 -2.29 -47.10
C GLY C 143 -6.37 -3.57 -47.41
N ILE C 144 -5.85 -4.39 -48.31
CA ILE C 144 -6.50 -5.62 -48.80
C ILE C 144 -6.25 -6.87 -47.96
N PRO C 145 -7.22 -7.83 -47.89
CA PRO C 145 -7.00 -9.04 -47.09
C PRO C 145 -5.77 -9.86 -47.49
N ARG C 146 -5.14 -10.53 -46.49
CA ARG C 146 -4.00 -11.41 -46.70
C ARG C 146 -4.44 -12.81 -46.30
N ILE C 147 -4.51 -13.71 -47.29
CA ILE C 147 -4.84 -15.12 -47.09
C ILE C 147 -3.53 -15.89 -47.08
N TYR C 148 -3.26 -16.67 -46.04
CA TYR C 148 -2.06 -17.50 -45.97
C TYR C 148 -2.44 -18.99 -46.06
N LEU C 149 -1.81 -19.73 -47.00
CA LEU C 149 -2.00 -21.18 -47.14
C LEU C 149 -0.77 -21.85 -46.56
N ALA C 150 -0.92 -22.44 -45.37
CA ALA C 150 0.14 -23.03 -44.57
C ALA C 150 0.38 -24.52 -44.88
N ALA C 151 1.57 -24.82 -45.44
CA ALA C 151 2.01 -26.17 -45.85
C ALA C 151 3.53 -26.17 -45.73
N ASN C 152 4.03 -26.40 -44.51
CA ASN C 152 5.46 -26.26 -44.27
C ASN C 152 6.09 -27.20 -43.26
N SER C 153 7.41 -27.04 -43.09
CA SER C 153 8.27 -27.80 -42.18
C SER C 153 9.02 -26.90 -41.19
N GLY C 154 8.56 -25.65 -41.03
CA GLY C 154 9.19 -24.66 -40.15
C GLY C 154 10.47 -24.10 -40.73
N ALA C 155 11.29 -23.48 -39.87
CA ALA C 155 12.59 -22.90 -40.27
C ALA C 155 13.50 -23.95 -40.90
N ARG C 156 14.18 -23.57 -41.99
CA ARG C 156 15.11 -24.41 -42.72
C ARG C 156 16.32 -24.75 -41.84
N ILE C 157 16.78 -26.00 -41.92
CA ILE C 157 17.91 -26.51 -41.13
C ILE C 157 19.00 -26.99 -42.09
N GLY C 158 20.24 -26.65 -41.78
CA GLY C 158 21.40 -27.06 -42.56
C GLY C 158 22.69 -27.11 -41.77
N MET C 159 23.74 -27.58 -42.44
CA MET C 159 25.12 -27.67 -41.96
C MET C 159 26.03 -27.21 -43.10
N ALA C 160 27.29 -26.87 -42.77
CA ALA C 160 28.28 -26.48 -43.77
C ALA C 160 28.80 -27.79 -44.37
N GLU C 161 28.15 -28.22 -45.48
CA GLU C 161 28.42 -29.47 -46.21
C GLU C 161 29.81 -29.56 -46.82
N GLU C 162 30.44 -28.40 -47.08
CA GLU C 162 31.80 -28.31 -47.62
C GLU C 162 32.88 -28.69 -46.60
N ILE C 163 32.59 -28.55 -45.29
CA ILE C 163 33.51 -28.85 -44.17
C ILE C 163 33.46 -30.33 -43.80
N VAL C 164 32.33 -31.01 -44.11
CA VAL C 164 32.12 -32.44 -43.87
C VAL C 164 33.27 -33.32 -44.44
N PRO C 165 33.70 -33.19 -45.72
CA PRO C 165 34.80 -34.05 -46.19
C PRO C 165 36.20 -33.52 -45.86
N LEU C 166 36.30 -32.37 -45.18
CA LEU C 166 37.57 -31.72 -44.88
C LEU C 166 38.08 -31.86 -43.44
N PHE C 167 37.17 -31.74 -42.44
CA PHE C 167 37.53 -31.79 -41.02
C PHE C 167 38.30 -33.04 -40.57
N GLN C 168 39.23 -32.84 -39.64
CA GLN C 168 40.04 -33.90 -39.05
C GLN C 168 39.75 -33.94 -37.56
N VAL C 169 40.04 -35.07 -36.92
CA VAL C 169 39.80 -35.26 -35.49
C VAL C 169 41.12 -35.41 -34.73
N ALA C 170 41.31 -34.61 -33.65
CA ALA C 170 42.49 -34.67 -32.79
C ALA C 170 42.21 -35.59 -31.60
N TRP C 171 42.41 -36.91 -31.81
CA TRP C 171 42.19 -37.98 -30.84
C TRP C 171 43.11 -37.92 -29.64
N ASN C 172 42.65 -38.50 -28.51
CA ASN C 172 43.42 -38.58 -27.26
C ASN C 172 44.53 -39.63 -27.44
N ASP C 173 44.25 -40.64 -28.28
CA ASP C 173 45.08 -41.78 -28.65
C ASP C 173 44.61 -42.19 -30.06
N ALA C 174 45.44 -41.95 -31.08
CA ALA C 174 45.12 -42.27 -32.49
C ALA C 174 44.77 -43.74 -32.74
N ALA C 175 45.50 -44.69 -32.07
CA ALA C 175 45.29 -46.13 -32.17
C ALA C 175 43.97 -46.58 -31.52
N ASN C 176 43.52 -45.85 -30.46
CA ASN C 176 42.27 -46.09 -29.72
C ASN C 176 41.27 -44.92 -29.90
N PRO C 177 40.44 -44.93 -30.98
CA PRO C 177 39.46 -43.84 -31.17
C PRO C 177 38.46 -43.67 -30.02
N ASP C 178 38.08 -44.80 -29.38
CA ASP C 178 37.17 -44.90 -28.24
C ASP C 178 37.59 -44.05 -27.02
N LYS C 179 38.90 -43.72 -26.90
CA LYS C 179 39.45 -42.93 -25.80
C LYS C 179 39.05 -41.44 -25.83
N GLY C 180 38.46 -40.99 -26.95
CA GLY C 180 37.97 -39.63 -27.13
C GLY C 180 38.70 -38.77 -28.14
N PHE C 181 38.39 -37.47 -28.14
CA PHE C 181 38.98 -36.45 -29.00
C PHE C 181 39.04 -35.09 -28.28
N GLN C 182 40.03 -34.25 -28.66
CA GLN C 182 40.25 -32.92 -28.06
C GLN C 182 39.53 -31.80 -28.81
N TYR C 183 39.63 -31.81 -30.15
CA TYR C 183 39.05 -30.82 -31.04
C TYR C 183 38.96 -31.36 -32.48
N LEU C 184 38.32 -30.56 -33.35
CA LEU C 184 38.18 -30.80 -34.77
C LEU C 184 39.10 -29.76 -35.44
N TYR C 185 39.79 -30.15 -36.52
CA TYR C 185 40.72 -29.26 -37.19
C TYR C 185 40.76 -29.47 -38.71
N LEU C 186 41.45 -28.55 -39.41
CA LEU C 186 41.69 -28.62 -40.85
C LEU C 186 43.19 -28.67 -41.09
N THR C 187 43.59 -29.29 -42.20
CA THR C 187 45.00 -29.36 -42.62
C THR C 187 45.24 -28.20 -43.60
N SER C 188 46.51 -28.00 -44.00
CA SER C 188 46.93 -27.00 -44.98
C SER C 188 46.16 -27.23 -46.31
N GLU C 189 46.00 -28.53 -46.69
CA GLU C 189 45.27 -28.95 -47.89
C GLU C 189 43.76 -28.75 -47.77
N GLY C 190 43.24 -28.82 -46.55
CA GLY C 190 41.84 -28.53 -46.23
C GLY C 190 41.58 -27.05 -46.39
N MET C 191 42.48 -26.23 -45.82
CA MET C 191 42.48 -24.76 -45.91
C MET C 191 42.60 -24.32 -47.38
N GLU C 192 43.51 -24.97 -48.15
CA GLU C 192 43.73 -24.69 -49.56
C GLU C 192 42.49 -25.00 -50.41
N THR C 193 41.81 -26.15 -50.14
CA THR C 193 40.57 -26.57 -50.81
C THR C 193 39.50 -25.44 -50.68
N LEU C 194 39.39 -24.85 -49.47
CA LEU C 194 38.49 -23.76 -49.11
C LEU C 194 38.90 -22.47 -49.84
N LYS C 195 40.23 -22.15 -49.85
CA LYS C 195 40.81 -21.00 -50.55
C LYS C 195 40.51 -21.05 -52.06
N LYS C 196 40.67 -22.26 -52.65
CA LYS C 196 40.43 -22.57 -54.06
C LYS C 196 38.98 -22.28 -54.48
N PHE C 197 37.98 -22.84 -53.76
CA PHE C 197 36.56 -22.67 -54.06
C PHE C 197 35.93 -21.37 -53.50
N ASP C 198 36.78 -20.44 -53.03
CA ASP C 198 36.43 -19.13 -52.45
C ASP C 198 35.43 -19.25 -51.25
N LYS C 199 35.71 -20.22 -50.36
CA LYS C 199 34.91 -20.50 -49.18
C LYS C 199 35.79 -20.39 -47.93
N GLU C 200 36.77 -19.43 -47.97
CA GLU C 200 37.71 -19.13 -46.89
C GLU C 200 37.00 -18.78 -45.56
N ASN C 201 35.90 -18.02 -45.62
CA ASN C 201 35.12 -17.61 -44.45
C ASN C 201 34.05 -18.63 -43.97
N SER C 202 34.10 -19.88 -44.46
CA SER C 202 33.21 -20.98 -44.06
C SER C 202 33.50 -21.45 -42.62
N VAL C 203 34.76 -21.27 -42.17
CA VAL C 203 35.23 -21.64 -40.82
C VAL C 203 36.08 -20.51 -40.23
N LEU C 204 36.13 -20.46 -38.89
CA LEU C 204 36.98 -19.58 -38.12
C LEU C 204 37.99 -20.51 -37.46
N THR C 205 39.28 -20.34 -37.78
CA THR C 205 40.32 -21.23 -37.29
C THR C 205 41.38 -20.54 -36.43
N GLU C 206 42.04 -21.32 -35.58
CA GLU C 206 43.12 -20.88 -34.70
C GLU C 206 44.28 -21.82 -34.98
N ARG C 207 45.35 -21.30 -35.61
CA ARG C 207 46.51 -22.14 -35.96
C ARG C 207 47.32 -22.64 -34.77
N THR C 208 47.75 -23.90 -34.86
CA THR C 208 48.57 -24.58 -33.85
C THR C 208 49.54 -25.55 -34.54
N VAL C 209 50.65 -25.88 -33.87
CA VAL C 209 51.62 -26.84 -34.38
C VAL C 209 51.79 -27.93 -33.31
N ILE C 210 51.41 -29.15 -33.65
CA ILE C 210 51.48 -30.33 -32.79
C ILE C 210 52.30 -31.40 -33.51
N ASN C 211 53.46 -31.76 -32.90
CA ASN C 211 54.43 -32.73 -33.39
C ASN C 211 54.95 -32.39 -34.80
N GLY C 212 55.26 -31.11 -35.00
CA GLY C 212 55.79 -30.56 -36.24
C GLY C 212 54.80 -30.23 -37.33
N GLU C 213 53.56 -30.78 -37.24
CA GLU C 213 52.50 -30.58 -38.25
C GLU C 213 51.52 -29.47 -37.87
N GLU C 214 51.29 -28.51 -38.80
CA GLU C 214 50.38 -27.40 -38.58
C GLU C 214 48.92 -27.81 -38.69
N ARG C 215 48.15 -27.55 -37.61
CA ARG C 215 46.74 -27.88 -37.46
C ARG C 215 45.94 -26.60 -37.32
N PHE C 216 44.89 -26.45 -38.15
CA PHE C 216 44.03 -25.27 -38.11
C PHE C 216 42.78 -25.64 -37.33
N VAL C 217 42.82 -25.39 -36.01
CA VAL C 217 41.75 -25.72 -35.04
C VAL C 217 40.46 -24.97 -35.36
N ILE C 218 39.37 -25.73 -35.65
CA ILE C 218 38.05 -25.17 -35.95
C ILE C 218 37.44 -24.62 -34.65
N LYS C 219 37.23 -23.30 -34.62
CA LYS C 219 36.68 -22.59 -33.47
C LYS C 219 35.18 -22.36 -33.66
N THR C 220 34.76 -22.13 -34.92
CA THR C 220 33.37 -21.96 -35.34
C THR C 220 33.20 -22.39 -36.80
N ILE C 221 32.07 -23.06 -37.10
CA ILE C 221 31.69 -23.42 -38.47
C ILE C 221 30.60 -22.41 -38.86
N ILE C 222 30.79 -21.70 -39.99
CA ILE C 222 29.83 -20.70 -40.49
C ILE C 222 29.08 -21.22 -41.72
N GLY C 223 29.82 -21.74 -42.70
CA GLY C 223 29.28 -22.24 -43.95
C GLY C 223 29.09 -21.17 -45.01
N SER C 224 29.26 -21.56 -46.28
CA SER C 224 29.10 -20.67 -47.45
C SER C 224 27.61 -20.52 -47.82
N GLU C 225 26.82 -21.59 -47.61
CA GLU C 225 25.39 -21.61 -47.91
C GLU C 225 24.59 -20.85 -46.87
N ASP C 226 23.66 -20.02 -47.36
CA ASP C 226 22.77 -19.24 -46.54
C ASP C 226 21.52 -20.06 -46.23
N GLY C 227 21.00 -19.91 -45.01
CA GLY C 227 19.79 -20.60 -44.59
C GLY C 227 20.00 -21.90 -43.84
N LEU C 228 20.99 -21.91 -42.94
CA LEU C 228 21.42 -23.07 -42.14
C LEU C 228 20.84 -23.08 -40.70
N GLY C 229 20.82 -21.91 -40.05
CA GLY C 229 20.38 -21.82 -38.67
C GLY C 229 19.78 -20.52 -38.24
N VAL C 230 20.52 -19.76 -37.39
CA VAL C 230 20.09 -18.49 -36.78
C VAL C 230 19.47 -17.45 -37.71
N GLU C 231 20.00 -17.36 -38.97
CA GLU C 231 19.49 -16.44 -40.00
C GLU C 231 18.03 -16.79 -40.37
N CYS C 232 17.66 -18.11 -40.29
CA CYS C 232 16.29 -18.63 -40.50
C CYS C 232 15.41 -18.26 -39.32
N LEU C 233 16.01 -18.19 -38.11
CA LEU C 233 15.30 -17.82 -36.87
C LEU C 233 15.01 -16.32 -36.86
N ARG C 234 15.95 -15.50 -37.39
CA ARG C 234 15.78 -14.05 -37.56
C ARG C 234 14.57 -13.78 -38.50
N GLY C 235 14.55 -14.44 -39.66
CA GLY C 235 13.50 -14.32 -40.65
C GLY C 235 12.14 -14.74 -40.12
N SER C 236 12.12 -15.77 -39.24
CA SER C 236 10.92 -16.27 -38.57
C SER C 236 10.35 -15.19 -37.62
N GLY C 237 11.21 -14.51 -36.87
CA GLY C 237 10.82 -13.44 -35.95
C GLY C 237 10.23 -12.25 -36.69
N LEU C 238 10.87 -11.88 -37.81
CA LEU C 238 10.43 -10.81 -38.71
C LEU C 238 8.99 -11.03 -39.19
N ILE C 239 8.69 -12.26 -39.67
CA ILE C 239 7.35 -12.62 -40.17
C ILE C 239 6.31 -12.81 -39.08
N ALA C 240 6.75 -13.20 -37.86
CA ALA C 240 5.89 -13.33 -36.68
C ALA C 240 5.40 -11.91 -36.29
N GLY C 241 6.34 -10.96 -36.23
CA GLY C 241 6.07 -9.55 -35.93
C GLY C 241 5.18 -8.90 -36.97
N ALA C 242 5.42 -9.22 -38.25
CA ALA C 242 4.71 -8.72 -39.42
C ALA C 242 3.26 -9.13 -39.41
N THR C 243 2.98 -10.39 -39.00
CA THR C 243 1.66 -11.01 -38.91
C THR C 243 0.88 -10.44 -37.73
N SER C 244 1.55 -10.27 -36.57
CA SER C 244 1.00 -9.61 -35.38
C SER C 244 0.45 -8.22 -35.78
N ARG C 245 1.23 -7.44 -36.57
CA ARG C 245 0.87 -6.12 -37.07
C ARG C 245 -0.25 -6.17 -38.08
N ALA C 246 -0.20 -7.13 -39.02
CA ALA C 246 -1.20 -7.29 -40.08
C ALA C 246 -2.60 -7.54 -39.53
N TYR C 247 -2.70 -8.35 -38.44
CA TYR C 247 -3.97 -8.65 -37.77
C TYR C 247 -4.73 -7.38 -37.30
N HIS C 248 -3.99 -6.34 -36.89
CA HIS C 248 -4.60 -5.09 -36.42
C HIS C 248 -4.94 -4.13 -37.54
N ASP C 249 -4.54 -4.46 -38.75
CA ASP C 249 -4.56 -3.58 -39.91
C ASP C 249 -5.43 -4.03 -41.09
N ILE C 250 -5.35 -5.32 -41.44
CA ILE C 250 -6.09 -5.86 -42.59
C ILE C 250 -6.77 -7.13 -42.14
N PHE C 251 -7.67 -7.66 -42.96
CA PHE C 251 -8.30 -8.94 -42.66
C PHE C 251 -7.26 -10.06 -42.93
N THR C 252 -6.91 -10.83 -41.88
CA THR C 252 -5.96 -11.95 -41.97
C THR C 252 -6.69 -13.30 -41.74
N ILE C 253 -6.37 -14.28 -42.55
CA ILE C 253 -6.92 -15.63 -42.45
C ILE C 253 -5.87 -16.64 -42.96
N THR C 254 -5.86 -17.83 -42.34
CA THR C 254 -4.95 -18.93 -42.69
C THR C 254 -5.73 -20.22 -42.91
N LEU C 255 -5.37 -20.95 -43.99
CA LEU C 255 -5.86 -22.30 -44.25
C LEU C 255 -4.68 -23.23 -44.00
N VAL C 256 -4.84 -24.18 -43.06
CA VAL C 256 -3.81 -25.17 -42.74
C VAL C 256 -4.13 -26.33 -43.68
N THR C 257 -3.49 -26.29 -44.85
CA THR C 257 -3.71 -27.21 -45.98
C THR C 257 -2.83 -28.45 -45.86
N CYS C 258 -1.71 -28.28 -45.17
CA CYS C 258 -0.78 -29.33 -44.89
C CYS C 258 -0.25 -29.06 -43.50
N ARG C 259 0.67 -29.88 -42.99
CA ARG C 259 1.23 -29.63 -41.67
C ARG C 259 1.88 -28.22 -41.61
N SER C 260 1.77 -27.55 -40.46
CA SER C 260 2.33 -26.21 -40.20
C SER C 260 3.15 -26.37 -38.93
N VAL C 261 4.49 -26.23 -39.09
CA VAL C 261 5.48 -26.51 -38.03
C VAL C 261 6.22 -25.26 -37.57
N GLY C 262 6.43 -25.14 -36.24
CA GLY C 262 7.20 -24.08 -35.60
C GLY C 262 6.72 -22.69 -35.90
N ILE C 263 7.51 -21.93 -36.71
CA ILE C 263 7.09 -20.61 -37.16
C ILE C 263 5.73 -20.71 -37.87
N GLY C 264 5.51 -21.79 -38.64
CA GLY C 264 4.25 -22.05 -39.32
C GLY C 264 3.09 -22.09 -38.33
N ALA C 265 3.26 -22.76 -37.17
CA ALA C 265 2.25 -22.88 -36.13
C ALA C 265 1.98 -21.49 -35.49
N TYR C 266 3.05 -20.70 -35.28
CA TYR C 266 2.93 -19.35 -34.76
C TYR C 266 2.22 -18.38 -35.73
N LEU C 267 2.43 -18.55 -37.04
CA LEU C 267 1.76 -17.76 -38.09
C LEU C 267 0.28 -18.04 -38.11
N VAL C 268 -0.14 -19.33 -37.88
CA VAL C 268 -1.58 -19.61 -37.82
C VAL C 268 -2.29 -18.84 -36.71
N ARG C 269 -1.68 -18.77 -35.49
CA ARG C 269 -2.20 -18.06 -34.32
C ARG C 269 -2.12 -16.57 -34.55
N LEU C 270 -0.95 -16.05 -34.96
CA LEU C 270 -0.74 -14.60 -35.13
C LEU C 270 -1.70 -13.90 -36.10
N GLY C 271 -2.13 -14.61 -37.15
CA GLY C 271 -3.14 -14.13 -38.09
C GLY C 271 -4.54 -14.30 -37.53
N GLN C 272 -4.65 -15.02 -36.39
CA GLN C 272 -5.87 -15.29 -35.60
C GLN C 272 -6.88 -16.23 -36.23
N ARG C 273 -7.53 -15.78 -37.31
CA ARG C 273 -8.56 -16.50 -38.07
C ARG C 273 -7.89 -17.66 -38.80
N ALA C 274 -8.29 -18.89 -38.44
CA ALA C 274 -7.71 -20.12 -38.96
C ALA C 274 -8.73 -21.21 -39.25
N ILE C 275 -8.59 -21.88 -40.41
CA ILE C 275 -9.41 -23.00 -40.88
C ILE C 275 -8.43 -24.16 -41.03
N GLN C 276 -8.67 -25.25 -40.31
CA GLN C 276 -7.77 -26.39 -40.35
C GLN C 276 -8.37 -27.54 -41.13
N VAL C 277 -7.62 -28.02 -42.14
CA VAL C 277 -8.08 -29.19 -42.89
C VAL C 277 -7.85 -30.42 -42.02
N GLU C 278 -8.89 -31.27 -41.92
CA GLU C 278 -8.83 -32.50 -41.13
C GLU C 278 -7.61 -33.34 -41.50
N GLY C 279 -6.89 -33.81 -40.49
CA GLY C 279 -5.69 -34.63 -40.68
C GLY C 279 -4.42 -33.86 -40.94
N GLN C 280 -4.49 -32.51 -40.88
CA GLN C 280 -3.31 -31.64 -41.08
C GLN C 280 -2.91 -31.00 -39.75
N PRO C 281 -1.75 -31.38 -39.19
CA PRO C 281 -1.37 -30.86 -37.86
C PRO C 281 -0.69 -29.50 -37.78
N ILE C 282 -0.97 -28.78 -36.67
CA ILE C 282 -0.37 -27.51 -36.30
C ILE C 282 0.51 -27.88 -35.09
N ILE C 283 1.83 -28.01 -35.30
CA ILE C 283 2.75 -28.46 -34.24
C ILE C 283 3.96 -27.54 -34.03
N LEU C 284 4.60 -27.70 -32.87
CA LEU C 284 5.86 -27.05 -32.52
C LEU C 284 6.89 -28.16 -32.68
N THR C 285 7.44 -28.74 -31.59
CA THR C 285 8.32 -29.90 -31.74
C THR C 285 7.41 -31.12 -31.98
N GLY C 286 7.81 -31.98 -32.93
CA GLY C 286 7.07 -33.18 -33.30
C GLY C 286 7.14 -34.29 -32.27
N ALA C 287 6.25 -35.29 -32.39
CA ALA C 287 6.10 -36.44 -31.49
C ALA C 287 7.38 -37.24 -31.28
N SER C 288 8.09 -37.62 -32.37
CA SER C 288 9.31 -38.43 -32.25
C SER C 288 10.47 -37.70 -31.56
N ALA C 289 10.62 -36.39 -31.83
CA ALA C 289 11.66 -35.59 -31.16
C ALA C 289 11.33 -35.43 -29.67
N LEU C 290 10.03 -35.26 -29.33
CA LEU C 290 9.52 -35.14 -27.98
C LEU C 290 9.78 -36.43 -27.19
N ASN C 291 9.57 -37.59 -27.85
CA ASN C 291 9.82 -38.93 -27.33
C ASN C 291 11.31 -39.10 -27.01
N LYS C 292 12.20 -38.62 -27.90
CA LYS C 292 13.65 -38.70 -27.69
C LYS C 292 14.06 -37.89 -26.46
N VAL C 293 13.57 -36.64 -26.32
CA VAL C 293 13.86 -35.75 -25.19
C VAL C 293 13.34 -36.34 -23.86
N LEU C 294 12.10 -36.89 -23.85
CA LEU C 294 11.48 -37.48 -22.66
C LEU C 294 12.00 -38.89 -22.31
N GLY C 295 12.71 -39.53 -23.25
CA GLY C 295 13.29 -40.86 -23.10
C GLY C 295 12.30 -42.01 -23.01
N ARG C 296 11.08 -41.81 -23.57
CA ARG C 296 9.97 -42.77 -23.58
C ARG C 296 9.12 -42.56 -24.84
N GLU C 297 8.44 -43.61 -25.30
CA GLU C 297 7.52 -43.50 -26.44
C GLU C 297 6.17 -43.01 -25.89
N VAL C 298 6.11 -41.73 -25.50
CA VAL C 298 4.89 -41.13 -24.92
C VAL C 298 3.85 -40.75 -25.96
N TYR C 299 4.27 -40.16 -27.09
CA TYR C 299 3.37 -39.76 -28.16
C TYR C 299 3.43 -40.70 -29.35
N THR C 300 2.27 -40.94 -29.96
CA THR C 300 2.14 -41.84 -31.10
C THR C 300 2.15 -41.14 -32.46
N SER C 301 1.71 -39.87 -32.53
CA SER C 301 1.62 -39.14 -33.79
C SER C 301 1.70 -37.62 -33.59
N ASN C 302 1.93 -36.86 -34.69
CA ASN C 302 1.90 -35.40 -34.70
C ASN C 302 0.47 -34.90 -34.57
N LEU C 303 -0.51 -35.68 -35.09
CA LEU C 303 -1.94 -35.38 -35.03
C LEU C 303 -2.49 -35.42 -33.60
N GLN C 304 -1.82 -36.17 -32.73
CA GLN C 304 -2.12 -36.27 -31.30
C GLN C 304 -1.80 -34.94 -30.62
N LEU C 305 -0.77 -34.24 -31.12
CA LEU C 305 -0.27 -32.95 -30.63
C LEU C 305 -1.00 -31.75 -31.23
N GLY C 306 -1.25 -31.78 -32.54
CA GLY C 306 -1.84 -30.65 -33.24
C GLY C 306 -2.94 -30.91 -34.24
N GLY C 307 -3.64 -32.03 -34.11
CA GLY C 307 -4.79 -32.32 -34.96
C GLY C 307 -5.96 -31.43 -34.61
N THR C 308 -7.06 -31.48 -35.40
CA THR C 308 -8.28 -30.67 -35.17
C THR C 308 -8.91 -30.92 -33.79
N GLN C 309 -8.76 -32.15 -33.26
CA GLN C 309 -9.28 -32.54 -31.94
C GLN C 309 -8.56 -31.83 -30.78
N ILE C 310 -7.46 -31.12 -31.11
CA ILE C 310 -6.68 -30.27 -30.20
C ILE C 310 -7.04 -28.81 -30.50
N MET C 311 -6.78 -28.38 -31.75
CA MET C 311 -6.87 -26.99 -32.22
C MET C 311 -8.23 -26.42 -32.46
N TYR C 312 -9.18 -27.24 -32.90
CA TYR C 312 -10.56 -26.80 -33.09
C TYR C 312 -11.20 -26.76 -31.69
N ASN C 313 -10.89 -27.79 -30.87
CA ASN C 313 -11.35 -27.92 -29.48
C ASN C 313 -10.85 -26.80 -28.53
N ASN C 314 -9.69 -26.17 -28.81
CA ASN C 314 -9.13 -25.09 -27.96
C ASN C 314 -9.25 -23.68 -28.53
N GLY C 315 -9.81 -23.56 -29.74
CA GLY C 315 -10.05 -22.27 -30.35
C GLY C 315 -8.92 -21.68 -31.15
N VAL C 316 -7.86 -22.48 -31.44
CA VAL C 316 -6.76 -22.02 -32.30
C VAL C 316 -7.29 -22.06 -33.74
N SER C 317 -8.08 -23.10 -34.05
CA SER C 317 -8.77 -23.28 -35.33
C SER C 317 -10.21 -22.84 -35.11
N HIS C 318 -10.62 -21.84 -35.87
CA HIS C 318 -11.96 -21.26 -35.82
C HIS C 318 -12.94 -22.19 -36.45
N LEU C 319 -12.48 -22.91 -37.49
CA LEU C 319 -13.26 -23.87 -38.27
C LEU C 319 -12.38 -25.00 -38.71
N THR C 320 -13.03 -26.03 -39.14
CA THR C 320 -12.46 -27.27 -39.67
C THR C 320 -12.99 -27.42 -41.14
N ALA C 321 -12.24 -28.10 -42.02
CA ALA C 321 -12.63 -28.36 -43.41
C ALA C 321 -12.26 -29.80 -43.77
N VAL C 322 -13.14 -30.48 -44.51
CA VAL C 322 -12.94 -31.87 -44.95
C VAL C 322 -11.81 -31.98 -45.97
N ASP C 323 -11.63 -30.93 -46.80
CA ASP C 323 -10.60 -30.86 -47.84
C ASP C 323 -10.28 -29.41 -48.18
N ASP C 324 -9.31 -29.20 -49.09
CA ASP C 324 -8.85 -27.89 -49.53
C ASP C 324 -9.92 -26.98 -50.09
N LEU C 325 -10.76 -27.52 -50.99
CA LEU C 325 -11.86 -26.75 -51.57
C LEU C 325 -12.88 -26.33 -50.51
N ALA C 326 -13.25 -27.23 -49.56
CA ALA C 326 -14.15 -26.89 -48.44
C ALA C 326 -13.55 -25.72 -47.64
N GLY C 327 -12.23 -25.77 -47.39
CA GLY C 327 -11.47 -24.73 -46.71
C GLY C 327 -11.46 -23.40 -47.43
N VAL C 328 -11.27 -23.45 -48.76
CA VAL C 328 -11.29 -22.27 -49.64
C VAL C 328 -12.71 -21.64 -49.68
N GLU C 329 -13.77 -22.47 -49.70
CA GLU C 329 -15.16 -22.04 -49.67
C GLU C 329 -15.47 -21.30 -48.37
N LYS C 330 -14.97 -21.81 -47.23
CA LYS C 330 -15.12 -21.19 -45.92
C LYS C 330 -14.38 -19.84 -45.84
N ILE C 331 -13.19 -19.70 -46.50
CA ILE C 331 -12.46 -18.41 -46.57
C ILE C 331 -13.35 -17.38 -47.28
N VAL C 332 -13.82 -17.74 -48.50
CA VAL C 332 -14.65 -16.94 -49.39
C VAL C 332 -15.99 -16.51 -48.72
N GLU C 333 -16.65 -17.44 -48.01
CA GLU C 333 -17.87 -17.19 -47.23
C GLU C 333 -17.60 -16.23 -46.07
N TRP C 334 -16.46 -16.38 -45.37
CA TRP C 334 -16.06 -15.51 -44.26
C TRP C 334 -15.81 -14.08 -44.77
N MET C 335 -15.09 -13.95 -45.89
CA MET C 335 -14.76 -12.67 -46.54
C MET C 335 -15.98 -11.91 -47.04
N SER C 336 -17.11 -12.60 -47.29
CA SER C 336 -18.36 -11.99 -47.80
C SER C 336 -19.02 -11.01 -46.81
N TYR C 337 -18.55 -11.00 -45.54
CA TYR C 337 -19.04 -10.12 -44.47
C TYR C 337 -18.09 -8.96 -44.24
N VAL C 338 -16.90 -9.06 -44.83
CA VAL C 338 -15.76 -8.15 -44.66
C VAL C 338 -15.62 -7.07 -45.78
N PRO C 339 -15.30 -5.80 -45.41
CA PRO C 339 -15.08 -4.77 -46.45
C PRO C 339 -13.99 -5.18 -47.46
N ALA C 340 -14.09 -4.67 -48.71
CA ALA C 340 -13.13 -4.98 -49.80
C ALA C 340 -11.70 -4.60 -49.41
N LYS C 341 -11.56 -3.51 -48.68
CA LYS C 341 -10.30 -3.03 -48.14
C LYS C 341 -10.52 -2.22 -46.86
N ARG C 342 -9.46 -2.04 -46.08
CA ARG C 342 -9.49 -1.27 -44.82
C ARG C 342 -10.20 0.07 -44.99
N ASN C 343 -11.09 0.39 -44.06
CA ASN C 343 -11.86 1.64 -43.95
C ASN C 343 -12.96 1.85 -44.97
N MET C 344 -13.21 0.85 -45.83
CA MET C 344 -14.31 0.89 -46.78
C MET C 344 -15.56 0.47 -46.00
N PRO C 345 -16.78 0.92 -46.37
CA PRO C 345 -17.95 0.49 -45.59
C PRO C 345 -18.18 -1.03 -45.59
N VAL C 346 -18.81 -1.55 -44.52
CA VAL C 346 -19.17 -2.97 -44.43
C VAL C 346 -20.06 -3.35 -45.64
N PRO C 347 -19.85 -4.53 -46.28
CA PRO C 347 -20.62 -4.84 -47.50
C PRO C 347 -22.06 -5.26 -47.27
N ILE C 348 -22.99 -4.38 -47.70
CA ILE C 348 -24.42 -4.65 -47.67
C ILE C 348 -24.74 -5.72 -48.72
N LEU C 349 -25.52 -6.72 -48.31
CA LEU C 349 -25.97 -7.77 -49.21
C LEU C 349 -27.38 -8.16 -48.83
N GLU C 350 -28.34 -7.47 -49.44
CA GLU C 350 -29.77 -7.76 -49.23
C GLU C 350 -30.12 -9.05 -49.95
N THR C 351 -30.91 -9.92 -49.29
CA THR C 351 -31.39 -11.18 -49.84
C THR C 351 -32.91 -11.20 -49.78
N LYS C 352 -33.53 -12.36 -50.09
CA LYS C 352 -34.99 -12.57 -50.09
C LYS C 352 -35.63 -12.14 -48.76
N ASP C 353 -34.95 -12.41 -47.63
CA ASP C 353 -35.36 -12.07 -46.27
C ASP C 353 -35.05 -10.60 -45.96
N THR C 354 -36.05 -9.74 -46.22
CA THR C 354 -35.95 -8.28 -46.04
C THR C 354 -36.20 -7.88 -44.57
N TRP C 355 -35.76 -6.65 -44.20
CA TRP C 355 -35.91 -6.11 -42.84
C TRP C 355 -37.35 -6.08 -42.32
N ASP C 356 -38.32 -5.81 -43.22
CA ASP C 356 -39.71 -5.57 -42.89
C ASP C 356 -40.56 -6.79 -42.59
N ARG C 357 -40.32 -7.37 -41.42
CA ARG C 357 -41.08 -8.52 -40.92
C ARG C 357 -40.90 -8.65 -39.41
N PRO C 358 -41.89 -9.26 -38.70
CA PRO C 358 -41.66 -9.55 -37.27
C PRO C 358 -40.68 -10.74 -37.10
N VAL C 359 -40.16 -10.93 -35.87
CA VAL C 359 -39.31 -12.07 -35.52
C VAL C 359 -40.32 -13.15 -35.08
N ASP C 360 -40.25 -14.36 -35.69
CA ASP C 360 -41.19 -15.45 -35.39
C ASP C 360 -40.77 -16.26 -34.16
N PHE C 361 -39.55 -16.85 -34.17
CA PHE C 361 -39.09 -17.63 -33.03
C PHE C 361 -38.96 -16.79 -31.76
N THR C 362 -39.75 -17.13 -30.73
CA THR C 362 -39.74 -16.46 -29.44
C THR C 362 -39.39 -17.48 -28.33
N PRO C 363 -38.34 -17.21 -27.51
CA PRO C 363 -38.04 -18.15 -26.40
C PRO C 363 -39.08 -18.06 -25.27
N THR C 364 -39.27 -19.16 -24.52
CA THR C 364 -40.19 -19.20 -23.37
C THR C 364 -39.41 -19.66 -22.14
N ASN C 365 -39.82 -19.22 -20.95
CA ASN C 365 -39.15 -19.55 -19.68
C ASN C 365 -39.20 -21.05 -19.32
N ASP C 366 -40.30 -21.73 -19.69
CA ASP C 366 -40.48 -23.16 -19.46
C ASP C 366 -39.62 -24.03 -20.41
N GLU C 367 -39.75 -23.80 -21.72
CA GLU C 367 -39.07 -24.58 -22.76
C GLU C 367 -37.60 -24.27 -23.00
N THR C 368 -36.82 -25.34 -23.20
CA THR C 368 -35.41 -25.29 -23.55
C THR C 368 -35.34 -24.84 -25.02
N TYR C 369 -34.36 -24.00 -25.34
CA TYR C 369 -34.18 -23.55 -26.71
C TYR C 369 -32.70 -23.48 -27.05
N ASP C 370 -32.39 -23.50 -28.33
CA ASP C 370 -31.04 -23.30 -28.87
C ASP C 370 -31.05 -21.83 -29.30
N VAL C 371 -30.10 -21.01 -28.78
CA VAL C 371 -29.97 -19.58 -29.12
C VAL C 371 -29.88 -19.32 -30.63
N ARG C 372 -29.34 -20.29 -31.41
CA ARG C 372 -29.21 -20.17 -32.87
C ARG C 372 -30.57 -19.98 -33.51
N TRP C 373 -31.64 -20.50 -32.90
CA TRP C 373 -33.03 -20.34 -33.36
C TRP C 373 -33.44 -18.88 -33.28
N MET C 374 -33.02 -18.17 -32.21
CA MET C 374 -33.28 -16.74 -32.01
C MET C 374 -32.49 -15.90 -33.02
N ILE C 375 -31.27 -16.36 -33.34
CA ILE C 375 -30.36 -15.71 -34.27
C ILE C 375 -30.80 -15.86 -35.74
N GLU C 376 -30.89 -17.11 -36.24
CA GLU C 376 -31.13 -17.42 -37.64
C GLU C 376 -32.48 -18.02 -37.99
N GLY C 377 -33.22 -18.40 -36.95
CA GLY C 377 -34.52 -19.02 -37.08
C GLY C 377 -34.47 -20.54 -37.02
N ARG C 378 -35.64 -21.18 -37.19
CA ARG C 378 -35.72 -22.64 -37.18
C ARG C 378 -36.77 -23.24 -38.06
N GLU C 379 -36.44 -24.41 -38.62
CA GLU C 379 -37.36 -25.20 -39.41
C GLU C 379 -38.29 -25.94 -38.46
N THR C 380 -39.61 -25.81 -38.70
CA THR C 380 -40.70 -26.43 -37.93
C THR C 380 -41.58 -27.21 -38.94
N GLU C 381 -42.34 -28.22 -38.46
CA GLU C 381 -43.23 -29.02 -39.31
C GLU C 381 -44.30 -28.14 -39.98
N SER C 382 -44.70 -27.04 -39.31
CA SER C 382 -45.67 -26.06 -39.81
C SER C 382 -45.05 -24.93 -40.67
N GLY C 383 -43.72 -24.96 -40.85
CA GLY C 383 -42.99 -23.98 -41.66
C GLY C 383 -41.79 -23.36 -40.95
N PHE C 384 -41.04 -22.50 -41.65
CA PHE C 384 -39.86 -21.84 -41.08
C PHE C 384 -40.23 -20.68 -40.16
N GLU C 385 -39.63 -20.66 -38.95
CA GLU C 385 -39.81 -19.60 -37.96
C GLU C 385 -38.60 -18.70 -38.10
N TYR C 386 -38.80 -17.50 -38.61
CA TYR C 386 -37.70 -16.55 -38.81
C TYR C 386 -37.15 -16.05 -37.47
N GLY C 387 -35.83 -15.84 -37.44
CA GLY C 387 -35.14 -15.33 -36.28
C GLY C 387 -34.94 -13.84 -36.42
N LEU C 388 -34.02 -13.29 -35.60
CA LEU C 388 -33.71 -11.88 -35.59
C LEU C 388 -32.97 -11.47 -36.89
N PHE C 389 -32.04 -12.32 -37.33
CA PHE C 389 -31.19 -12.04 -38.49
C PHE C 389 -31.70 -12.69 -39.76
N ASP C 390 -31.08 -12.33 -40.90
CA ASP C 390 -31.47 -12.83 -42.22
C ASP C 390 -31.35 -14.34 -42.32
N LYS C 391 -32.35 -14.98 -42.96
CA LYS C 391 -32.39 -16.42 -43.18
C LYS C 391 -31.18 -16.86 -44.00
N GLY C 392 -30.46 -17.85 -43.48
CA GLY C 392 -29.25 -18.41 -44.11
C GLY C 392 -28.00 -17.56 -43.96
N SER C 393 -28.06 -16.45 -43.19
CA SER C 393 -26.91 -15.55 -43.05
C SER C 393 -25.98 -15.84 -41.87
N PHE C 394 -26.39 -16.72 -40.92
CA PHE C 394 -25.53 -17.00 -39.79
C PHE C 394 -24.34 -17.89 -40.13
N PHE C 395 -23.13 -17.34 -39.98
CA PHE C 395 -21.86 -18.02 -40.21
C PHE C 395 -21.14 -18.16 -38.84
N GLU C 396 -21.33 -19.30 -38.17
CA GLU C 396 -20.72 -19.55 -36.84
C GLU C 396 -19.23 -19.87 -36.96
N THR C 397 -18.43 -19.33 -36.02
CA THR C 397 -16.97 -19.53 -35.98
C THR C 397 -16.59 -19.80 -34.52
N LEU C 398 -15.41 -20.45 -34.29
CA LEU C 398 -14.94 -20.88 -32.96
C LEU C 398 -15.94 -21.84 -32.34
N SER C 399 -16.62 -22.61 -33.22
CA SER C 399 -17.69 -23.54 -32.89
C SER C 399 -17.25 -24.81 -32.18
N GLY C 400 -15.95 -25.09 -32.16
CA GLY C 400 -15.44 -26.27 -31.47
C GLY C 400 -15.01 -26.00 -30.04
N TRP C 401 -14.93 -24.73 -29.66
CA TRP C 401 -14.42 -24.26 -28.36
C TRP C 401 -15.43 -23.44 -27.58
N ALA C 402 -15.40 -23.62 -26.24
CA ALA C 402 -16.19 -22.86 -25.25
C ALA C 402 -17.61 -22.60 -25.75
N LYS C 403 -18.34 -23.69 -25.98
CA LYS C 403 -19.68 -23.74 -26.55
C LYS C 403 -20.80 -23.05 -25.76
N GLY C 404 -20.49 -22.54 -24.56
CA GLY C 404 -21.42 -21.78 -23.73
C GLY C 404 -21.71 -20.42 -24.33
N VAL C 405 -20.80 -19.93 -25.22
CA VAL C 405 -20.95 -18.70 -25.98
C VAL C 405 -21.02 -19.06 -27.46
N VAL C 406 -21.95 -18.44 -28.18
CA VAL C 406 -22.15 -18.69 -29.61
C VAL C 406 -21.72 -17.43 -30.37
N VAL C 407 -20.68 -17.57 -31.22
CA VAL C 407 -20.18 -16.43 -31.99
C VAL C 407 -20.26 -16.70 -33.48
N GLY C 408 -20.58 -15.68 -34.24
CA GLY C 408 -20.64 -15.77 -35.69
C GLY C 408 -20.90 -14.44 -36.35
N ARG C 409 -20.98 -14.49 -37.68
CA ARG C 409 -21.30 -13.34 -38.50
C ARG C 409 -22.72 -13.59 -38.97
N ALA C 410 -23.50 -12.52 -39.13
CA ALA C 410 -24.88 -12.60 -39.63
C ALA C 410 -25.18 -11.36 -40.44
N ARG C 411 -26.38 -11.28 -41.01
CA ARG C 411 -26.82 -10.08 -41.74
C ARG C 411 -28.17 -9.64 -41.18
N LEU C 412 -28.36 -8.32 -41.07
CA LEU C 412 -29.58 -7.71 -40.57
C LEU C 412 -30.11 -6.81 -41.70
N GLY C 413 -31.08 -7.33 -42.46
CA GLY C 413 -31.64 -6.66 -43.63
C GLY C 413 -30.59 -6.39 -44.69
N GLY C 414 -29.52 -7.20 -44.67
CA GLY C 414 -28.37 -7.06 -45.56
C GLY C 414 -27.12 -6.52 -44.93
N ILE C 415 -27.24 -5.86 -43.74
CA ILE C 415 -26.10 -5.27 -43.02
C ILE C 415 -25.28 -6.38 -42.35
N PRO C 416 -23.96 -6.56 -42.68
CA PRO C 416 -23.18 -7.60 -41.97
C PRO C 416 -22.79 -7.14 -40.55
N LEU C 417 -22.69 -8.08 -39.61
CA LEU C 417 -22.29 -7.78 -38.23
C LEU C 417 -21.82 -9.02 -37.52
N GLY C 418 -21.07 -8.83 -36.45
CA GLY C 418 -20.68 -9.92 -35.57
C GLY C 418 -21.79 -10.14 -34.55
N VAL C 419 -22.08 -11.40 -34.23
CA VAL C 419 -23.13 -11.74 -33.27
C VAL C 419 -22.53 -12.60 -32.16
N ILE C 420 -22.83 -12.24 -30.91
CA ILE C 420 -22.48 -13.02 -29.73
C ILE C 420 -23.81 -13.33 -29.01
N GLY C 421 -24.09 -14.62 -28.82
CA GLY C 421 -25.26 -15.11 -28.11
C GLY C 421 -24.85 -16.04 -26.99
N VAL C 422 -25.79 -16.37 -26.09
CA VAL C 422 -25.54 -17.21 -24.92
C VAL C 422 -26.26 -18.56 -25.06
N GLU C 423 -25.50 -19.65 -24.94
CA GLU C 423 -26.03 -21.02 -24.93
C GLU C 423 -26.58 -21.27 -23.52
N THR C 424 -27.91 -21.43 -23.43
CA THR C 424 -28.63 -21.65 -22.17
C THR C 424 -28.51 -23.08 -21.62
N ARG C 425 -28.16 -24.04 -22.50
CA ARG C 425 -28.01 -25.45 -22.13
C ARG C 425 -26.65 -25.72 -21.51
N THR C 426 -26.59 -26.67 -20.57
CA THR C 426 -25.34 -27.06 -19.91
C THR C 426 -24.38 -27.62 -20.94
N VAL C 427 -23.13 -27.15 -20.92
CA VAL C 427 -22.13 -27.56 -21.90
C VAL C 427 -21.12 -28.49 -21.25
N GLU C 428 -20.79 -29.58 -21.97
CA GLU C 428 -19.78 -30.55 -21.54
C GLU C 428 -18.59 -30.52 -22.47
N ASN C 429 -17.39 -30.60 -21.90
CA ASN C 429 -16.17 -30.68 -22.69
C ASN C 429 -15.24 -31.71 -22.06
N LEU C 430 -14.54 -32.45 -22.89
CA LEU C 430 -13.65 -33.51 -22.46
C LEU C 430 -12.19 -33.08 -22.50
N ILE C 431 -11.55 -33.07 -21.32
CA ILE C 431 -10.13 -32.76 -21.21
C ILE C 431 -9.41 -34.09 -21.42
N PRO C 432 -8.55 -34.20 -22.46
CA PRO C 432 -7.86 -35.47 -22.71
C PRO C 432 -6.87 -35.86 -21.62
N ALA C 433 -6.59 -37.18 -21.51
CA ALA C 433 -5.60 -37.69 -20.57
C ALA C 433 -4.22 -37.27 -21.09
N ASP C 434 -3.35 -36.79 -20.19
CA ASP C 434 -1.99 -36.38 -20.52
C ASP C 434 -1.14 -37.65 -20.81
N PRO C 435 -0.70 -37.89 -22.07
CA PRO C 435 0.12 -39.10 -22.34
C PRO C 435 1.45 -39.18 -21.58
N ALA C 436 2.02 -38.02 -21.18
CA ALA C 436 3.27 -37.91 -20.42
C ALA C 436 3.13 -38.31 -18.94
N ASN C 437 1.88 -38.37 -18.44
CA ASN C 437 1.59 -38.78 -17.06
C ASN C 437 0.81 -40.10 -17.04
N PRO C 438 1.41 -41.20 -16.49
CA PRO C 438 0.69 -42.48 -16.42
C PRO C 438 -0.51 -42.46 -15.45
N ASN C 439 -0.45 -41.54 -14.47
CA ASN C 439 -1.47 -41.32 -13.44
C ASN C 439 -2.47 -40.21 -13.86
N SER C 440 -2.70 -40.06 -15.18
CA SER C 440 -3.61 -39.08 -15.76
C SER C 440 -4.69 -39.77 -16.59
N ALA C 441 -5.94 -39.41 -16.32
CA ALA C 441 -7.13 -39.90 -17.00
C ALA C 441 -7.92 -38.73 -17.58
N GLU C 442 -8.76 -39.00 -18.59
CA GLU C 442 -9.58 -37.97 -19.22
C GLU C 442 -10.64 -37.43 -18.24
N THR C 443 -10.89 -36.11 -18.27
CA THR C 443 -11.83 -35.43 -17.38
C THR C 443 -12.96 -34.79 -18.15
N LEU C 444 -14.18 -34.99 -17.66
CA LEU C 444 -15.37 -34.38 -18.24
C LEU C 444 -15.78 -33.21 -17.35
N ILE C 445 -15.83 -32.02 -17.94
CA ILE C 445 -16.18 -30.76 -17.28
C ILE C 445 -17.54 -30.31 -17.77
N GLN C 446 -18.42 -30.04 -16.83
CA GLN C 446 -19.76 -29.55 -17.09
C GLN C 446 -19.81 -28.09 -16.70
N GLN C 447 -20.38 -27.26 -17.56
CA GLN C 447 -20.48 -25.83 -17.33
C GLN C 447 -21.91 -25.37 -17.45
N ALA C 448 -22.47 -24.83 -16.34
CA ALA C 448 -23.84 -24.31 -16.28
C ALA C 448 -24.04 -23.22 -17.35
N GLY C 449 -25.21 -23.21 -17.99
CA GLY C 449 -25.57 -22.21 -19.00
C GLY C 449 -25.78 -20.85 -18.35
N GLN C 450 -25.56 -19.77 -19.14
CA GLN C 450 -25.75 -18.38 -18.74
C GLN C 450 -24.81 -17.92 -17.61
N VAL C 451 -23.65 -18.57 -17.53
CA VAL C 451 -22.58 -18.31 -16.55
C VAL C 451 -21.32 -18.24 -17.40
N TRP C 452 -20.54 -17.16 -17.23
CA TRP C 452 -19.28 -17.01 -17.92
C TRP C 452 -18.22 -17.80 -17.15
N PHE C 453 -17.40 -18.58 -17.87
CA PHE C 453 -16.31 -19.36 -17.33
C PHE C 453 -15.02 -18.81 -17.95
N PRO C 454 -13.80 -19.17 -17.45
CA PRO C 454 -12.58 -18.66 -18.10
C PRO C 454 -12.58 -18.83 -19.64
N ASN C 455 -12.99 -20.03 -20.14
CA ASN C 455 -12.97 -20.33 -21.59
C ASN C 455 -13.97 -19.52 -22.41
N SER C 456 -15.21 -19.39 -21.91
CA SER C 456 -16.26 -18.63 -22.60
C SER C 456 -16.04 -17.13 -22.52
N ALA C 457 -15.42 -16.66 -21.43
CA ALA C 457 -15.04 -15.24 -21.27
C ALA C 457 -13.88 -14.90 -22.25
N PHE C 458 -12.89 -15.79 -22.39
CA PHE C 458 -11.79 -15.67 -23.34
C PHE C 458 -12.35 -15.68 -24.77
N LYS C 459 -13.28 -16.61 -25.08
CA LYS C 459 -13.93 -16.66 -26.39
C LYS C 459 -14.72 -15.36 -26.72
N THR C 460 -15.50 -14.84 -25.73
CA THR C 460 -16.24 -13.57 -25.87
C THR C 460 -15.23 -12.41 -26.22
N ALA C 461 -14.15 -12.27 -25.46
CA ALA C 461 -13.13 -11.22 -25.72
C ALA C 461 -12.50 -11.41 -27.09
N GLN C 462 -12.16 -12.66 -27.44
CA GLN C 462 -11.55 -13.03 -28.72
C GLN C 462 -12.44 -12.65 -29.89
N ALA C 463 -13.75 -12.97 -29.82
CA ALA C 463 -14.74 -12.61 -30.85
C ALA C 463 -14.88 -11.11 -31.03
N ILE C 464 -14.91 -10.34 -29.93
CA ILE C 464 -14.99 -8.87 -29.96
C ILE C 464 -13.80 -8.31 -30.73
N ASN C 465 -12.59 -8.81 -30.42
CA ASN C 465 -11.34 -8.39 -31.08
C ASN C 465 -11.29 -8.75 -32.55
N ASP C 466 -11.74 -9.98 -32.91
CA ASP C 466 -11.76 -10.48 -34.28
C ASP C 466 -12.79 -9.79 -35.15
N PHE C 467 -13.93 -9.31 -34.58
CA PHE C 467 -14.93 -8.54 -35.34
C PHE C 467 -14.39 -7.12 -35.61
N ASN C 468 -13.66 -6.56 -34.64
CA ASN C 468 -13.12 -5.20 -34.69
C ASN C 468 -11.91 -5.07 -35.64
N ASN C 469 -10.86 -5.87 -35.39
CA ASN C 469 -9.62 -5.88 -36.19
C ASN C 469 -9.86 -6.55 -37.51
N GLY C 470 -9.44 -5.86 -38.58
CA GLY C 470 -9.54 -6.36 -39.96
C GLY C 470 -10.93 -6.51 -40.53
N GLU C 471 -11.83 -7.19 -39.80
CA GLU C 471 -13.24 -7.34 -40.21
C GLU C 471 -13.98 -5.99 -40.16
N GLN C 472 -13.65 -5.11 -39.16
CA GLN C 472 -14.23 -3.78 -38.95
C GLN C 472 -15.75 -3.81 -39.00
N LEU C 473 -16.33 -4.76 -38.31
CA LEU C 473 -17.78 -4.95 -38.28
C LEU C 473 -18.45 -4.32 -37.06
N PRO C 474 -19.75 -3.89 -37.23
CA PRO C 474 -20.54 -3.54 -36.05
C PRO C 474 -20.85 -4.86 -35.30
N MET C 475 -21.40 -4.77 -34.11
CA MET C 475 -21.61 -5.98 -33.34
C MET C 475 -22.85 -5.89 -32.50
N MET C 476 -23.50 -7.05 -32.30
CA MET C 476 -24.61 -7.22 -31.40
C MET C 476 -24.33 -8.37 -30.41
N ILE C 477 -24.45 -8.06 -29.12
CA ILE C 477 -24.33 -9.05 -28.07
C ILE C 477 -25.73 -9.21 -27.49
N LEU C 478 -26.30 -10.44 -27.61
CA LEU C 478 -27.60 -10.80 -27.03
C LEU C 478 -27.29 -11.25 -25.58
N ALA C 479 -26.95 -10.26 -24.72
CA ALA C 479 -26.47 -10.44 -23.33
C ALA C 479 -27.44 -11.18 -22.44
N ASN C 480 -27.02 -12.36 -21.95
CA ASN C 480 -27.86 -13.23 -21.15
C ASN C 480 -27.03 -14.06 -20.17
N TRP C 481 -26.34 -13.38 -19.25
CA TRP C 481 -25.51 -14.07 -18.27
C TRP C 481 -25.89 -13.69 -16.87
N ARG C 482 -25.97 -14.68 -15.97
CA ARG C 482 -26.27 -14.53 -14.53
C ARG C 482 -25.06 -13.93 -13.80
N GLY C 483 -23.89 -14.18 -14.32
CA GLY C 483 -22.62 -13.74 -13.76
C GLY C 483 -21.46 -14.58 -14.24
N PHE C 484 -20.32 -14.45 -13.57
CA PHE C 484 -19.11 -15.22 -13.83
C PHE C 484 -19.08 -16.33 -12.81
N SER C 485 -18.35 -17.41 -13.10
CA SER C 485 -18.16 -18.50 -12.13
C SER C 485 -17.17 -17.99 -11.06
N GLY C 486 -17.66 -17.82 -9.84
CA GLY C 486 -16.86 -17.32 -8.71
C GLY C 486 -16.32 -18.41 -7.82
N GLY C 487 -16.51 -19.65 -8.24
CA GLY C 487 -16.06 -20.84 -7.52
C GLY C 487 -14.55 -20.98 -7.52
N GLN C 488 -14.03 -21.79 -6.59
CA GLN C 488 -12.60 -22.01 -6.41
C GLN C 488 -11.83 -22.39 -7.67
N ARG C 489 -12.29 -23.42 -8.41
CA ARG C 489 -11.62 -23.89 -9.62
C ARG C 489 -11.50 -22.79 -10.67
N ASP C 490 -12.63 -22.09 -10.96
CA ASP C 490 -12.63 -21.06 -11.99
C ASP C 490 -11.89 -19.79 -11.59
N MET C 491 -11.86 -19.48 -10.28
CA MET C 491 -11.11 -18.35 -9.73
C MET C 491 -9.63 -18.65 -9.81
N PHE C 492 -9.23 -19.87 -9.43
CA PHE C 492 -7.86 -20.35 -9.58
C PHE C 492 -7.47 -20.35 -11.08
N ASN C 493 -8.41 -20.71 -11.98
CA ASN C 493 -8.16 -20.74 -13.42
C ASN C 493 -8.28 -19.38 -14.12
N GLU C 494 -8.22 -18.29 -13.31
CA GLU C 494 -8.08 -16.90 -13.72
C GLU C 494 -9.26 -16.27 -14.44
N VAL C 495 -10.50 -16.60 -14.01
CA VAL C 495 -11.70 -16.02 -14.62
C VAL C 495 -11.66 -14.47 -14.70
N LEU C 496 -11.05 -13.81 -13.68
CA LEU C 496 -10.93 -12.34 -13.62
C LEU C 496 -10.11 -11.74 -14.74
N LYS C 497 -9.06 -12.46 -15.17
CA LYS C 497 -8.20 -12.05 -16.28
C LYS C 497 -8.96 -12.04 -17.57
N TYR C 498 -9.74 -13.11 -17.83
CA TYR C 498 -10.53 -13.31 -19.07
C TYR C 498 -11.71 -12.41 -19.18
N GLY C 499 -12.37 -12.17 -18.03
CA GLY C 499 -13.47 -11.21 -17.93
C GLY C 499 -12.98 -9.80 -18.20
N SER C 500 -11.75 -9.46 -17.74
CA SER C 500 -11.13 -8.15 -17.95
C SER C 500 -10.79 -7.88 -19.41
N PHE C 501 -10.40 -8.94 -20.14
CA PHE C 501 -10.14 -8.93 -21.58
C PHE C 501 -11.38 -8.45 -22.36
N ILE C 502 -12.59 -8.74 -21.86
CA ILE C 502 -13.86 -8.33 -22.46
C ILE C 502 -13.95 -6.79 -22.44
N VAL C 503 -13.69 -6.18 -21.26
CA VAL C 503 -13.67 -4.73 -21.04
C VAL C 503 -12.67 -4.07 -22.03
N ASP C 504 -11.46 -4.60 -22.10
CA ASP C 504 -10.37 -4.14 -22.97
C ASP C 504 -10.76 -4.18 -24.43
N ALA C 505 -11.43 -5.28 -24.84
CA ALA C 505 -11.84 -5.51 -26.23
C ALA C 505 -12.94 -4.48 -26.64
N LEU C 506 -13.85 -4.11 -25.72
CA LEU C 506 -14.93 -3.10 -25.90
C LEU C 506 -14.35 -1.68 -25.94
N VAL C 507 -13.37 -1.37 -25.08
CA VAL C 507 -12.70 -0.06 -25.07
C VAL C 507 -12.10 0.25 -26.47
N ASP C 508 -11.49 -0.75 -27.10
CA ASP C 508 -10.83 -0.66 -28.40
C ASP C 508 -11.77 -0.70 -29.64
N TYR C 509 -13.06 -1.00 -29.45
CA TYR C 509 -14.05 -1.18 -30.52
C TYR C 509 -14.37 0.10 -31.29
N LYS C 510 -14.32 0.02 -32.64
CA LYS C 510 -14.43 1.22 -33.50
C LYS C 510 -15.70 1.34 -34.34
N GLN C 511 -16.61 0.38 -34.24
CA GLN C 511 -17.84 0.35 -35.03
C GLN C 511 -19.01 0.24 -34.05
N PRO C 512 -20.26 0.61 -34.49
CA PRO C 512 -21.41 0.55 -33.57
C PRO C 512 -21.60 -0.77 -32.85
N ILE C 513 -21.97 -0.71 -31.55
CA ILE C 513 -22.26 -1.89 -30.72
C ILE C 513 -23.66 -1.82 -30.21
N ILE C 514 -24.37 -2.93 -30.30
CA ILE C 514 -25.71 -3.05 -29.71
C ILE C 514 -25.62 -4.14 -28.64
N ILE C 515 -25.94 -3.79 -27.38
CA ILE C 515 -26.07 -4.76 -26.28
C ILE C 515 -27.57 -4.90 -26.08
N TYR C 516 -28.11 -6.11 -26.20
CA TYR C 516 -29.54 -6.35 -26.06
C TYR C 516 -29.85 -7.51 -25.12
N ILE C 517 -30.53 -7.25 -23.99
CA ILE C 517 -30.95 -8.33 -23.07
C ILE C 517 -32.24 -8.91 -23.69
N PRO C 518 -32.21 -10.15 -24.20
CA PRO C 518 -33.37 -10.67 -24.93
C PRO C 518 -34.55 -11.13 -24.07
N PRO C 519 -35.73 -11.47 -24.66
CA PRO C 519 -36.84 -12.01 -23.84
C PRO C 519 -36.38 -13.28 -23.12
N THR C 520 -36.84 -13.50 -21.84
CA THR C 520 -36.42 -14.62 -20.96
C THR C 520 -34.95 -14.45 -20.53
N GLY C 521 -34.29 -13.39 -21.02
CA GLY C 521 -32.91 -13.08 -20.72
C GLY C 521 -32.67 -12.37 -19.40
N GLU C 522 -31.43 -12.43 -18.91
CA GLU C 522 -31.04 -11.74 -17.68
C GLU C 522 -29.62 -11.26 -17.73
N LEU C 523 -29.32 -10.19 -16.98
CA LEU C 523 -27.98 -9.65 -16.85
C LEU C 523 -27.82 -9.22 -15.41
N ARG C 524 -26.92 -9.86 -14.66
CA ARG C 524 -26.71 -9.58 -13.23
C ARG C 524 -25.28 -9.17 -12.94
N GLY C 525 -25.06 -8.62 -11.73
CA GLY C 525 -23.79 -8.23 -11.15
C GLY C 525 -22.61 -8.02 -12.09
N GLY C 526 -21.62 -8.90 -11.99
CA GLY C 526 -20.40 -8.86 -12.79
C GLY C 526 -20.59 -9.00 -14.28
N SER C 527 -21.67 -9.66 -14.71
CA SER C 527 -22.00 -9.85 -16.12
C SER C 527 -22.42 -8.55 -16.78
N TRP C 528 -23.19 -7.69 -16.05
CA TRP C 528 -23.60 -6.38 -16.51
C TRP C 528 -22.39 -5.49 -16.64
N VAL C 529 -21.53 -5.42 -15.58
CA VAL C 529 -20.35 -4.57 -15.56
C VAL C 529 -19.44 -4.63 -16.78
N VAL C 530 -19.16 -5.83 -17.33
CA VAL C 530 -18.23 -6.01 -18.45
C VAL C 530 -18.82 -5.66 -19.81
N VAL C 531 -20.17 -5.44 -19.88
CA VAL C 531 -20.90 -5.06 -21.09
C VAL C 531 -21.66 -3.72 -20.99
N ASP C 532 -21.45 -2.94 -19.91
CA ASP C 532 -22.13 -1.65 -19.78
C ASP C 532 -21.69 -0.66 -20.90
N PRO C 533 -22.66 0.07 -21.58
CA PRO C 533 -22.25 1.03 -22.63
C PRO C 533 -21.32 2.19 -22.23
N THR C 534 -21.14 2.47 -20.93
CA THR C 534 -20.22 3.53 -20.46
C THR C 534 -18.75 3.12 -20.59
N ILE C 535 -18.47 1.82 -20.92
CA ILE C 535 -17.11 1.31 -21.16
C ILE C 535 -16.60 2.00 -22.43
N ASN C 536 -17.51 2.22 -23.38
CA ASN C 536 -17.21 2.88 -24.66
C ASN C 536 -18.49 3.55 -25.13
N ALA C 537 -18.79 4.73 -24.58
CA ALA C 537 -19.98 5.53 -24.90
C ALA C 537 -20.05 6.02 -26.36
N ASP C 538 -18.91 6.09 -27.07
CA ASP C 538 -18.84 6.51 -28.47
C ASP C 538 -19.44 5.48 -29.42
N GLN C 539 -19.36 4.18 -29.06
CA GLN C 539 -19.84 3.08 -29.90
C GLN C 539 -20.95 2.28 -29.32
N MET C 540 -21.01 2.19 -27.98
CA MET C 540 -21.98 1.32 -27.34
C MET C 540 -23.31 1.93 -26.98
N GLU C 541 -24.36 1.12 -27.12
CA GLU C 541 -25.70 1.39 -26.63
C GLU C 541 -26.39 0.12 -26.12
N MET C 542 -27.16 0.22 -25.04
CA MET C 542 -27.83 -0.94 -24.44
C MET C 542 -29.35 -0.86 -24.53
N TYR C 543 -29.99 -2.02 -24.72
CA TYR C 543 -31.43 -2.20 -24.84
C TYR C 543 -31.84 -3.41 -24.00
N ALA C 544 -33.07 -3.44 -23.49
CA ALA C 544 -33.55 -4.59 -22.74
C ALA C 544 -34.93 -4.94 -23.23
N ASP C 545 -35.23 -6.22 -23.39
CA ASP C 545 -36.56 -6.62 -23.82
C ASP C 545 -37.52 -6.35 -22.64
N VAL C 546 -38.82 -6.18 -22.93
CA VAL C 546 -39.87 -5.99 -21.93
C VAL C 546 -39.96 -7.25 -21.01
N ASN C 547 -39.54 -8.42 -21.55
CA ASN C 547 -39.50 -9.70 -20.85
C ASN C 547 -38.11 -10.12 -20.37
N ALA C 548 -37.19 -9.16 -20.24
CA ALA C 548 -35.85 -9.37 -19.70
C ALA C 548 -35.79 -8.97 -18.21
N ARG C 549 -34.72 -9.36 -17.50
CA ARG C 549 -34.52 -9.00 -16.10
C ARG C 549 -33.08 -8.54 -15.87
N ALA C 550 -32.87 -7.67 -14.88
CA ALA C 550 -31.54 -7.20 -14.50
C ALA C 550 -31.57 -6.51 -13.14
N GLY C 551 -30.51 -6.77 -12.38
CA GLY C 551 -30.26 -6.21 -11.06
C GLY C 551 -28.90 -6.69 -10.59
N VAL C 552 -28.44 -6.19 -9.43
CA VAL C 552 -27.13 -6.57 -8.87
C VAL C 552 -27.11 -8.09 -8.57
N LEU C 553 -28.14 -8.56 -7.86
CA LEU C 553 -28.35 -9.96 -7.53
C LEU C 553 -29.65 -10.44 -8.21
N GLU C 554 -29.95 -11.75 -8.04
CA GLU C 554 -31.18 -12.37 -8.50
C GLU C 554 -32.16 -12.17 -7.34
N PRO C 555 -33.52 -12.25 -7.51
CA PRO C 555 -34.43 -12.01 -6.39
C PRO C 555 -34.11 -12.77 -5.09
N GLU C 556 -33.57 -14.00 -5.18
CA GLU C 556 -33.18 -14.84 -4.03
C GLU C 556 -32.08 -14.16 -3.23
N GLY C 557 -31.11 -13.55 -3.93
CA GLY C 557 -30.03 -12.81 -3.30
C GLY C 557 -30.51 -11.53 -2.66
N THR C 558 -31.32 -10.72 -3.37
CA THR C 558 -31.81 -9.46 -2.80
C THR C 558 -32.71 -9.62 -1.58
N VAL C 559 -33.52 -10.71 -1.52
CA VAL C 559 -34.34 -10.99 -0.34
C VAL C 559 -33.45 -11.37 0.86
N GLU C 560 -32.40 -12.15 0.60
CA GLU C 560 -31.41 -12.61 1.60
C GLU C 560 -30.76 -11.41 2.31
N ILE C 561 -30.44 -10.34 1.57
CA ILE C 561 -29.81 -9.15 2.13
C ILE C 561 -30.83 -8.07 2.58
N LYS C 562 -31.86 -7.80 1.76
CA LYS C 562 -32.81 -6.71 1.97
C LYS C 562 -34.25 -7.04 2.43
N PHE C 563 -34.65 -8.33 2.50
CA PHE C 563 -36.00 -8.70 2.96
C PHE C 563 -35.93 -9.87 3.97
N ARG C 564 -35.23 -9.61 5.08
CA ARG C 564 -34.95 -10.57 6.15
C ARG C 564 -36.20 -10.99 6.95
N ARG C 565 -36.01 -11.93 7.91
CA ARG C 565 -37.04 -12.46 8.80
C ARG C 565 -37.91 -11.39 9.46
N GLU C 566 -37.27 -10.36 10.05
CA GLU C 566 -37.90 -9.24 10.75
C GLU C 566 -38.87 -8.47 9.85
N LYS C 567 -38.45 -8.19 8.60
CA LYS C 567 -39.23 -7.48 7.57
C LYS C 567 -40.43 -8.32 7.09
N LEU C 568 -40.24 -9.65 7.01
CA LEU C 568 -41.23 -10.63 6.61
C LEU C 568 -42.30 -10.77 7.71
N LEU C 569 -41.87 -10.73 9.01
CA LEU C 569 -42.80 -10.81 10.18
C LEU C 569 -43.64 -9.53 10.31
N ASP C 570 -43.04 -8.37 9.99
CA ASP C 570 -43.72 -7.08 9.99
C ASP C 570 -44.72 -7.02 8.82
N THR C 571 -44.48 -7.80 7.74
CA THR C 571 -45.36 -7.89 6.57
C THR C 571 -46.52 -8.85 6.90
N MET C 572 -46.27 -9.83 7.80
CA MET C 572 -47.28 -10.77 8.31
C MET C 572 -48.24 -10.01 9.23
N ASN C 573 -47.69 -9.23 10.19
CA ASN C 573 -48.45 -8.34 11.06
C ASN C 573 -48.64 -7.06 10.24
N ARG C 574 -49.64 -7.09 9.32
CA ARG C 574 -50.03 -6.02 8.39
C ARG C 574 -51.03 -6.57 7.39
N LEU C 575 -50.66 -7.70 6.73
CA LEU C 575 -51.42 -8.36 5.68
C LEU C 575 -52.21 -9.61 6.13
N ASP C 576 -51.82 -10.21 7.26
CA ASP C 576 -52.52 -11.38 7.79
C ASP C 576 -53.35 -11.00 9.02
N ASP C 577 -54.65 -11.32 8.99
CA ASP C 577 -55.56 -11.02 10.11
C ASP C 577 -55.26 -11.91 11.31
N LYS C 578 -54.92 -13.20 11.08
CA LYS C 578 -54.60 -14.16 12.14
C LYS C 578 -53.29 -13.86 12.87
N TYR C 579 -52.20 -13.51 12.14
CA TYR C 579 -50.89 -13.18 12.72
C TYR C 579 -50.97 -11.92 13.59
N ARG C 580 -51.54 -10.82 13.03
CA ARG C 580 -51.72 -9.50 13.66
C ARG C 580 -52.34 -9.63 15.05
N GLU C 581 -53.54 -10.27 15.13
CA GLU C 581 -54.34 -10.53 16.33
C GLU C 581 -53.51 -11.28 17.39
N LEU C 582 -52.70 -12.27 16.96
CA LEU C 582 -51.84 -13.06 17.85
C LEU C 582 -50.66 -12.27 18.42
N ARG C 583 -50.09 -11.31 17.64
CA ARG C 583 -48.94 -10.50 18.08
C ARG C 583 -49.27 -9.51 19.19
N SER C 584 -50.50 -8.95 19.18
CA SER C 584 -50.98 -8.03 20.21
C SER C 584 -51.03 -8.77 21.57
N GLN C 585 -51.33 -10.09 21.53
CA GLN C 585 -51.38 -10.98 22.68
C GLN C 585 -49.97 -11.34 23.18
N LEU C 603 -48.57 -17.90 17.47
CA LEU C 603 -47.83 -17.00 16.59
C LEU C 603 -46.70 -17.73 15.87
N ALA C 604 -45.86 -18.48 16.62
CA ALA C 604 -44.74 -19.26 16.06
C ALA C 604 -45.23 -20.39 15.15
N ASP C 605 -46.45 -20.92 15.39
CA ASP C 605 -47.10 -21.97 14.60
C ASP C 605 -47.64 -21.40 13.28
N ARG C 606 -48.07 -20.11 13.30
CA ARG C 606 -48.62 -19.36 12.17
C ARG C 606 -47.51 -18.87 11.23
N GLU C 607 -46.22 -18.97 11.66
CA GLU C 607 -45.05 -18.54 10.91
C GLU C 607 -45.07 -18.82 9.39
N ARG C 608 -45.09 -20.07 8.83
CA ARG C 608 -44.80 -21.47 9.18
C ARG C 608 -45.20 -22.53 8.13
N GLU C 609 -46.45 -22.62 7.55
CA GLU C 609 -47.70 -21.82 7.57
C GLU C 609 -47.76 -20.66 6.57
N LEU C 610 -47.43 -19.41 7.00
CA LEU C 610 -47.42 -18.23 6.12
C LEU C 610 -46.08 -18.05 5.41
N LEU C 611 -44.96 -18.39 6.09
CA LEU C 611 -43.57 -18.27 5.62
C LEU C 611 -43.32 -18.74 4.16
N PRO C 612 -43.82 -19.92 3.69
CA PRO C 612 -43.57 -20.28 2.28
C PRO C 612 -44.15 -19.31 1.24
N ILE C 613 -45.36 -18.77 1.48
CA ILE C 613 -46.02 -17.81 0.58
C ILE C 613 -45.50 -16.38 0.75
N TYR C 614 -45.14 -15.97 1.99
CA TYR C 614 -44.57 -14.66 2.28
C TYR C 614 -43.15 -14.51 1.73
N GLY C 615 -42.48 -15.66 1.56
CA GLY C 615 -41.17 -15.77 0.94
C GLY C 615 -41.33 -15.54 -0.54
N GLN C 616 -42.44 -16.05 -1.12
CA GLN C 616 -42.81 -15.88 -2.54
C GLN C 616 -43.19 -14.43 -2.86
N ILE C 617 -43.91 -13.76 -1.94
CA ILE C 617 -44.33 -12.35 -2.03
C ILE C 617 -43.07 -11.46 -2.10
N SER C 618 -42.10 -11.70 -1.18
CA SER C 618 -40.84 -10.98 -1.08
C SER C 618 -39.99 -11.16 -2.35
N LEU C 619 -39.99 -12.38 -2.94
CA LEU C 619 -39.27 -12.67 -4.19
C LEU C 619 -39.91 -11.93 -5.35
N GLN C 620 -41.25 -11.81 -5.35
CA GLN C 620 -42.02 -11.09 -6.36
C GLN C 620 -41.80 -9.58 -6.22
N PHE C 621 -41.76 -9.08 -4.96
CA PHE C 621 -41.50 -7.68 -4.61
C PHE C 621 -40.11 -7.27 -5.19
N ALA C 622 -39.08 -8.13 -5.00
CA ALA C 622 -37.72 -7.94 -5.51
C ALA C 622 -37.69 -7.98 -7.02
N ASP C 623 -38.40 -8.97 -7.65
CA ASP C 623 -38.47 -9.12 -9.11
C ASP C 623 -39.09 -7.90 -9.80
N LEU C 624 -39.99 -7.17 -9.10
CA LEU C 624 -40.65 -5.98 -9.62
C LEU C 624 -39.72 -4.79 -9.84
N HIS C 625 -38.52 -4.82 -9.24
CA HIS C 625 -37.47 -3.80 -9.39
C HIS C 625 -36.60 -4.11 -10.59
N ASP C 626 -36.52 -5.40 -10.99
CA ASP C 626 -35.63 -5.93 -12.03
C ASP C 626 -36.16 -5.82 -13.47
N ARG C 627 -37.13 -4.93 -13.69
CA ARG C 627 -37.80 -4.77 -14.97
C ARG C 627 -37.15 -3.75 -15.88
N SER C 628 -37.35 -3.88 -17.20
CA SER C 628 -36.84 -2.94 -18.20
C SER C 628 -37.37 -1.49 -17.98
N SER C 629 -38.55 -1.35 -17.37
CA SER C 629 -39.20 -0.08 -16.99
C SER C 629 -38.34 0.71 -15.97
N ARG C 630 -37.73 0.03 -14.96
CA ARG C 630 -36.80 0.61 -13.98
C ARG C 630 -35.54 1.02 -14.75
N MET C 631 -35.03 0.12 -15.64
CA MET C 631 -33.82 0.38 -16.46
C MET C 631 -33.94 1.66 -17.27
N VAL C 632 -35.11 1.86 -17.92
CA VAL C 632 -35.47 3.07 -18.68
C VAL C 632 -35.53 4.31 -17.71
N ALA C 633 -36.26 4.20 -16.60
CA ALA C 633 -36.41 5.27 -15.60
C ALA C 633 -35.08 5.75 -15.02
N LYS C 634 -34.14 4.83 -14.84
CA LYS C 634 -32.81 5.09 -14.31
C LYS C 634 -31.79 5.52 -15.38
N GLY C 635 -32.20 5.49 -16.65
CA GLY C 635 -31.39 5.88 -17.80
C GLY C 635 -30.21 4.99 -18.10
N VAL C 636 -30.32 3.68 -17.81
CA VAL C 636 -29.20 2.72 -18.03
C VAL C 636 -29.29 1.98 -19.39
N ILE C 637 -30.46 2.06 -20.02
CA ILE C 637 -30.72 1.49 -21.36
C ILE C 637 -31.28 2.61 -22.23
N SER C 638 -31.03 2.55 -23.53
CA SER C 638 -31.54 3.53 -24.51
C SER C 638 -33.05 3.38 -24.67
N LYS C 639 -33.54 2.15 -24.75
CA LYS C 639 -34.96 1.84 -24.92
C LYS C 639 -35.27 0.44 -24.41
N GLU C 640 -36.54 0.19 -24.07
CA GLU C 640 -37.07 -1.14 -23.79
C GLU C 640 -37.78 -1.61 -25.09
N LEU C 641 -37.56 -2.85 -25.51
CA LEU C 641 -38.07 -3.34 -26.79
C LEU C 641 -38.92 -4.58 -26.67
N GLU C 642 -39.72 -4.87 -27.72
CA GLU C 642 -40.49 -6.10 -27.87
C GLU C 642 -39.78 -6.89 -28.95
N TRP C 643 -39.36 -8.11 -28.60
CA TRP C 643 -38.63 -9.07 -29.42
C TRP C 643 -39.14 -9.16 -30.88
N THR C 644 -40.45 -9.34 -31.05
CA THR C 644 -41.09 -9.47 -32.37
C THR C 644 -40.85 -8.26 -33.27
N GLU C 645 -40.62 -7.07 -32.64
CA GLU C 645 -40.35 -5.81 -33.34
C GLU C 645 -38.88 -5.40 -33.39
N ALA C 646 -37.99 -6.23 -32.79
CA ALA C 646 -36.56 -5.97 -32.68
C ALA C 646 -35.80 -5.95 -34.00
N ARG C 647 -36.20 -6.76 -34.99
CA ARG C 647 -35.53 -6.78 -36.30
C ARG C 647 -35.75 -5.46 -37.05
N ARG C 648 -37.00 -4.97 -37.05
CA ARG C 648 -37.36 -3.70 -37.66
C ARG C 648 -36.66 -2.54 -36.97
N PHE C 649 -36.67 -2.56 -35.62
CA PHE C 649 -36.04 -1.51 -34.83
C PHE C 649 -34.54 -1.45 -35.06
N PHE C 650 -33.84 -2.59 -34.91
CA PHE C 650 -32.38 -2.66 -35.05
C PHE C 650 -31.87 -2.43 -36.45
N PHE C 651 -32.65 -2.80 -37.48
CA PHE C 651 -32.25 -2.56 -38.87
C PHE C 651 -32.06 -1.06 -39.10
N TRP C 652 -33.09 -0.26 -38.75
CA TRP C 652 -33.03 1.20 -38.92
C TRP C 652 -32.11 1.88 -37.95
N ARG C 653 -31.97 1.36 -36.72
CA ARG C 653 -31.05 1.92 -35.76
C ARG C 653 -29.60 1.72 -36.25
N LEU C 654 -29.25 0.49 -36.70
CA LEU C 654 -27.90 0.21 -37.22
C LEU C 654 -27.61 1.02 -38.51
N ARG C 655 -28.56 1.04 -39.47
CA ARG C 655 -28.45 1.80 -40.71
C ARG C 655 -28.26 3.31 -40.42
N ARG C 656 -29.03 3.88 -39.48
CA ARG C 656 -28.88 5.27 -39.06
C ARG C 656 -27.47 5.53 -38.48
N ARG C 657 -27.03 4.66 -37.58
CA ARG C 657 -25.73 4.75 -36.91
C ARG C 657 -24.56 4.66 -37.89
N LEU C 658 -24.65 3.77 -38.90
CA LEU C 658 -23.65 3.62 -39.96
C LEU C 658 -23.48 4.90 -40.77
N ASN C 659 -24.57 5.58 -41.02
CA ASN C 659 -24.64 6.82 -41.78
C ASN C 659 -24.05 7.98 -40.99
N GLU C 660 -24.41 8.09 -39.69
CA GLU C 660 -23.88 9.13 -38.79
C GLU C 660 -22.38 8.95 -38.54
N GLU C 661 -21.93 7.68 -38.35
CA GLU C 661 -20.51 7.31 -38.22
C GLU C 661 -19.71 7.77 -39.44
N TYR C 662 -20.23 7.57 -40.66
CA TYR C 662 -19.60 8.00 -41.90
C TYR C 662 -19.32 9.51 -41.88
N LEU C 663 -20.33 10.31 -41.49
CA LEU C 663 -20.25 11.76 -41.38
C LEU C 663 -19.31 12.25 -40.29
N ILE C 664 -19.25 11.55 -39.12
CA ILE C 664 -18.35 11.87 -37.99
C ILE C 664 -16.90 11.70 -38.49
N LYS C 665 -16.62 10.63 -39.25
CA LYS C 665 -15.30 10.38 -39.81
C LYS C 665 -14.90 11.47 -40.81
N ARG C 666 -15.82 11.88 -41.70
CA ARG C 666 -15.57 12.94 -42.67
C ARG C 666 -15.27 14.25 -41.97
N LEU C 667 -15.98 14.53 -40.87
CA LEU C 667 -15.75 15.73 -40.08
C LEU C 667 -14.39 15.72 -39.33
N SER C 668 -13.91 14.51 -38.96
CA SER C 668 -12.64 14.26 -38.28
C SER C 668 -11.43 14.53 -39.20
N HIS C 669 -11.63 14.47 -40.52
CA HIS C 669 -10.57 14.72 -41.49
C HIS C 669 -10.16 16.19 -41.58
N GLN C 670 -11.11 17.13 -41.42
CA GLN C 670 -10.80 18.56 -41.49
C GLN C 670 -10.47 19.18 -40.14
N VAL C 671 -9.16 19.51 -39.95
CA VAL C 671 -8.55 20.10 -38.74
C VAL C 671 -9.00 19.42 -37.41
N GLY C 672 -9.27 18.11 -37.53
CA GLY C 672 -9.71 17.11 -36.55
C GLY C 672 -10.06 17.47 -35.12
N GLU C 673 -9.25 18.34 -34.47
CA GLU C 673 -9.38 18.74 -33.07
C GLU C 673 -10.74 19.33 -32.66
N ALA C 674 -11.63 18.40 -32.24
CA ALA C 674 -13.01 18.54 -31.78
C ALA C 674 -13.44 17.18 -31.19
N SER C 675 -14.23 17.20 -30.11
CA SER C 675 -14.71 15.97 -29.48
C SER C 675 -15.84 15.32 -30.30
N ARG C 676 -16.08 14.03 -30.07
CA ARG C 676 -17.12 13.22 -30.72
C ARG C 676 -18.51 13.90 -30.51
N LEU C 677 -18.75 14.45 -29.29
CA LEU C 677 -19.96 15.16 -28.84
C LEU C 677 -20.22 16.39 -29.72
N GLU C 678 -19.14 17.12 -30.04
CA GLU C 678 -19.18 18.34 -30.84
C GLU C 678 -19.36 18.02 -32.31
N LYS C 679 -18.76 16.89 -32.77
CA LYS C 679 -18.85 16.41 -34.14
C LYS C 679 -20.28 15.97 -34.53
N ILE C 680 -20.97 15.13 -33.72
CA ILE C 680 -22.34 14.77 -34.05
C ILE C 680 -23.28 15.92 -33.93
N ALA C 681 -23.11 16.77 -32.87
CA ALA C 681 -23.95 17.95 -32.68
C ALA C 681 -23.93 18.84 -33.92
N ARG C 682 -22.75 18.96 -34.56
CA ARG C 682 -22.59 19.74 -35.79
C ARG C 682 -23.31 19.06 -36.95
N ILE C 683 -23.08 17.76 -37.14
CA ILE C 683 -23.74 16.95 -38.18
C ILE C 683 -25.26 17.03 -38.06
N ARG C 684 -25.79 16.85 -36.85
CA ARG C 684 -27.23 16.91 -36.57
C ARG C 684 -27.82 18.31 -36.74
N SER C 685 -26.97 19.34 -36.64
CA SER C 685 -27.40 20.72 -36.86
C SER C 685 -27.65 20.98 -38.37
N TRP C 686 -27.13 20.10 -39.25
CA TRP C 686 -27.32 20.19 -40.70
C TRP C 686 -28.64 19.60 -41.15
N TYR C 687 -29.25 18.74 -40.32
CA TYR C 687 -30.54 18.11 -40.62
C TYR C 687 -31.61 19.18 -40.67
N PRO C 688 -32.59 19.10 -41.59
CA PRO C 688 -33.71 20.07 -41.55
C PRO C 688 -34.41 20.05 -40.19
N ALA C 689 -34.93 21.21 -39.75
CA ALA C 689 -35.63 21.41 -38.48
C ALA C 689 -36.79 20.44 -38.27
N SER C 690 -37.43 20.00 -39.36
CA SER C 690 -38.55 19.09 -39.30
C SER C 690 -38.15 17.63 -39.05
N VAL C 691 -36.86 17.30 -39.28
CA VAL C 691 -36.33 15.97 -39.05
C VAL C 691 -36.24 15.75 -37.53
N ASP C 692 -36.84 14.65 -37.08
CA ASP C 692 -36.79 14.17 -35.71
C ASP C 692 -35.49 13.38 -35.60
N HIS C 693 -34.55 13.88 -34.79
CA HIS C 693 -33.24 13.27 -34.57
C HIS C 693 -33.36 11.87 -33.92
N GLU C 694 -34.51 11.60 -33.27
CA GLU C 694 -34.82 10.33 -32.63
C GLU C 694 -35.43 9.31 -33.62
N ASP C 695 -35.84 9.75 -34.84
CA ASP C 695 -36.39 8.84 -35.84
C ASP C 695 -35.26 8.32 -36.73
N ASP C 696 -34.80 7.08 -36.46
CA ASP C 696 -33.70 6.41 -37.14
C ASP C 696 -33.89 6.30 -38.64
N ARG C 697 -35.08 5.85 -39.06
CA ARG C 697 -35.41 5.68 -40.46
C ARG C 697 -35.42 7.02 -41.21
N GLN C 698 -35.96 8.09 -40.59
CA GLN C 698 -36.03 9.42 -41.18
C GLN C 698 -34.62 10.01 -41.34
N VAL C 699 -33.78 9.87 -40.30
CA VAL C 699 -32.40 10.34 -40.26
C VAL C 699 -31.56 9.64 -41.34
N ALA C 700 -31.64 8.29 -41.42
CA ALA C 700 -30.92 7.48 -42.41
C ALA C 700 -31.35 7.87 -43.83
N THR C 701 -32.68 7.97 -44.09
CA THR C 701 -33.26 8.35 -45.39
C THR C 701 -32.77 9.74 -45.83
N TRP C 702 -32.81 10.73 -44.92
CA TRP C 702 -32.38 12.06 -45.27
C TRP C 702 -30.88 12.09 -45.65
N ILE C 703 -30.03 11.46 -44.84
CA ILE C 703 -28.57 11.38 -45.09
C ILE C 703 -28.31 10.75 -46.46
N GLU C 704 -28.95 9.60 -46.76
CA GLU C 704 -28.77 8.88 -48.03
C GLU C 704 -29.21 9.65 -49.26
N GLU C 705 -30.27 10.49 -49.11
CA GLU C 705 -30.77 11.35 -50.17
C GLU C 705 -29.85 12.56 -50.37
N ASN C 706 -28.99 12.88 -49.39
CA ASN C 706 -28.17 14.08 -49.36
C ASN C 706 -26.67 13.89 -49.24
N TYR C 707 -26.16 12.68 -49.49
CA TYR C 707 -24.70 12.39 -49.37
C TYR C 707 -23.81 13.42 -50.14
N LYS C 708 -24.18 13.73 -51.40
CA LYS C 708 -23.42 14.63 -52.27
C LYS C 708 -23.58 16.09 -51.84
N THR C 709 -24.78 16.46 -51.32
CA THR C 709 -25.08 17.78 -50.77
C THR C 709 -24.24 17.97 -49.49
N LEU C 710 -24.16 16.94 -48.64
CA LEU C 710 -23.36 16.94 -47.40
C LEU C 710 -21.86 17.00 -47.75
N ASP C 711 -21.43 16.30 -48.81
CA ASP C 711 -20.07 16.33 -49.34
C ASP C 711 -19.69 17.75 -49.75
N ASP C 712 -20.63 18.49 -50.41
CA ASP C 712 -20.47 19.90 -50.82
C ASP C 712 -20.21 20.77 -49.60
N LYS C 713 -20.96 20.55 -48.51
CA LYS C 713 -20.84 21.26 -47.24
C LYS C 713 -19.47 20.99 -46.60
N LEU C 714 -19.07 19.71 -46.48
CA LEU C 714 -17.78 19.25 -45.96
C LEU C 714 -16.61 19.89 -46.76
N LYS C 715 -16.65 19.78 -48.11
CA LYS C 715 -15.63 20.36 -48.99
C LYS C 715 -15.49 21.88 -48.89
N GLY C 716 -16.60 22.57 -48.63
CA GLY C 716 -16.66 24.02 -48.49
C GLY C 716 -16.06 24.50 -47.19
N LEU C 717 -16.21 23.68 -46.13
CA LEU C 717 -15.70 23.93 -44.78
C LEU C 717 -14.17 23.74 -44.78
N LYS C 718 -13.69 22.66 -45.44
CA LYS C 718 -12.28 22.28 -45.61
C LYS C 718 -11.46 23.41 -46.28
N LEU C 719 -12.12 24.24 -47.11
CA LEU C 719 -11.48 25.37 -47.78
C LEU C 719 -11.57 26.64 -46.90
N GLU C 720 -10.85 26.58 -45.76
CA GLU C 720 -10.74 27.65 -44.76
C GLU C 720 -9.43 27.52 -43.99
C4 B37 D . 36.64 19.60 42.27
C6 B37 D . 36.70 21.75 43.07
C10 B37 D . 36.73 17.84 40.09
C20 B37 D . 36.80 16.93 38.91
C21 B37 D . 37.96 15.96 39.00
C24 B37 D . 39.29 16.65 39.24
C28 B37 D . 38.05 15.16 37.71
C1 B37 D . 36.86 22.28 41.80
C2 B37 D . 36.92 21.42 40.74
C3 B37 D . 36.81 20.06 40.97
N5 B37 D . 36.60 20.44 43.31
C9 B37 D . 36.86 19.20 39.90
C11 B37 D . 36.54 17.37 41.38
C12 B37 D . 36.49 18.23 42.45
C16 B37 D . 36.58 22.70 44.24
C25 B37 D . 40.49 15.72 39.09
N26 B37 D . 40.36 14.79 37.99
C27 B37 D . 39.11 14.10 37.86
C38 B37 D . 41.21 14.75 36.89
C39 B37 D . 42.35 15.68 36.89
C40 B37 D . 43.60 15.31 37.37
C41 B37 D . 44.63 16.24 37.29
N42 B37 D . 44.46 17.45 36.76
C43 B37 D . 43.24 17.78 36.31
C44 B37 D . 42.16 16.93 36.33
C46 B37 D . 43.80 14.06 37.93
C47 B37 D . 45.05 13.70 38.40
C48 B37 D . 46.08 14.60 38.32
C49 B37 D . 45.86 15.85 37.78
C54 B37 D . 43.10 19.10 35.78
C55 B37 D . 41.99 19.43 35.02
C56 B37 D . 41.82 20.71 34.54
C57 B37 D . 42.77 21.68 34.80
C58 B37 D . 43.88 21.36 35.55
C59 B37 D . 44.04 20.07 36.04
O65 B37 D . 41.08 14.04 35.90
C4 B37 E . 10.28 -29.72 -24.25
C6 B37 E . 9.60 -30.75 -22.32
C10 B37 E . 12.34 -28.85 -25.93
C20 B37 E . 13.46 -28.40 -26.80
C21 B37 E . 13.42 -29.04 -28.16
C24 B37 E . 13.60 -30.55 -28.04
C28 B37 E . 14.56 -28.46 -28.98
C1 B37 E . 10.90 -30.97 -21.90
C2 B37 E . 11.93 -30.55 -22.73
C3 B37 E . 11.61 -29.92 -23.91
N5 B37 E . 9.28 -30.15 -23.47
C9 B37 E . 12.62 -29.49 -24.73
C11 B37 E . 11.02 -28.65 -26.29
C12 B37 E . 10.02 -29.08 -25.46
C16 B37 E . 8.48 -31.18 -21.43
C25 B37 E . 13.78 -31.23 -29.38
N26 B37 E . 14.76 -30.56 -30.19
C27 B37 E . 14.64 -29.12 -30.34
C38 B37 E . 15.97 -31.14 -30.54
C39 B37 E . 16.24 -32.51 -30.12
C40 B37 E . 15.96 -33.61 -30.92
C41 B37 E . 16.32 -34.88 -30.47
N42 B37 E . 16.93 -35.06 -29.28
C43 B37 E . 17.19 -33.98 -28.52
C44 B37 E . 16.89 -32.69 -28.91
C46 B37 E . 15.34 -33.46 -32.15
C47 B37 E . 15.07 -34.57 -32.94
C48 B37 E . 15.42 -35.82 -32.50
C49 B37 E . 16.03 -35.96 -31.27
C54 B37 E . 17.85 -34.22 -27.26
C55 B37 E . 18.57 -33.22 -26.65
C56 B37 E . 19.21 -33.45 -25.45
C57 B37 E . 19.12 -34.69 -24.85
C58 B37 E . 18.41 -35.70 -25.46
C59 B37 E . 17.77 -35.47 -26.66
O65 B37 E . 16.85 -30.57 -31.16
C4 B37 F . -22.58 -19.45 -10.75
C6 B37 F . -22.33 -21.71 -11.19
C10 B37 F . -24.28 -17.24 -10.50
C20 B37 F . -25.22 -16.09 -10.39
C21 B37 F . -25.24 -15.48 -9.03
C24 B37 F . -25.75 -16.47 -8.00
C28 B37 F . -26.14 -14.24 -9.05
C1 B37 F . -23.68 -21.89 -11.36
C2 B37 F . -24.49 -20.79 -11.23
C3 B37 F . -23.95 -19.56 -10.92
N5 B37 F . -21.76 -20.52 -10.89
C9 B37 F . -24.79 -18.48 -10.79
C11 B37 F . -22.91 -17.10 -10.32
C12 B37 F . -22.08 -18.20 -10.45
C16 B37 F . -21.43 -22.89 -11.34
C25 B37 F . -25.87 -15.84 -6.63
N26 B37 F . -26.62 -14.60 -6.68
C27 B37 F . -26.18 -13.62 -7.66
C38 B37 F . -27.89 -14.47 -6.15
C39 B37 F . -28.44 -15.60 -5.35
C40 B37 F . -28.24 -15.71 -3.98
C41 B37 F . -28.81 -16.77 -3.32
N42 B37 F . -29.54 -17.72 -3.94
C43 B37 F . -29.71 -17.59 -5.26
C44 B37 F . -29.19 -16.54 -6.00
C46 B37 F . -27.48 -14.77 -3.30
C47 B37 F . -27.30 -14.89 -1.94
C48 B37 F . -27.85 -15.95 -1.26
C49 B37 F . -28.59 -16.88 -1.96
C54 B37 F . -30.47 -18.62 -5.90
C55 B37 F . -31.15 -18.36 -7.08
C56 B37 F . -31.87 -19.36 -7.71
C57 B37 F . -31.91 -20.63 -7.17
C58 B37 F . -31.22 -20.90 -6.01
C59 B37 F . -30.50 -19.90 -5.38
O65 B37 F . -28.62 -13.49 -6.31
#